data_9IFL
#
_entry.id   9IFL
#
_cell.length_a   101.999
_cell.length_b   63.827
_cell.length_c   170.255
_cell.angle_alpha   90.000
_cell.angle_beta   97.785
_cell.angle_gamma   90.000
#
_symmetry.space_group_name_H-M   'P 1 21 1'
#
loop_
_entity.id
_entity.type
_entity.pdbx_description
1 polymer 'Trypanothione reductase'
2 non-polymer 'FLAVIN-ADENINE DINUCLEOTIDE'
3 non-polymer IMIDAZOLE
4 non-polymer DI(HYDROXYETHYL)ETHER
5 non-polymer 3-[(2-methyl-1H-imidazol-1-yl)methyl]benzonitrile
6 non-polymer 'BROMIDE ION'
7 non-polymer 'SODIUM ION'
8 water water
#
_entity_poly.entity_id   1
_entity_poly.type   'polypeptide(L)'
_entity_poly.pdbx_seq_one_letter_code
;GSHMSKAFDLVVIGAGSGGLEAGWNAATLYGKRVAVVDVQTSHGPPFYAALGGTCVNVGCVPKKLMVTGAQYMDHLRESA
GFGWEFDGSSVKANWKKLIAAKNEAVLDINKSYEGMFNDTEGLDFFLGWGSLESKNVVVVRETADPKSAVKERLQADHIL
LATGSWPQMPAIPGIEHCISSNEAFYLPEPPRRVLTVGGGFISVEFAGIFNAYKPPGGKVTLCYRNNLILRGFDETIREE
VTKQLTANGIEIMTNENPAKVSLNTDGSKHVTFESGKTLDVDVVMMAIGRIPRTNDLQLGNVGVKLTPKGGVQVDEFSRT
NVPNIYAIGDITDRLMLTPVAINEGAALVDTVFGNKPRKTDHTRVASAVFSIPPIGTCGLIEEVAAKEFEKVAVYMSSFT
PLMHNISGSKYKKFVAKIVTNHSDGTVLGVHLLGDGAPEIIQAVGVCLRLNAKISDFYNTIGVHPTSAEELCSMRTPSYY
YVKGEKMEKLPDSNL
;
_entity_poly.pdbx_strand_id   A,B,C,D
#
loop_
_chem_comp.id
_chem_comp.type
_chem_comp.name
_chem_comp.formula
BR non-polymer 'BROMIDE ION' 'Br -1'
FAD non-polymer 'FLAVIN-ADENINE DINUCLEOTIDE' 'C27 H33 N9 O15 P2'
IMD non-polymer IMIDAZOLE 'C3 H5 N2 1'
NA non-polymer 'SODIUM ION' 'Na 1'
PEG non-polymer DI(HYDROXYETHYL)ETHER 'C4 H10 O3'
RXS non-polymer 3-[(2-methyl-1H-imidazol-1-yl)methyl]benzonitrile 'C12 H11 N3'
#
# COMPACT_ATOMS: atom_id res chain seq x y z
N HIS A 3 -5.28 46.96 -7.94
N HIS A 3 -5.91 47.15 -7.02
CA HIS A 3 -5.70 46.23 -6.75
CA HIS A 3 -4.97 46.06 -6.77
C HIS A 3 -4.82 46.35 -5.50
C HIS A 3 -4.43 46.17 -5.35
N MET A 4 -5.47 46.73 -4.40
N MET A 4 -5.28 46.62 -4.42
CA MET A 4 -4.90 46.73 -3.05
CA MET A 4 -4.93 46.75 -3.02
C MET A 4 -5.50 45.60 -2.24
C MET A 4 -5.52 45.61 -2.22
N SER A 5 -4.75 45.13 -1.25
CA SER A 5 -5.26 44.13 -0.32
C SER A 5 -6.34 44.76 0.57
N LYS A 6 -7.17 43.90 1.15
CA LYS A 6 -8.26 44.30 2.02
C LYS A 6 -7.94 43.83 3.44
N ALA A 7 -8.38 44.61 4.44
CA ALA A 7 -8.08 44.31 5.83
C ALA A 7 -9.34 44.00 6.61
N PHE A 8 -9.24 43.05 7.54
CA PHE A 8 -10.38 42.58 8.33
C PHE A 8 -9.95 42.34 9.77
N ASP A 9 -10.95 42.37 10.67
CA ASP A 9 -10.73 41.87 12.03
C ASP A 9 -10.52 40.36 12.05
N LEU A 10 -11.30 39.65 11.25
CA LEU A 10 -11.31 38.20 11.25
C LEU A 10 -11.41 37.72 9.81
N VAL A 11 -10.55 36.78 9.45
CA VAL A 11 -10.65 36.09 8.17
C VAL A 11 -10.93 34.63 8.47
N VAL A 12 -11.98 34.08 7.86
CA VAL A 12 -12.39 32.69 8.07
C VAL A 12 -12.08 31.92 6.79
N ILE A 13 -11.31 30.83 6.89
CA ILE A 13 -11.04 29.99 5.74
C ILE A 13 -11.97 28.79 5.79
N GLY A 14 -12.95 28.76 4.89
CA GLY A 14 -13.98 27.74 4.85
C GLY A 14 -15.35 28.27 5.24
N ALA A 15 -16.28 28.31 4.29
CA ALA A 15 -17.59 28.91 4.53
C ALA A 15 -18.62 27.82 4.82
N GLY A 16 -18.31 27.02 5.83
CA GLY A 16 -19.09 25.87 6.19
C GLY A 16 -19.79 26.04 7.52
N SER A 17 -20.13 24.90 8.14
CA SER A 17 -20.99 24.92 9.32
C SER A 17 -20.41 25.82 10.42
N GLY A 18 -19.17 25.57 10.83
CA GLY A 18 -18.54 26.36 11.85
C GLY A 18 -18.11 27.75 11.39
N GLY A 19 -17.53 27.83 10.20
CA GLY A 19 -17.02 29.10 9.72
C GLY A 19 -18.09 30.15 9.51
N LEU A 20 -19.24 29.74 8.97
CA LEU A 20 -20.32 30.69 8.74
C LEU A 20 -20.95 31.16 10.04
N GLU A 21 -21.07 30.27 11.03
CA GLU A 21 -21.56 30.69 12.34
C GLU A 21 -20.64 31.74 12.95
N ALA A 22 -19.33 31.45 12.98
CA ALA A 22 -18.39 32.41 13.54
C ALA A 22 -18.43 33.73 12.81
N GLY A 23 -18.48 33.70 11.47
CA GLY A 23 -18.45 34.93 10.70
C GLY A 23 -19.70 35.79 10.88
N TRP A 24 -20.87 35.17 10.75
CA TRP A 24 -22.12 35.88 10.98
C TRP A 24 -22.17 36.50 12.38
N ASN A 25 -21.76 35.74 13.40
CA ASN A 25 -21.85 36.25 14.76
C ASN A 25 -20.88 37.40 14.99
N ALA A 26 -19.66 37.29 14.46
CA ALA A 26 -18.68 38.36 14.65
C ALA A 26 -19.14 39.66 14.00
N ALA A 27 -19.75 39.57 12.81
CA ALA A 27 -20.19 40.77 12.11
C ALA A 27 -21.48 41.35 12.71
N THR A 28 -22.52 40.51 12.90
CA THR A 28 -23.82 41.03 13.30
C THR A 28 -23.95 41.24 14.81
N LEU A 29 -23.26 40.46 15.62
CA LEU A 29 -23.38 40.66 17.07
C LEU A 29 -22.35 41.65 17.60
N TYR A 30 -21.13 41.65 17.08
CA TYR A 30 -20.07 42.46 17.66
C TYR A 30 -19.52 43.52 16.72
N GLY A 31 -20.09 43.69 15.53
CA GLY A 31 -19.66 44.75 14.63
C GLY A 31 -18.25 44.61 14.09
N LYS A 32 -17.71 43.39 13.99
CA LYS A 32 -16.37 43.26 13.44
C LYS A 32 -16.43 43.12 11.92
N ARG A 33 -15.31 43.41 11.28
CA ARG A 33 -15.18 43.29 9.84
C ARG A 33 -14.66 41.90 9.52
N VAL A 34 -15.42 41.15 8.72
CA VAL A 34 -15.18 39.72 8.53
C VAL A 34 -15.06 39.41 7.05
N ALA A 35 -14.09 38.54 6.72
CA ALA A 35 -13.99 37.95 5.38
C ALA A 35 -14.10 36.42 5.51
N VAL A 36 -14.80 35.79 4.57
CA VAL A 36 -14.92 34.33 4.52
C VAL A 36 -14.58 33.86 3.12
N VAL A 37 -13.79 32.78 3.04
CA VAL A 37 -13.25 32.24 1.80
C VAL A 37 -13.85 30.85 1.57
N ASP A 38 -14.31 30.59 0.35
CA ASP A 38 -14.62 29.20 -0.02
C ASP A 38 -14.31 29.00 -1.50
N VAL A 39 -14.21 27.74 -1.90
CA VAL A 39 -13.69 27.39 -3.22
C VAL A 39 -14.77 27.38 -4.29
N GLN A 40 -16.04 27.44 -3.92
CA GLN A 40 -17.12 27.23 -4.88
C GLN A 40 -18.37 27.88 -4.30
N THR A 41 -19.20 28.47 -5.16
CA THR A 41 -20.38 29.18 -4.68
C THR A 41 -21.65 28.31 -4.64
N SER A 42 -21.66 27.14 -5.27
CA SER A 42 -22.80 26.24 -5.19
C SER A 42 -22.32 24.79 -5.28
N HIS A 43 -23.22 23.86 -4.98
CA HIS A 43 -22.87 22.47 -4.75
C HIS A 43 -22.37 21.78 -6.01
N GLY A 44 -21.60 20.70 -5.80
CA GLY A 44 -21.37 19.72 -6.83
C GLY A 44 -19.97 19.73 -7.42
N PRO A 45 -19.73 18.90 -8.43
CA PRO A 45 -18.41 18.86 -9.04
C PRO A 45 -18.03 20.22 -9.56
N PRO A 46 -16.73 20.55 -9.56
CA PRO A 46 -15.59 19.67 -9.25
C PRO A 46 -15.26 19.53 -7.75
N PHE A 47 -15.63 20.46 -6.89
CA PHE A 47 -15.07 20.47 -5.53
C PHE A 47 -16.07 20.00 -4.46
N TYR A 48 -17.31 19.72 -4.86
CA TYR A 48 -18.41 19.11 -4.09
C TYR A 48 -18.89 19.98 -2.95
N ALA A 49 -18.06 20.18 -1.92
CA ALA A 49 -18.39 21.19 -0.91
C ALA A 49 -18.23 22.59 -1.51
N ALA A 50 -18.87 23.55 -0.88
CA ALA A 50 -19.06 24.89 -1.43
C ALA A 50 -19.57 25.77 -0.30
N LEU A 51 -19.86 27.02 -0.64
CA LEU A 51 -20.58 27.92 0.25
C LEU A 51 -21.72 27.21 0.97
N GLY A 52 -21.69 27.22 2.32
CA GLY A 52 -22.61 26.45 3.14
C GLY A 52 -21.95 25.28 3.85
N GLY A 53 -20.94 24.68 3.23
CA GLY A 53 -20.16 23.65 3.88
C GLY A 53 -20.54 22.25 3.42
N THR A 54 -19.93 21.28 4.09
CA THR A 54 -20.13 19.88 3.70
C THR A 54 -21.55 19.43 4.01
N CYS A 55 -22.08 19.86 5.14
CA CYS A 55 -23.42 19.43 5.54
C CYS A 55 -24.47 19.88 4.55
N VAL A 56 -24.44 21.16 4.18
CA VAL A 56 -25.39 21.73 3.22
C VAL A 56 -25.25 21.07 1.85
N ASN A 57 -24.01 20.89 1.39
CA ASN A 57 -23.83 20.55 -0.01
C ASN A 57 -23.75 19.06 -0.29
N VAL A 58 -22.99 18.30 0.50
CA VAL A 58 -22.80 16.88 0.22
C VAL A 58 -22.75 16.12 1.54
N GLY A 59 -23.74 16.40 2.41
CA GLY A 59 -23.72 15.98 3.81
C GLY A 59 -25.12 15.83 4.40
N CYS A 60 -25.31 16.34 5.64
CA CYS A 60 -26.54 16.07 6.38
C CYS A 60 -27.79 16.42 5.58
N VAL A 61 -27.79 17.58 4.92
CA VAL A 61 -29.02 18.10 4.34
C VAL A 61 -29.45 17.24 3.15
N PRO A 62 -28.61 17.03 2.12
CA PRO A 62 -29.06 16.15 1.04
C PRO A 62 -29.21 14.70 1.45
N LYS A 63 -28.38 14.18 2.37
CA LYS A 63 -28.54 12.77 2.70
C LYS A 63 -29.85 12.53 3.45
N LYS A 64 -30.29 13.49 4.25
CA LYS A 64 -31.53 13.30 4.98
C LYS A 64 -32.72 13.31 4.02
N LEU A 65 -32.67 14.17 2.99
CA LEU A 65 -33.70 14.14 1.95
C LEU A 65 -33.72 12.80 1.23
N MET A 66 -32.55 12.22 1.02
CA MET A 66 -32.49 10.97 0.27
C MET A 66 -32.89 9.77 1.16
N VAL A 67 -32.56 9.80 2.45
CA VAL A 67 -33.09 8.78 3.36
C VAL A 67 -34.61 8.87 3.46
N THR A 68 -35.14 10.10 3.47
CA THR A 68 -36.58 10.28 3.52
C THR A 68 -37.25 9.65 2.30
N GLY A 69 -36.66 9.88 1.12
CA GLY A 69 -37.15 9.21 -0.08
C GLY A 69 -37.06 7.70 0.04
N ALA A 70 -35.96 7.19 0.57
CA ALA A 70 -35.81 5.74 0.70
C ALA A 70 -36.82 5.16 1.66
N GLN A 71 -37.29 5.92 2.66
CA GLN A 71 -38.25 5.41 3.63
C GLN A 71 -39.59 5.08 3.00
N TYR A 72 -39.90 5.65 1.82
CA TYR A 72 -41.17 5.34 1.17
C TYR A 72 -41.24 3.92 0.64
N MET A 73 -40.10 3.27 0.40
CA MET A 73 -40.17 1.85 0.08
C MET A 73 -40.87 1.07 1.21
N ASP A 74 -40.48 1.37 2.45
CA ASP A 74 -41.12 0.73 3.60
C ASP A 74 -42.56 1.19 3.75
N HIS A 75 -42.82 2.50 3.59
CA HIS A 75 -44.18 3.01 3.76
C HIS A 75 -45.16 2.35 2.80
N LEU A 76 -44.81 2.28 1.51
CA LEU A 76 -45.71 1.67 0.53
C LEU A 76 -46.05 0.24 0.89
N ARG A 77 -45.05 -0.54 1.31
CA ARG A 77 -45.32 -1.94 1.65
C ARG A 77 -46.11 -2.04 2.96
N GLU A 78 -45.72 -1.28 3.98
CA GLU A 78 -46.36 -1.36 5.30
C GLU A 78 -47.80 -0.86 5.27
N SER A 79 -48.15 -0.03 4.29
CA SER A 79 -49.51 0.51 4.19
C SER A 79 -50.56 -0.57 3.97
N ALA A 80 -50.19 -1.74 3.44
CA ALA A 80 -51.19 -2.76 3.14
C ALA A 80 -51.81 -3.33 4.40
N GLY A 81 -51.00 -3.52 5.45
CA GLY A 81 -51.52 -4.01 6.71
C GLY A 81 -52.61 -3.13 7.28
N PHE A 82 -52.67 -1.87 6.89
CA PHE A 82 -53.69 -0.95 7.35
C PHE A 82 -54.81 -0.76 6.34
N GLY A 83 -54.86 -1.60 5.31
CA GLY A 83 -55.96 -1.61 4.38
C GLY A 83 -55.70 -0.94 3.05
N TRP A 84 -54.51 -0.38 2.84
CA TRP A 84 -54.24 0.32 1.60
C TRP A 84 -53.98 -0.69 0.48
N GLU A 85 -54.66 -0.51 -0.64
CA GLU A 85 -54.55 -1.40 -1.79
C GLU A 85 -54.18 -0.55 -2.99
N PHE A 86 -53.22 -1.03 -3.79
CA PHE A 86 -52.87 -0.41 -5.06
C PHE A 86 -52.05 -1.42 -5.86
N ASP A 87 -51.77 -1.07 -7.11
CA ASP A 87 -51.11 -1.96 -8.06
C ASP A 87 -49.63 -2.04 -7.74
N GLY A 88 -49.24 -3.09 -6.99
CA GLY A 88 -47.84 -3.23 -6.60
C GLY A 88 -46.90 -3.34 -7.77
N SER A 89 -47.36 -3.96 -8.86
CA SER A 89 -46.52 -4.14 -10.04
C SER A 89 -46.14 -2.82 -10.69
N SER A 90 -46.92 -1.75 -10.48
CA SER A 90 -46.67 -0.46 -11.09
C SER A 90 -45.63 0.39 -10.38
N VAL A 91 -45.13 -0.04 -9.21
CA VAL A 91 -44.30 0.82 -8.37
C VAL A 91 -42.90 0.94 -8.97
N LYS A 92 -42.44 2.19 -9.14
CA LYS A 92 -41.09 2.47 -9.58
C LYS A 92 -40.47 3.56 -8.72
N ALA A 93 -39.18 3.43 -8.45
CA ALA A 93 -38.41 4.42 -7.70
C ALA A 93 -37.54 5.20 -8.68
N ASN A 94 -37.90 6.46 -8.92
CA ASN A 94 -37.21 7.26 -9.93
C ASN A 94 -36.11 8.08 -9.26
N TRP A 95 -34.88 7.56 -9.35
CA TRP A 95 -33.70 8.19 -8.76
C TRP A 95 -33.37 9.54 -9.39
N LYS A 96 -33.59 9.68 -10.70
CA LYS A 96 -33.31 10.98 -11.34
C LYS A 96 -34.17 12.08 -10.77
N LYS A 97 -35.44 11.77 -10.48
CA LYS A 97 -36.30 12.79 -9.87
C LYS A 97 -35.83 13.14 -8.46
N LEU A 98 -35.41 12.14 -7.69
CA LEU A 98 -34.92 12.39 -6.33
C LEU A 98 -33.69 13.29 -6.35
N ILE A 99 -32.72 12.97 -7.20
CA ILE A 99 -31.50 13.77 -7.28
C ILE A 99 -31.80 15.18 -7.78
N ALA A 100 -32.72 15.34 -8.73
CA ALA A 100 -33.06 16.67 -9.21
C ALA A 100 -33.75 17.51 -8.13
N ALA A 101 -34.66 16.89 -7.37
CA ALA A 101 -35.31 17.61 -6.28
C ALA A 101 -34.29 18.02 -5.23
N LYS A 102 -33.39 17.10 -4.86
CA LYS A 102 -32.32 17.39 -3.92
C LYS A 102 -31.43 18.52 -4.41
N ASN A 103 -31.03 18.48 -5.68
CA ASN A 103 -30.15 19.53 -6.22
C ASN A 103 -30.79 20.90 -6.10
N GLU A 104 -32.10 20.98 -6.39
CA GLU A 104 -32.80 22.26 -6.30
C GLU A 104 -32.86 22.78 -4.88
N ALA A 105 -33.10 21.89 -3.90
CA ALA A 105 -33.14 22.30 -2.50
C ALA A 105 -31.79 22.84 -2.06
N VAL A 106 -30.71 22.14 -2.39
CA VAL A 106 -29.37 22.55 -1.99
C VAL A 106 -29.02 23.88 -2.63
N LEU A 107 -29.28 24.00 -3.93
CA LEU A 107 -28.98 25.25 -4.63
C LEU A 107 -29.74 26.43 -4.03
N ASP A 108 -30.98 26.21 -3.57
CA ASP A 108 -31.71 27.29 -2.89
C ASP A 108 -30.98 27.78 -1.65
N ILE A 109 -30.37 26.86 -0.89
CA ILE A 109 -29.59 27.28 0.28
C ILE A 109 -28.34 28.03 -0.15
N ASN A 110 -27.62 27.49 -1.15
CA ASN A 110 -26.46 28.20 -1.72
C ASN A 110 -26.81 29.66 -2.01
N LYS A 111 -27.91 29.87 -2.74
CA LYS A 111 -28.30 31.21 -3.15
C LYS A 111 -28.66 32.09 -1.97
N SER A 112 -29.27 31.52 -0.93
CA SER A 112 -29.62 32.35 0.22
C SER A 112 -28.37 32.78 0.99
N TYR A 113 -27.37 31.90 1.13
CA TYR A 113 -26.11 32.30 1.75
C TYR A 113 -25.41 33.37 0.92
N GLU A 114 -25.42 33.18 -0.40
CA GLU A 114 -24.88 34.17 -1.31
C GLU A 114 -25.57 35.52 -1.12
N GLY A 115 -26.89 35.50 -0.98
CA GLY A 115 -27.63 36.75 -0.84
C GLY A 115 -27.29 37.49 0.43
N MET A 116 -27.06 36.77 1.53
CA MET A 116 -26.78 37.40 2.82
CA MET A 116 -26.82 37.54 2.73
C MET A 116 -25.38 38.02 2.84
N PHE A 117 -24.41 37.39 2.15
CA PHE A 117 -23.10 38.03 2.02
C PHE A 117 -23.22 39.33 1.23
N ASN A 118 -23.97 39.31 0.14
CA ASN A 118 -24.22 40.53 -0.63
C ASN A 118 -24.84 41.61 0.25
N ASP A 119 -25.64 41.22 1.24
CA ASP A 119 -26.48 42.15 1.98
C ASP A 119 -25.87 42.69 3.28
N THR A 120 -24.96 41.96 3.91
CA THR A 120 -24.65 42.17 5.32
C THR A 120 -23.39 43.01 5.48
N GLU A 121 -23.50 44.06 6.29
CA GLU A 121 -22.40 45.00 6.47
C GLU A 121 -21.23 44.34 7.19
N GLY A 122 -20.03 44.49 6.63
CA GLY A 122 -18.85 43.95 7.30
C GLY A 122 -18.73 42.45 7.26
N LEU A 123 -19.43 41.79 6.33
CA LEU A 123 -19.37 40.34 6.18
C LEU A 123 -19.23 40.07 4.67
N ASP A 124 -18.01 39.76 4.23
CA ASP A 124 -17.66 39.66 2.81
C ASP A 124 -17.24 38.23 2.47
N PHE A 125 -17.62 37.78 1.28
CA PHE A 125 -17.23 36.48 0.76
C PHE A 125 -16.19 36.62 -0.35
N PHE A 126 -15.15 35.78 -0.32
CA PHE A 126 -14.14 35.70 -1.36
C PHE A 126 -14.07 34.29 -1.91
N LEU A 127 -14.04 34.19 -3.23
CA LEU A 127 -14.02 32.91 -3.92
C LEU A 127 -12.58 32.51 -4.25
N GLY A 128 -12.16 31.36 -3.73
CA GLY A 128 -10.87 30.82 -4.09
C GLY A 128 -10.35 29.93 -2.99
N TRP A 129 -9.06 29.62 -3.08
CA TRP A 129 -8.40 28.71 -2.15
C TRP A 129 -7.61 29.54 -1.14
N GLY A 130 -7.94 29.40 0.14
CA GLY A 130 -7.28 30.18 1.18
C GLY A 130 -6.10 29.42 1.74
N SER A 131 -5.02 30.15 2.00
CA SER A 131 -3.86 29.57 2.68
C SER A 131 -3.19 30.67 3.51
N LEU A 132 -2.30 30.24 4.41
CA LEU A 132 -1.62 31.14 5.34
C LEU A 132 -0.27 31.57 4.77
N GLU A 133 -0.09 32.87 4.59
CA GLU A 133 1.21 33.37 4.16
C GLU A 133 2.05 33.77 5.36
N SER A 134 1.45 34.55 6.26
CA SER A 134 2.07 34.94 7.50
C SER A 134 0.98 35.02 8.57
N LYS A 135 1.41 35.35 9.79
CA LYS A 135 0.54 35.36 10.95
C LYS A 135 -0.70 36.23 10.75
N ASN A 136 -0.60 37.25 9.87
CA ASN A 136 -1.71 38.17 9.67
C ASN A 136 -2.08 38.36 8.21
N VAL A 137 -1.74 37.44 7.32
CA VAL A 137 -2.13 37.56 5.91
C VAL A 137 -2.63 36.21 5.41
N VAL A 138 -3.87 36.18 4.92
CA VAL A 138 -4.41 35.04 4.21
C VAL A 138 -4.35 35.34 2.71
N VAL A 139 -3.78 34.43 1.94
CA VAL A 139 -3.71 34.57 0.49
C VAL A 139 -4.84 33.74 -0.12
N VAL A 140 -5.50 34.28 -1.14
CA VAL A 140 -6.54 33.55 -1.85
C VAL A 140 -6.05 33.32 -3.28
N ARG A 141 -5.91 32.04 -3.66
CA ARG A 141 -5.38 31.65 -4.96
C ARG A 141 -6.46 31.00 -5.81
N GLU A 142 -6.14 30.85 -7.11
CA GLU A 142 -7.10 30.27 -8.05
C GLU A 142 -7.26 28.75 -7.87
N THR A 143 -6.25 28.04 -7.38
CA THR A 143 -6.40 26.60 -7.13
C THR A 143 -5.69 26.22 -5.84
N ALA A 144 -5.83 24.93 -5.48
CA ALA A 144 -5.13 24.40 -4.30
C ALA A 144 -3.62 24.42 -4.44
N ASP A 145 -3.11 24.54 -5.66
CA ASP A 145 -1.67 24.56 -5.91
C ASP A 145 -1.12 25.88 -5.40
N PRO A 146 -0.14 25.89 -4.50
CA PRO A 146 0.37 27.18 -4.00
C PRO A 146 1.13 27.97 -5.05
N LYS A 147 1.37 27.41 -6.24
CA LYS A 147 1.94 28.18 -7.33
C LYS A 147 0.89 28.84 -8.21
N SER A 148 -0.40 28.62 -7.95
CA SER A 148 -1.40 29.21 -8.82
C SER A 148 -1.54 30.70 -8.52
N ALA A 149 -2.29 31.40 -9.38
CA ALA A 149 -2.32 32.86 -9.35
C ALA A 149 -3.05 33.37 -8.11
N VAL A 150 -2.58 34.53 -7.61
CA VAL A 150 -3.16 35.17 -6.42
C VAL A 150 -4.32 36.05 -6.83
N LYS A 151 -5.50 35.80 -6.27
CA LYS A 151 -6.68 36.63 -6.48
C LYS A 151 -6.79 37.77 -5.46
N GLU A 152 -6.47 37.48 -4.19
CA GLU A 152 -6.56 38.47 -3.12
C GLU A 152 -5.52 38.19 -2.05
N ARG A 153 -5.16 39.23 -1.32
CA ARG A 153 -4.50 39.10 -0.03
C ARG A 153 -5.40 39.74 1.00
N LEU A 154 -5.70 38.99 2.06
CA LEU A 154 -6.61 39.43 3.12
C LEU A 154 -5.80 39.61 4.40
N GLN A 155 -5.67 40.87 4.86
CA GLN A 155 -5.03 41.13 6.15
C GLN A 155 -6.00 40.81 7.27
N ALA A 156 -5.49 40.22 8.36
CA ALA A 156 -6.37 39.71 9.41
C ALA A 156 -5.71 39.83 10.78
N ASP A 157 -6.40 40.48 11.74
CA ASP A 157 -5.96 40.40 13.14
C ASP A 157 -6.14 39.00 13.71
N HIS A 158 -7.20 38.31 13.29
CA HIS A 158 -7.53 36.98 13.81
C HIS A 158 -7.85 36.10 12.61
N ILE A 159 -7.40 34.84 12.63
CA ILE A 159 -7.63 33.91 11.53
C ILE A 159 -8.27 32.63 12.08
N LEU A 160 -9.36 32.20 11.44
CA LEU A 160 -10.08 30.99 11.82
C LEU A 160 -9.92 29.95 10.71
N LEU A 161 -9.34 28.80 11.06
CA LEU A 161 -9.22 27.66 10.14
C LEU A 161 -10.46 26.79 10.32
N ALA A 162 -11.26 26.65 9.26
CA ALA A 162 -12.51 25.89 9.33
C ALA A 162 -12.79 25.20 7.98
N THR A 163 -11.81 24.46 7.47
CA THR A 163 -11.86 23.86 6.14
C THR A 163 -12.47 22.45 6.13
N GLY A 164 -12.84 21.90 7.28
CA GLY A 164 -13.56 20.63 7.35
C GLY A 164 -12.68 19.42 7.08
N SER A 165 -13.31 18.39 6.47
CA SER A 165 -12.65 17.12 6.21
C SER A 165 -12.96 16.63 4.79
N TRP A 166 -12.44 15.45 4.45
CA TRP A 166 -12.47 14.92 3.10
C TRP A 166 -12.45 13.40 3.18
N PRO A 167 -13.10 12.68 2.25
CA PRO A 167 -13.09 11.21 2.33
C PRO A 167 -11.70 10.64 2.19
N GLN A 168 -11.44 9.59 2.95
CA GLN A 168 -10.19 8.85 2.90
C GLN A 168 -10.36 7.69 1.92
N MET A 169 -9.37 7.50 1.05
CA MET A 169 -9.42 6.42 0.09
C MET A 169 -8.26 5.47 0.33
N PRO A 170 -8.51 4.18 0.51
CA PRO A 170 -7.41 3.25 0.78
C PRO A 170 -6.53 3.06 -0.45
N ALA A 171 -5.26 2.75 -0.22
CA ALA A 171 -4.30 2.60 -1.31
C ALA A 171 -4.27 1.15 -1.76
N ILE A 172 -5.25 0.78 -2.58
CA ILE A 172 -5.37 -0.58 -3.10
C ILE A 172 -5.31 -0.51 -4.61
N PRO A 173 -4.84 -1.56 -5.30
CA PRO A 173 -4.92 -1.55 -6.76
C PRO A 173 -6.36 -1.45 -7.23
N GLY A 174 -6.59 -0.57 -8.20
CA GLY A 174 -7.92 -0.32 -8.71
C GLY A 174 -8.72 0.73 -7.95
N ILE A 175 -8.10 1.47 -7.04
CA ILE A 175 -8.85 2.47 -6.26
C ILE A 175 -9.47 3.51 -7.18
N GLU A 176 -8.90 3.71 -8.37
CA GLU A 176 -9.45 4.66 -9.33
C GLU A 176 -10.81 4.22 -9.88
N HIS A 177 -11.20 2.95 -9.71
CA HIS A 177 -12.50 2.47 -10.14
C HIS A 177 -13.60 2.72 -9.10
N CYS A 178 -13.26 3.31 -7.96
CA CYS A 178 -14.16 3.47 -6.81
C CYS A 178 -14.53 4.94 -6.64
N ILE A 179 -15.62 5.17 -5.90
CA ILE A 179 -16.06 6.52 -5.60
C ILE A 179 -16.16 6.75 -4.09
N SER A 180 -16.48 7.98 -3.67
CA SER A 180 -16.77 8.31 -2.28
C SER A 180 -18.20 8.81 -2.19
N SER A 181 -18.58 9.28 -1.01
CA SER A 181 -19.93 9.82 -0.85
C SER A 181 -20.14 11.04 -1.74
N ASN A 182 -19.08 11.80 -2.07
CA ASN A 182 -19.23 13.00 -2.90
C ASN A 182 -19.88 12.65 -4.23
N GLU A 183 -19.35 11.62 -4.90
CA GLU A 183 -19.86 11.22 -6.20
C GLU A 183 -21.20 10.53 -6.10
N ALA A 184 -21.45 9.85 -4.97
CA ALA A 184 -22.72 9.14 -4.80
C ALA A 184 -23.92 10.08 -4.94
N PHE A 185 -23.78 11.34 -4.50
CA PHE A 185 -24.83 12.34 -4.56
C PHE A 185 -25.16 12.76 -5.98
N TYR A 186 -24.36 12.36 -6.97
CA TYR A 186 -24.57 12.81 -8.35
C TYR A 186 -24.61 11.67 -9.36
N LEU A 187 -24.74 10.44 -8.91
CA LEU A 187 -24.78 9.31 -9.84
C LEU A 187 -25.91 9.51 -10.84
N PRO A 188 -25.65 9.36 -12.14
CA PRO A 188 -26.74 9.58 -13.11
C PRO A 188 -27.88 8.58 -12.96
N GLU A 189 -27.56 7.34 -12.62
CA GLU A 189 -28.55 6.29 -12.47
C GLU A 189 -28.31 5.57 -11.16
N PRO A 190 -29.34 5.01 -10.53
CA PRO A 190 -29.12 4.23 -9.32
C PRO A 190 -28.47 2.90 -9.66
N PRO A 191 -27.45 2.49 -8.92
CA PRO A 191 -26.74 1.25 -9.26
C PRO A 191 -27.58 0.00 -9.02
N ARG A 192 -27.50 -0.94 -9.95
CA ARG A 192 -28.14 -2.23 -9.76
C ARG A 192 -27.47 -3.02 -8.64
N ARG A 193 -26.13 -3.12 -8.69
CA ARG A 193 -25.35 -3.76 -7.64
C ARG A 193 -24.34 -2.75 -7.10
N VAL A 194 -24.31 -2.58 -5.78
CA VAL A 194 -23.38 -1.62 -5.18
C VAL A 194 -22.79 -2.25 -3.94
N LEU A 195 -21.48 -2.04 -3.75
CA LEU A 195 -20.79 -2.37 -2.51
C LEU A 195 -20.48 -1.06 -1.80
N THR A 196 -20.95 -0.91 -0.55
CA THR A 196 -20.50 0.19 0.30
C THR A 196 -19.49 -0.38 1.31
N VAL A 197 -18.31 0.22 1.33
CA VAL A 197 -17.17 -0.25 2.11
C VAL A 197 -17.06 0.64 3.34
N GLY A 198 -17.27 0.07 4.52
CA GLY A 198 -17.15 0.78 5.78
C GLY A 198 -18.25 0.34 6.72
N GLY A 199 -17.97 0.43 8.02
CA GLY A 199 -18.95 0.11 9.04
C GLY A 199 -19.55 1.32 9.73
N GLY A 200 -19.24 2.52 9.27
CA GLY A 200 -19.69 3.73 9.93
C GLY A 200 -21.01 4.25 9.37
N PHE A 201 -21.41 5.41 9.88
CA PHE A 201 -22.77 5.89 9.61
C PHE A 201 -22.98 6.24 8.14
N ILE A 202 -21.92 6.69 7.45
CA ILE A 202 -22.11 7.06 6.04
C ILE A 202 -22.33 5.82 5.19
N SER A 203 -21.55 4.76 5.42
CA SER A 203 -21.77 3.51 4.70
C SER A 203 -23.17 2.95 4.98
N VAL A 204 -23.58 2.95 6.25
CA VAL A 204 -24.88 2.37 6.62
C VAL A 204 -26.02 3.19 6.02
N GLU A 205 -25.93 4.52 6.12
CA GLU A 205 -26.99 5.37 5.57
C GLU A 205 -27.10 5.24 4.06
N PHE A 206 -25.97 5.19 3.34
CA PHE A 206 -26.07 5.07 1.89
C PHE A 206 -26.54 3.69 1.47
N ALA A 207 -26.20 2.66 2.23
CA ALA A 207 -26.72 1.33 1.94
C ALA A 207 -28.24 1.35 1.94
N GLY A 208 -28.82 2.10 2.87
CA GLY A 208 -30.27 2.18 2.93
C GLY A 208 -30.86 2.94 1.76
N ILE A 209 -30.18 4.02 1.33
CA ILE A 209 -30.65 4.79 0.18
C ILE A 209 -30.61 3.95 -1.10
N PHE A 210 -29.44 3.36 -1.39
CA PHE A 210 -29.32 2.52 -2.59
C PHE A 210 -30.30 1.34 -2.56
N ASN A 211 -30.58 0.81 -1.37
CA ASN A 211 -31.48 -0.35 -1.28
C ASN A 211 -32.90 0.01 -1.75
N ALA A 212 -33.34 1.23 -1.50
CA ALA A 212 -34.70 1.59 -1.88
C ALA A 212 -34.83 1.96 -3.34
N TYR A 213 -33.78 2.52 -3.94
CA TYR A 213 -33.86 3.01 -5.31
C TYR A 213 -33.25 2.06 -6.34
N LYS A 214 -32.78 0.89 -5.92
CA LYS A 214 -32.11 -0.01 -6.85
C LYS A 214 -33.11 -0.51 -7.90
N PRO A 215 -32.66 -0.69 -9.14
CA PRO A 215 -33.56 -1.21 -10.18
C PRO A 215 -33.94 -2.66 -9.92
N PRO A 216 -34.92 -3.20 -10.66
CA PRO A 216 -35.32 -4.59 -10.47
C PRO A 216 -34.14 -5.54 -10.51
N GLY A 217 -34.14 -6.50 -9.56
CA GLY A 217 -33.08 -7.48 -9.48
C GLY A 217 -31.76 -6.96 -8.99
N GLY A 218 -31.76 -5.79 -8.35
CA GLY A 218 -30.53 -5.25 -7.79
C GLY A 218 -30.23 -5.77 -6.40
N LYS A 219 -29.04 -5.41 -5.90
CA LYS A 219 -28.58 -5.92 -4.61
C LYS A 219 -27.57 -4.94 -4.03
N VAL A 220 -27.72 -4.64 -2.73
CA VAL A 220 -26.80 -3.77 -2.00
C VAL A 220 -26.01 -4.64 -1.02
N THR A 221 -24.69 -4.52 -1.07
CA THR A 221 -23.79 -5.20 -0.15
C THR A 221 -22.98 -4.17 0.63
N LEU A 222 -22.96 -4.32 1.95
CA LEU A 222 -22.09 -3.53 2.80
C LEU A 222 -21.02 -4.45 3.37
N CYS A 223 -19.75 -4.04 3.30
CA CYS A 223 -18.68 -4.82 3.90
C CYS A 223 -17.98 -4.00 4.96
N TYR A 224 -17.42 -4.68 5.95
CA TYR A 224 -16.73 -4.03 7.06
C TYR A 224 -15.63 -4.97 7.53
N ARG A 225 -14.44 -4.42 7.77
CA ARG A 225 -13.29 -5.28 8.01
C ARG A 225 -13.31 -5.93 9.39
N ASN A 226 -14.06 -5.40 10.35
CA ASN A 226 -14.15 -6.03 11.67
C ASN A 226 -15.49 -6.75 11.82
N ASN A 227 -15.76 -7.21 13.06
CA ASN A 227 -16.82 -8.21 13.26
C ASN A 227 -18.22 -7.60 13.33
N LEU A 228 -18.34 -6.33 13.72
CA LEU A 228 -19.66 -5.76 13.97
C LEU A 228 -19.66 -4.29 13.57
N ILE A 229 -20.64 -3.87 12.78
CA ILE A 229 -20.64 -2.51 12.27
C ILE A 229 -20.95 -1.49 13.37
N LEU A 230 -20.70 -0.22 13.07
CA LEU A 230 -21.10 0.93 13.87
C LEU A 230 -20.37 0.97 15.21
N ARG A 231 -19.05 0.75 15.19
CA ARG A 231 -18.22 0.93 16.36
CA ARG A 231 -18.22 0.93 16.36
C ARG A 231 -18.48 2.28 17.01
N GLY A 232 -18.51 2.30 18.35
CA GLY A 232 -18.78 3.50 19.12
C GLY A 232 -20.22 3.66 19.56
N PHE A 233 -21.16 2.96 18.92
CA PHE A 233 -22.55 2.99 19.31
C PHE A 233 -22.85 1.83 20.25
N ASP A 234 -23.99 1.90 20.91
CA ASP A 234 -24.45 0.86 21.82
C ASP A 234 -24.43 -0.51 21.15
N GLU A 235 -23.91 -1.51 21.86
CA GLU A 235 -23.69 -2.82 21.23
C GLU A 235 -25.01 -3.53 20.92
N THR A 236 -26.00 -3.46 21.82
CA THR A 236 -27.31 -4.01 21.51
C THR A 236 -27.86 -3.42 20.21
N ILE A 237 -27.71 -2.10 20.06
CA ILE A 237 -28.20 -1.42 18.87
C ILE A 237 -27.36 -1.80 17.65
N ARG A 238 -26.05 -1.98 17.83
CA ARG A 238 -25.21 -2.40 16.70
C ARG A 238 -25.69 -3.75 16.15
N GLU A 239 -25.99 -4.70 17.04
CA GLU A 239 -26.46 -6.01 16.61
C GLU A 239 -27.86 -5.94 16.00
N GLU A 240 -28.76 -5.14 16.58
CA GLU A 240 -30.12 -5.06 16.06
C GLU A 240 -30.19 -4.36 14.71
N VAL A 241 -29.42 -3.29 14.52
CA VAL A 241 -29.40 -2.60 13.23
C VAL A 241 -28.92 -3.55 12.14
N THR A 242 -27.92 -4.38 12.46
CA THR A 242 -27.45 -5.36 11.50
C THR A 242 -28.57 -6.29 11.06
N LYS A 243 -29.34 -6.80 12.03
CA LYS A 243 -30.47 -7.69 11.74
C LYS A 243 -31.52 -7.00 10.89
N GLN A 244 -31.83 -5.74 11.21
CA GLN A 244 -32.92 -5.10 10.51
C GLN A 244 -32.50 -4.63 9.13
N LEU A 245 -31.23 -4.30 8.92
CA LEU A 245 -30.72 -4.08 7.58
C LEU A 245 -30.81 -5.37 6.77
N THR A 246 -30.34 -6.48 7.35
CA THR A 246 -30.42 -7.77 6.67
C THR A 246 -31.86 -8.12 6.32
N ALA A 247 -32.79 -7.84 7.24
CA ALA A 247 -34.19 -8.15 7.01
C ALA A 247 -34.78 -7.36 5.86
N ASN A 248 -34.21 -6.19 5.54
CA ASN A 248 -34.68 -5.39 4.41
C ASN A 248 -33.88 -5.65 3.13
N GLY A 249 -33.10 -6.73 3.09
CA GLY A 249 -32.48 -7.17 1.86
C GLY A 249 -31.05 -6.72 1.63
N ILE A 250 -30.42 -6.08 2.62
CA ILE A 250 -29.03 -5.66 2.48
C ILE A 250 -28.14 -6.78 2.99
N GLU A 251 -27.15 -7.17 2.20
CA GLU A 251 -26.18 -8.18 2.59
C GLU A 251 -25.02 -7.52 3.33
N ILE A 252 -24.72 -7.98 4.54
CA ILE A 252 -23.68 -7.38 5.37
C ILE A 252 -22.52 -8.36 5.50
N MET A 253 -21.40 -8.05 4.86
CA MET A 253 -20.17 -8.85 4.92
C MET A 253 -19.24 -8.29 5.98
N THR A 254 -19.26 -8.89 7.17
CA THR A 254 -18.30 -8.49 8.17
C THR A 254 -17.04 -9.37 8.11
N ASN A 255 -15.98 -8.87 8.75
CA ASN A 255 -14.65 -9.47 8.68
C ASN A 255 -14.16 -9.61 7.25
N GLU A 256 -14.47 -8.62 6.41
CA GLU A 256 -14.11 -8.66 5.00
C GLU A 256 -13.66 -7.28 4.55
N ASN A 257 -12.69 -7.24 3.64
CA ASN A 257 -12.10 -5.96 3.24
C ASN A 257 -11.54 -6.05 1.83
N PRO A 258 -11.86 -5.10 0.96
CA PRO A 258 -11.36 -5.18 -0.43
C PRO A 258 -9.84 -5.17 -0.48
N ALA A 259 -9.29 -6.04 -1.33
CA ALA A 259 -7.86 -6.07 -1.62
C ALA A 259 -7.50 -5.40 -2.93
N LYS A 260 -8.39 -5.46 -3.92
CA LYS A 260 -8.13 -4.87 -5.23
C LYS A 260 -9.45 -4.80 -5.98
N VAL A 261 -9.51 -3.88 -6.94
CA VAL A 261 -10.64 -3.76 -7.84
C VAL A 261 -10.12 -3.71 -9.27
N SER A 262 -10.78 -4.45 -10.17
CA SER A 262 -10.46 -4.43 -11.59
C SER A 262 -11.77 -4.35 -12.36
N LEU A 263 -11.68 -4.06 -13.65
CA LEU A 263 -12.85 -3.98 -14.51
C LEU A 263 -13.03 -5.29 -15.25
N ASN A 264 -14.24 -5.84 -15.18
CA ASN A 264 -14.62 -6.92 -16.08
C ASN A 264 -14.69 -6.40 -17.51
N THR A 265 -14.78 -7.34 -18.46
CA THR A 265 -14.83 -6.92 -19.86
C THR A 265 -16.08 -6.11 -20.15
N ASP A 266 -17.17 -6.37 -19.44
CA ASP A 266 -18.38 -5.58 -19.66
C ASP A 266 -18.35 -4.23 -18.93
N GLY A 267 -17.26 -3.91 -18.24
CA GLY A 267 -17.15 -2.63 -17.57
C GLY A 267 -17.62 -2.59 -16.12
N SER A 268 -18.20 -3.67 -15.62
CA SER A 268 -18.53 -3.75 -14.20
C SER A 268 -17.27 -3.96 -13.35
N LYS A 269 -17.40 -3.72 -12.06
CA LYS A 269 -16.28 -3.81 -11.13
C LYS A 269 -16.22 -5.21 -10.54
N HIS A 270 -15.03 -5.78 -10.54
CA HIS A 270 -14.73 -7.09 -9.95
C HIS A 270 -13.90 -6.83 -8.70
N VAL A 271 -14.51 -7.04 -7.53
CA VAL A 271 -13.86 -6.81 -6.24
C VAL A 271 -13.31 -8.14 -5.74
N THR A 272 -12.02 -8.16 -5.39
CA THR A 272 -11.42 -9.27 -4.68
C THR A 272 -11.12 -8.84 -3.26
N PHE A 273 -11.63 -9.59 -2.30
CA PHE A 273 -11.39 -9.34 -0.90
C PHE A 273 -10.11 -10.02 -0.45
N GLU A 274 -9.57 -9.58 0.68
CA GLU A 274 -8.38 -10.21 1.24
C GLU A 274 -8.59 -11.70 1.46
N SER A 275 -9.82 -12.12 1.76
CA SER A 275 -10.13 -13.53 1.97
C SER A 275 -10.15 -14.33 0.68
N GLY A 276 -10.14 -13.70 -0.48
CA GLY A 276 -10.27 -14.41 -1.73
C GLY A 276 -11.68 -14.51 -2.25
N LYS A 277 -12.68 -14.12 -1.45
CA LYS A 277 -14.02 -13.94 -1.98
C LYS A 277 -14.00 -12.89 -3.08
N THR A 278 -14.98 -12.97 -3.97
CA THR A 278 -15.11 -12.00 -5.04
C THR A 278 -16.54 -11.53 -5.13
N LEU A 279 -16.72 -10.32 -5.66
CA LEU A 279 -18.05 -9.75 -5.82
C LEU A 279 -18.01 -8.86 -7.05
N ASP A 280 -19.01 -9.01 -7.92
CA ASP A 280 -19.18 -8.14 -9.07
C ASP A 280 -20.28 -7.13 -8.77
N VAL A 281 -19.95 -5.84 -8.93
CA VAL A 281 -20.89 -4.76 -8.68
C VAL A 281 -20.71 -3.70 -9.76
N ASP A 282 -21.66 -2.76 -9.80
CA ASP A 282 -21.59 -1.64 -10.72
C ASP A 282 -20.98 -0.40 -10.09
N VAL A 283 -21.04 -0.27 -8.77
CA VAL A 283 -20.43 0.86 -8.06
C VAL A 283 -19.77 0.33 -6.80
N VAL A 284 -18.56 0.80 -6.52
CA VAL A 284 -17.92 0.61 -5.22
C VAL A 284 -17.81 1.98 -4.58
N MET A 285 -18.48 2.16 -3.42
CA MET A 285 -18.39 3.41 -2.66
C MET A 285 -17.58 3.18 -1.40
N MET A 286 -16.45 3.88 -1.30
CA MET A 286 -15.59 3.84 -0.13
C MET A 286 -16.11 4.83 0.90
N ALA A 287 -16.34 4.36 2.12
CA ALA A 287 -16.80 5.18 3.23
C ALA A 287 -16.10 4.69 4.49
N ILE A 288 -14.76 4.66 4.44
CA ILE A 288 -13.96 4.12 5.51
C ILE A 288 -13.47 5.18 6.48
N GLY A 289 -13.74 6.45 6.22
CA GLY A 289 -13.31 7.47 7.16
C GLY A 289 -13.14 8.81 6.47
N ARG A 290 -13.06 9.87 7.28
CA ARG A 290 -12.85 11.22 6.78
C ARG A 290 -11.68 11.84 7.52
N ILE A 291 -10.82 12.55 6.77
CA ILE A 291 -9.57 13.07 7.34
C ILE A 291 -9.57 14.60 7.26
N PRO A 292 -8.99 15.29 8.24
CA PRO A 292 -9.05 16.76 8.23
C PRO A 292 -8.31 17.34 7.04
N ARG A 293 -8.85 18.44 6.50
CA ARG A 293 -8.33 19.11 5.32
C ARG A 293 -7.30 20.17 5.71
N THR A 294 -6.05 19.72 5.91
CA THR A 294 -4.99 20.65 6.29
C THR A 294 -3.96 20.88 5.19
N ASN A 295 -3.81 19.96 4.24
CA ASN A 295 -2.72 20.00 3.27
C ASN A 295 -2.63 21.33 2.53
N ASP A 296 -3.77 21.91 2.16
CA ASP A 296 -3.71 23.06 1.27
C ASP A 296 -3.52 24.39 1.99
N LEU A 297 -3.57 24.41 3.31
CA LEU A 297 -3.49 25.66 4.06
C LEU A 297 -2.07 26.20 4.21
N GLN A 298 -1.06 25.43 3.82
CA GLN A 298 0.35 25.80 3.98
C GLN A 298 0.63 26.23 5.42
N LEU A 299 0.23 25.38 6.37
CA LEU A 299 0.41 25.75 7.78
C LEU A 299 1.87 25.86 8.16
N GLY A 300 2.78 25.23 7.42
CA GLY A 300 4.20 25.38 7.65
C GLY A 300 4.66 26.83 7.61
N ASN A 301 3.96 27.70 6.88
CA ASN A 301 4.43 29.08 6.75
C ASN A 301 4.39 29.81 8.06
N VAL A 302 3.53 29.40 8.99
CA VAL A 302 3.40 30.07 10.28
C VAL A 302 3.65 29.13 11.45
N GLY A 303 3.80 27.84 11.21
CA GLY A 303 4.13 26.93 12.28
C GLY A 303 2.98 26.41 13.11
N VAL A 304 1.77 26.34 12.55
CA VAL A 304 0.63 25.78 13.27
C VAL A 304 0.84 24.27 13.45
N LYS A 305 0.70 23.80 14.68
CA LYS A 305 1.00 22.40 15.00
C LYS A 305 -0.19 21.50 14.71
N LEU A 306 0.10 20.36 14.06
CA LEU A 306 -0.87 19.30 13.87
C LEU A 306 -0.67 18.21 14.91
N THR A 307 -1.75 17.48 15.22
CA THR A 307 -1.64 16.32 16.09
C THR A 307 -1.02 15.17 15.32
N PRO A 308 -0.57 14.11 16.04
CA PRO A 308 -0.12 12.91 15.32
C PRO A 308 -1.17 12.40 14.33
N LYS A 309 -2.44 12.41 14.75
CA LYS A 309 -3.53 11.95 13.90
C LYS A 309 -3.64 12.76 12.62
N GLY A 310 -3.38 14.06 12.68
CA GLY A 310 -3.45 14.92 11.50
C GLY A 310 -4.35 16.15 11.66
N GLY A 311 -5.10 16.28 12.73
CA GLY A 311 -5.92 17.46 12.91
C GLY A 311 -5.11 18.63 13.42
N VAL A 312 -5.66 19.83 13.27
CA VAL A 312 -5.02 20.99 13.90
C VAL A 312 -5.19 20.87 15.40
N GLN A 313 -4.06 20.95 16.12
CA GLN A 313 -4.11 20.90 17.57
C GLN A 313 -4.73 22.18 18.15
N VAL A 314 -5.65 22.03 19.11
CA VAL A 314 -6.31 23.17 19.73
C VAL A 314 -6.45 22.93 21.23
N ASP A 315 -6.53 24.03 21.98
CA ASP A 315 -6.90 23.95 23.38
C ASP A 315 -8.42 24.02 23.49
N GLU A 316 -8.93 24.05 24.72
CA GLU A 316 -10.36 24.04 24.95
C GLU A 316 -11.06 25.26 24.35
N PHE A 317 -10.32 26.34 24.09
CA PHE A 317 -10.90 27.55 23.51
C PHE A 317 -10.62 27.67 22.02
N SER A 318 -10.25 26.56 21.37
CA SER A 318 -10.03 26.48 19.93
C SER A 318 -8.78 27.22 19.49
N ARG A 319 -7.84 27.54 20.39
CA ARG A 319 -6.63 28.27 20.03
C ARG A 319 -5.55 27.30 19.59
N THR A 320 -4.91 27.60 18.45
CA THR A 320 -3.71 26.88 18.03
C THR A 320 -2.51 27.37 18.85
N ASN A 321 -1.33 26.86 18.53
CA ASN A 321 -0.10 27.28 19.20
C ASN A 321 0.36 28.64 18.72
N VAL A 322 -0.22 29.15 17.64
CA VAL A 322 0.02 30.52 17.19
C VAL A 322 -1.10 31.38 17.75
N PRO A 323 -0.81 32.30 18.69
CA PRO A 323 -1.85 33.24 19.10
C PRO A 323 -2.45 33.88 17.86
N ASN A 324 -3.74 34.21 17.94
CA ASN A 324 -4.54 34.86 16.89
C ASN A 324 -4.89 33.90 15.74
N ILE A 325 -4.49 32.64 15.79
CA ILE A 325 -4.98 31.64 14.83
C ILE A 325 -5.77 30.57 15.58
N TYR A 326 -7.00 30.31 15.12
CA TYR A 326 -7.90 29.37 15.79
C TYR A 326 -8.37 28.31 14.79
N ALA A 327 -8.95 27.24 15.30
CA ALA A 327 -9.48 26.18 14.45
C ALA A 327 -10.65 25.49 15.12
N ILE A 328 -11.70 25.20 14.33
CA ILE A 328 -12.92 24.58 14.82
C ILE A 328 -13.40 23.58 13.77
N GLY A 329 -14.34 22.72 14.19
CA GLY A 329 -14.99 21.82 13.25
C GLY A 329 -14.16 20.59 12.92
N ASP A 330 -14.47 19.96 11.77
CA ASP A 330 -13.82 18.70 11.42
C ASP A 330 -12.30 18.81 11.28
N ILE A 331 -11.74 20.02 11.06
CA ILE A 331 -10.30 20.14 10.89
C ILE A 331 -9.58 19.80 12.20
N THR A 332 -10.27 19.87 13.32
CA THR A 332 -9.67 19.48 14.60
C THR A 332 -9.77 17.97 14.84
N ASP A 333 -10.46 17.23 13.98
CA ASP A 333 -10.43 15.76 13.97
C ASP A 333 -10.85 15.18 15.32
N ARG A 334 -11.99 15.65 15.80
N ARG A 334 -12.00 15.63 15.80
N ARG A 334 -11.99 15.65 15.80
N ARG A 334 -12.00 15.63 15.80
CA ARG A 334 -12.59 15.13 17.03
CA ARG A 334 -12.58 15.14 17.04
CA ARG A 334 -12.59 15.13 17.03
CA ARG A 334 -12.58 15.14 17.04
C ARG A 334 -13.99 14.63 16.73
C ARG A 334 -13.99 14.61 16.75
C ARG A 334 -13.99 14.63 16.73
C ARG A 334 -13.99 14.61 16.74
N LEU A 335 -15.01 15.32 17.22
CA LEU A 335 -16.40 14.99 16.90
C LEU A 335 -16.76 15.68 15.59
N MET A 336 -17.03 14.90 14.55
CA MET A 336 -17.30 15.47 13.23
C MET A 336 -18.81 15.56 13.03
N LEU A 337 -19.40 16.61 13.60
CA LEU A 337 -20.83 16.89 13.56
C LEU A 337 -21.06 18.37 13.30
N THR A 338 -22.09 18.68 12.53
CA THR A 338 -22.37 20.08 12.21
C THR A 338 -22.71 20.91 13.45
N PRO A 339 -23.57 20.47 14.37
CA PRO A 339 -23.88 21.32 15.53
C PRO A 339 -22.71 21.50 16.50
N VAL A 340 -21.74 20.59 16.52
CA VAL A 340 -20.55 20.85 17.32
C VAL A 340 -19.73 21.97 16.71
N ALA A 341 -19.54 21.94 15.38
CA ALA A 341 -18.78 22.99 14.71
C ALA A 341 -19.43 24.35 14.92
N ILE A 342 -20.75 24.42 14.80
CA ILE A 342 -21.48 25.67 15.02
C ILE A 342 -21.29 26.16 16.45
N ASN A 343 -21.45 25.26 17.44
CA ASN A 343 -21.22 25.62 18.83
C ASN A 343 -19.81 26.17 19.03
N GLU A 344 -18.79 25.48 18.52
CA GLU A 344 -17.42 25.99 18.67
C GLU A 344 -17.26 27.37 18.05
N GLY A 345 -17.86 27.59 16.89
CA GLY A 345 -17.74 28.89 16.24
C GLY A 345 -18.35 30.01 17.07
N ALA A 346 -19.55 29.77 17.61
CA ALA A 346 -20.19 30.78 18.44
C ALA A 346 -19.41 31.01 19.73
N ALA A 347 -18.90 29.95 20.36
CA ALA A 347 -18.12 30.11 21.59
C ALA A 347 -16.84 30.89 21.33
N LEU A 348 -16.13 30.58 20.24
CA LEU A 348 -14.88 31.28 19.94
C LEU A 348 -15.13 32.77 19.77
N VAL A 349 -16.20 33.14 19.06
CA VAL A 349 -16.47 34.55 18.77
C VAL A 349 -16.89 35.29 20.03
N ASP A 350 -17.70 34.66 20.88
CA ASP A 350 -18.03 35.25 22.17
C ASP A 350 -16.78 35.49 23.00
N THR A 351 -15.81 34.58 22.91
CA THR A 351 -14.59 34.72 23.73
C THR A 351 -13.69 35.81 23.19
N VAL A 352 -13.47 35.82 21.87
CA VAL A 352 -12.50 36.72 21.26
C VAL A 352 -13.02 38.15 21.23
N PHE A 353 -14.25 38.34 20.77
CA PHE A 353 -14.79 39.66 20.52
C PHE A 353 -15.88 40.07 21.51
N GLY A 354 -16.38 39.15 22.32
CA GLY A 354 -17.54 39.45 23.14
C GLY A 354 -17.27 39.67 24.61
N ASN A 355 -16.03 39.46 25.04
CA ASN A 355 -15.65 39.58 26.46
C ASN A 355 -16.48 38.66 27.35
N LYS A 356 -16.82 37.47 26.85
CA LYS A 356 -17.61 36.49 27.59
C LYS A 356 -17.08 35.10 27.29
N PRO A 357 -15.98 34.71 27.94
CA PRO A 357 -15.29 33.47 27.56
C PRO A 357 -16.18 32.25 27.73
N ARG A 358 -16.01 31.28 26.83
CA ARG A 358 -16.90 30.13 26.77
C ARG A 358 -16.21 29.02 26.00
N LYS A 359 -16.28 27.79 26.51
CA LYS A 359 -15.73 26.64 25.79
C LYS A 359 -16.85 25.64 25.50
N THR A 360 -16.75 25.01 24.33
CA THR A 360 -17.72 24.00 23.93
C THR A 360 -17.59 22.78 24.84
N ASP A 361 -18.75 22.24 25.25
CA ASP A 361 -18.81 20.98 25.99
C ASP A 361 -18.92 19.84 24.98
N HIS A 362 -17.89 19.02 24.90
CA HIS A 362 -17.87 17.91 23.96
C HIS A 362 -18.44 16.62 24.56
N THR A 363 -18.99 16.68 25.77
CA THR A 363 -19.61 15.51 26.38
C THR A 363 -21.13 15.63 26.27
N ARG A 364 -21.79 14.46 26.30
CA ARG A 364 -23.24 14.42 26.32
C ARG A 364 -23.85 15.11 25.11
N VAL A 365 -23.17 14.99 23.96
CA VAL A 365 -23.69 15.52 22.70
C VAL A 365 -24.66 14.50 22.10
N ALA A 366 -25.88 14.93 21.85
CA ALA A 366 -26.82 14.07 21.17
C ALA A 366 -26.52 14.00 19.67
N SER A 367 -26.68 12.82 19.07
CA SER A 367 -26.45 12.65 17.65
C SER A 367 -27.37 11.54 17.13
N ALA A 368 -27.39 11.38 15.79
CA ALA A 368 -28.28 10.39 15.19
C ALA A 368 -27.59 9.65 14.04
N VAL A 369 -28.13 8.48 13.71
CA VAL A 369 -27.82 7.78 12.46
C VAL A 369 -29.13 7.60 11.71
N PHE A 370 -29.19 8.12 10.48
CA PHE A 370 -30.41 7.96 9.69
C PHE A 370 -30.39 6.70 8.84
N SER A 371 -30.04 5.60 9.52
CA SER A 371 -30.31 4.27 9.02
C SER A 371 -31.82 4.03 8.98
N ILE A 372 -32.22 2.95 8.34
CA ILE A 372 -33.62 2.57 8.32
C ILE A 372 -33.75 1.23 9.03
N PRO A 373 -34.26 1.23 10.26
CA PRO A 373 -34.73 2.39 11.06
C PRO A 373 -33.58 3.11 11.79
N PRO A 374 -33.81 4.32 12.30
CA PRO A 374 -32.71 5.19 12.74
C PRO A 374 -32.29 5.00 14.20
N ILE A 375 -31.16 5.64 14.52
CA ILE A 375 -30.55 5.63 15.85
C ILE A 375 -30.57 7.05 16.40
N GLY A 376 -30.87 7.17 17.70
CA GLY A 376 -30.63 8.41 18.40
C GLY A 376 -29.89 8.15 19.69
N THR A 377 -28.82 8.89 19.98
CA THR A 377 -28.00 8.57 21.13
C THR A 377 -27.43 9.83 21.76
N CYS A 378 -27.16 9.74 23.06
CA CYS A 378 -26.55 10.85 23.79
C CYS A 378 -25.80 10.28 24.99
N GLY A 379 -24.52 10.61 25.11
CA GLY A 379 -23.76 10.18 26.29
C GLY A 379 -23.02 8.86 26.10
N LEU A 380 -22.68 8.23 27.22
CA LEU A 380 -21.74 7.12 27.22
C LEU A 380 -22.43 5.79 26.91
N ILE A 381 -21.74 4.95 26.15
CA ILE A 381 -22.12 3.55 26.07
C ILE A 381 -21.66 2.83 27.33
N GLU A 382 -22.29 1.70 27.62
CA GLU A 382 -22.12 1.07 28.93
C GLU A 382 -20.70 0.55 29.15
N GLU A 383 -20.04 0.02 28.11
CA GLU A 383 -18.69 -0.48 28.33
C GLU A 383 -17.73 0.66 28.65
N VAL A 384 -17.95 1.85 28.08
CA VAL A 384 -17.13 3.00 28.44
C VAL A 384 -17.41 3.41 29.89
N ALA A 385 -18.70 3.53 30.24
CA ALA A 385 -19.06 3.94 31.60
C ALA A 385 -18.51 2.96 32.63
N ALA A 386 -18.50 1.66 32.31
CA ALA A 386 -18.02 0.65 33.26
C ALA A 386 -16.53 0.79 33.56
N LYS A 387 -15.77 1.41 32.66
CA LYS A 387 -14.36 1.68 32.95
C LYS A 387 -14.18 2.84 33.91
N GLU A 388 -15.13 3.78 33.93
CA GLU A 388 -14.99 5.00 34.74
C GLU A 388 -15.76 4.95 36.06
N PHE A 389 -16.75 4.08 36.21
CA PHE A 389 -17.59 4.10 37.40
C PHE A 389 -17.62 2.73 38.05
N GLU A 390 -17.58 2.75 39.39
CA GLU A 390 -17.54 1.51 40.16
C GLU A 390 -18.77 0.65 39.90
N LYS A 391 -19.95 1.25 39.87
CA LYS A 391 -21.20 0.53 39.68
C LYS A 391 -22.04 1.22 38.62
N VAL A 392 -22.37 0.49 37.55
CA VAL A 392 -23.15 1.01 36.45
C VAL A 392 -24.41 0.17 36.32
N ALA A 393 -25.55 0.83 36.15
CA ALA A 393 -26.80 0.14 35.91
C ALA A 393 -27.26 0.40 34.48
N VAL A 394 -27.91 -0.61 33.89
CA VAL A 394 -28.45 -0.51 32.53
C VAL A 394 -29.92 -0.87 32.57
N TYR A 395 -30.77 0.09 32.17
CA TYR A 395 -32.20 -0.10 32.02
C TYR A 395 -32.48 -0.31 30.55
N MET A 396 -33.18 -1.38 30.21
CA MET A 396 -33.33 -1.75 28.81
C MET A 396 -34.75 -2.22 28.50
N SER A 397 -35.32 -1.67 27.44
CA SER A 397 -36.59 -2.14 26.91
C SER A 397 -36.43 -2.40 25.41
N SER A 398 -36.83 -3.59 24.97
CA SER A 398 -36.77 -3.90 23.55
C SER A 398 -37.97 -4.74 23.17
N PHE A 399 -38.65 -4.37 22.09
CA PHE A 399 -39.91 -5.00 21.74
C PHE A 399 -40.31 -4.48 20.36
N THR A 400 -41.00 -5.31 19.60
CA THR A 400 -41.58 -4.85 18.35
C THR A 400 -42.85 -4.05 18.65
N PRO A 401 -42.92 -2.77 18.25
CA PRO A 401 -44.13 -2.00 18.54
C PRO A 401 -45.34 -2.57 17.83
N LEU A 402 -46.51 -2.35 18.45
CA LEU A 402 -47.75 -2.92 17.95
C LEU A 402 -48.01 -2.55 16.49
N MET A 403 -47.76 -1.29 16.10
CA MET A 403 -48.02 -0.88 14.72
C MET A 403 -47.23 -1.74 13.72
N HIS A 404 -46.07 -2.25 14.11
CA HIS A 404 -45.30 -3.10 13.21
C HIS A 404 -45.66 -4.57 13.31
N ASN A 405 -46.55 -4.94 14.22
CA ASN A 405 -47.19 -6.25 14.11
C ASN A 405 -48.37 -6.22 13.16
N ILE A 406 -48.87 -5.03 12.81
CA ILE A 406 -49.87 -4.90 11.76
C ILE A 406 -49.22 -4.61 10.41
N SER A 407 -48.14 -3.83 10.42
CA SER A 407 -47.50 -3.42 9.17
C SER A 407 -46.82 -4.57 8.43
N GLY A 408 -46.50 -5.65 9.13
CA GLY A 408 -45.73 -6.74 8.55
C GLY A 408 -44.24 -6.69 8.87
N SER A 409 -43.72 -5.54 9.30
CA SER A 409 -42.30 -5.38 9.61
C SER A 409 -42.00 -5.79 11.05
N LYS A 410 -42.31 -7.04 11.37
CA LYS A 410 -42.14 -7.50 12.74
C LYS A 410 -40.69 -7.46 13.19
N TYR A 411 -39.73 -7.47 12.25
CA TYR A 411 -38.31 -7.38 12.60
C TYR A 411 -37.93 -6.02 13.18
N LYS A 412 -38.82 -5.02 13.15
CA LYS A 412 -38.45 -3.65 13.57
C LYS A 412 -38.65 -3.51 15.08
N LYS A 413 -37.71 -4.06 15.84
CA LYS A 413 -37.73 -3.88 17.28
C LYS A 413 -37.26 -2.47 17.65
N PHE A 414 -37.98 -1.81 18.57
CA PHE A 414 -37.54 -0.55 19.15
C PHE A 414 -36.67 -0.87 20.36
N VAL A 415 -35.51 -0.24 20.46
CA VAL A 415 -34.61 -0.45 21.59
C VAL A 415 -34.45 0.86 22.33
N ALA A 416 -34.68 0.84 23.64
CA ALA A 416 -34.41 2.00 24.49
C ALA A 416 -33.54 1.54 25.65
N LYS A 417 -32.41 2.22 25.86
CA LYS A 417 -31.49 1.89 26.95
C LYS A 417 -31.05 3.16 27.67
N ILE A 418 -31.03 3.10 29.00
CA ILE A 418 -30.51 4.17 29.85
C ILE A 418 -29.37 3.58 30.67
N VAL A 419 -28.23 4.25 30.66
CA VAL A 419 -27.04 3.84 31.40
C VAL A 419 -26.84 4.82 32.55
N THR A 420 -26.68 4.30 33.77
CA THR A 420 -26.57 5.17 34.93
C THR A 420 -25.30 4.88 35.73
N ASN A 421 -24.89 5.89 36.49
CA ASN A 421 -24.02 5.69 37.65
C ASN A 421 -24.94 5.22 38.75
N HIS A 422 -24.87 3.93 39.08
CA HIS A 422 -25.84 3.39 40.03
C HIS A 422 -25.60 3.88 41.45
N SER A 423 -24.42 4.44 41.72
CA SER A 423 -24.15 4.93 43.06
C SER A 423 -25.02 6.12 43.42
N ASP A 424 -25.41 6.94 42.43
CA ASP A 424 -26.26 8.09 42.70
C ASP A 424 -27.38 8.30 41.69
N GLY A 425 -27.56 7.41 40.72
CA GLY A 425 -28.65 7.50 39.76
C GLY A 425 -28.43 8.38 38.55
N THR A 426 -27.30 9.10 38.45
CA THR A 426 -27.09 10.00 37.33
C THR A 426 -27.13 9.26 36.00
N VAL A 427 -27.86 9.81 35.03
CA VAL A 427 -27.92 9.23 33.69
C VAL A 427 -26.64 9.55 32.93
N LEU A 428 -25.89 8.52 32.56
CA LEU A 428 -24.64 8.67 31.83
C LEU A 428 -24.85 8.62 30.33
N GLY A 429 -25.90 7.95 29.87
CA GLY A 429 -26.17 7.84 28.44
C GLY A 429 -27.53 7.25 28.12
N VAL A 430 -28.08 7.59 26.96
CA VAL A 430 -29.36 7.08 26.49
C VAL A 430 -29.19 6.68 25.02
N HIS A 431 -29.68 5.49 24.66
CA HIS A 431 -29.43 4.93 23.34
C HIS A 431 -30.73 4.36 22.78
N LEU A 432 -31.10 4.79 21.58
CA LEU A 432 -32.42 4.48 21.02
C LEU A 432 -32.26 3.97 19.59
N LEU A 433 -33.08 2.97 19.24
CA LEU A 433 -33.15 2.47 17.88
C LEU A 433 -34.61 2.32 17.51
N GLY A 434 -35.02 2.93 16.39
CA GLY A 434 -36.39 2.82 15.93
C GLY A 434 -36.95 4.12 15.42
N ASP A 435 -38.12 4.04 14.77
CA ASP A 435 -38.71 5.22 14.16
C ASP A 435 -38.88 6.32 15.20
N GLY A 436 -38.41 7.53 14.85
CA GLY A 436 -38.48 8.65 15.76
C GLY A 436 -37.27 8.85 16.67
N ALA A 437 -36.35 7.89 16.75
CA ALA A 437 -35.24 8.02 17.70
C ALA A 437 -34.48 9.33 17.58
N PRO A 438 -34.12 9.84 16.39
CA PRO A 438 -33.41 11.14 16.34
C PRO A 438 -34.22 12.29 16.91
N GLU A 439 -35.54 12.29 16.72
CA GLU A 439 -36.38 13.35 17.28
C GLU A 439 -36.53 13.21 18.80
N ILE A 440 -36.64 11.97 19.30
CA ILE A 440 -36.80 11.75 20.74
C ILE A 440 -35.56 12.21 21.49
N ILE A 441 -34.37 11.98 20.93
CA ILE A 441 -33.15 12.15 21.72
C ILE A 441 -32.81 13.62 21.97
N GLN A 442 -33.40 14.58 21.23
CA GLN A 442 -32.92 15.96 21.34
C GLN A 442 -33.12 16.51 22.76
N ALA A 443 -34.33 16.37 23.30
CA ALA A 443 -34.56 16.90 24.64
C ALA A 443 -33.87 16.07 25.71
N VAL A 444 -33.51 14.83 25.38
CA VAL A 444 -32.68 14.02 26.29
C VAL A 444 -31.34 14.71 26.48
N GLY A 445 -30.79 15.32 25.42
CA GLY A 445 -29.55 16.09 25.56
C GLY A 445 -29.65 17.20 26.60
N VAL A 446 -30.79 17.90 26.61
CA VAL A 446 -31.02 18.94 27.62
C VAL A 446 -31.08 18.32 29.01
N CYS A 447 -31.76 17.18 29.14
CA CYS A 447 -31.80 16.46 30.42
C CYS A 447 -30.41 16.14 30.92
N LEU A 448 -29.54 15.60 30.06
CA LEU A 448 -28.21 15.23 30.53
C LEU A 448 -27.38 16.47 30.88
N ARG A 449 -27.55 17.56 30.13
CA ARG A 449 -26.90 18.83 30.48
C ARG A 449 -27.33 19.30 31.85
N LEU A 450 -28.53 18.91 32.30
CA LEU A 450 -29.05 19.25 33.62
C LEU A 450 -28.83 18.15 34.64
N ASN A 451 -27.94 17.19 34.37
CA ASN A 451 -27.58 16.14 35.33
C ASN A 451 -28.80 15.35 35.82
N ALA A 452 -29.69 14.99 34.90
CA ALA A 452 -30.86 14.19 35.25
C ALA A 452 -30.43 12.84 35.83
N LYS A 453 -31.24 12.35 36.76
CA LYS A 453 -31.10 11.02 37.34
C LYS A 453 -32.20 10.12 36.80
N ILE A 454 -32.04 8.81 37.00
CA ILE A 454 -33.04 7.86 36.50
C ILE A 454 -34.40 8.13 37.14
N SER A 455 -34.42 8.62 38.39
CA SER A 455 -35.69 8.90 39.03
C SER A 455 -36.40 10.09 38.38
N ASP A 456 -35.66 11.06 37.85
CA ASP A 456 -36.30 12.16 37.13
C ASP A 456 -37.04 11.67 35.90
N PHE A 457 -36.44 10.71 35.18
CA PHE A 457 -37.12 10.09 34.05
C PHE A 457 -38.34 9.31 34.51
N TYR A 458 -38.20 8.45 35.54
CA TYR A 458 -39.32 7.57 35.92
CA TYR A 458 -39.37 7.61 35.79
C TYR A 458 -40.46 8.35 36.56
N ASN A 459 -40.15 9.47 37.22
CA ASN A 459 -41.19 10.27 37.85
C ASN A 459 -42.01 11.04 36.84
N THR A 460 -41.45 11.26 35.64
CA THR A 460 -42.16 11.98 34.59
C THR A 460 -43.28 11.12 34.01
N ILE A 461 -44.45 11.71 33.84
CA ILE A 461 -45.60 11.00 33.30
C ILE A 461 -45.46 10.84 31.78
N GLY A 462 -45.67 9.61 31.30
CA GLY A 462 -45.53 9.32 29.89
C GLY A 462 -46.60 9.98 29.03
N VAL A 463 -46.23 10.25 27.77
CA VAL A 463 -47.19 10.53 26.71
C VAL A 463 -47.56 9.21 26.06
N HIS A 464 -48.84 8.91 25.97
CA HIS A 464 -49.27 7.59 25.52
C HIS A 464 -50.28 7.73 24.39
N PRO A 465 -50.17 6.89 23.33
CA PRO A 465 -49.13 5.89 23.04
C PRO A 465 -47.96 6.48 22.26
N THR A 466 -46.72 6.36 22.74
CA THR A 466 -45.53 6.74 21.98
C THR A 466 -44.45 5.69 22.24
N SER A 467 -43.39 5.73 21.40
CA SER A 467 -42.19 4.96 21.74
C SER A 467 -41.43 5.63 22.87
N ALA A 468 -41.43 6.97 22.86
CA ALA A 468 -40.63 7.71 23.82
C ALA A 468 -41.00 7.41 25.26
N GLU A 469 -42.27 7.08 25.51
CA GLU A 469 -42.70 6.89 26.88
C GLU A 469 -41.99 5.72 27.56
N GLU A 470 -41.41 4.79 26.79
CA GLU A 470 -40.56 3.76 27.39
C GLU A 470 -39.43 4.35 28.24
N LEU A 471 -38.91 5.54 27.89
CA LEU A 471 -37.85 6.18 28.66
C LEU A 471 -38.31 6.57 30.06
N CYS A 472 -39.61 6.69 30.27
CA CYS A 472 -40.14 7.19 31.53
C CYS A 472 -40.86 6.10 32.31
N SER A 473 -40.69 4.84 31.92
CA SER A 473 -41.38 3.71 32.52
C SER A 473 -40.41 2.64 32.98
N MET A 474 -39.13 2.99 33.16
CA MET A 474 -38.11 2.02 33.56
C MET A 474 -37.61 2.38 34.95
N ARG A 475 -37.83 1.46 35.90
CA ARG A 475 -37.47 1.69 37.29
C ARG A 475 -36.49 0.67 37.85
N THR A 476 -36.36 -0.51 37.25
CA THR A 476 -35.48 -1.55 37.78
C THR A 476 -34.42 -1.92 36.76
N PRO A 477 -33.14 -1.92 37.13
CA PRO A 477 -32.09 -2.26 36.16
C PRO A 477 -32.29 -3.64 35.54
N SER A 478 -31.94 -3.74 34.27
CA SER A 478 -31.88 -5.05 33.62
C SER A 478 -30.62 -5.80 34.00
N TYR A 479 -29.52 -5.11 34.20
CA TYR A 479 -28.26 -5.73 34.64
C TYR A 479 -27.32 -4.61 35.07
N TYR A 480 -26.13 -5.02 35.53
CA TYR A 480 -25.18 -4.10 36.15
C TYR A 480 -23.79 -4.38 35.64
N TYR A 481 -22.92 -3.42 35.90
CA TYR A 481 -21.47 -3.61 35.83
C TYR A 481 -20.91 -3.25 37.19
N VAL A 482 -20.13 -4.15 37.77
CA VAL A 482 -19.52 -3.95 39.08
C VAL A 482 -18.01 -4.07 38.92
N LYS A 483 -17.30 -2.97 39.14
CA LYS A 483 -15.88 -2.84 38.82
C LYS A 483 -15.56 -3.53 37.49
N GLY A 484 -16.34 -3.19 36.46
CA GLY A 484 -16.10 -3.66 35.11
C GLY A 484 -16.77 -4.97 34.73
N GLU A 485 -17.46 -5.63 35.65
CA GLU A 485 -17.97 -6.98 35.43
C GLU A 485 -19.48 -6.97 35.24
N LYS A 486 -19.95 -7.51 34.12
CA LYS A 486 -21.38 -7.57 33.82
C LYS A 486 -22.05 -8.68 34.64
N MET A 487 -23.23 -8.38 35.18
CA MET A 487 -23.96 -9.36 35.99
C MET A 487 -25.41 -8.94 36.12
N GLU A 488 -26.31 -9.93 36.16
CA GLU A 488 -27.74 -9.60 36.24
C GLU A 488 -28.10 -8.94 37.56
N LYS A 489 -27.39 -9.26 38.65
CA LYS A 489 -27.73 -8.79 39.98
C LYS A 489 -26.50 -8.26 40.68
N LEU A 490 -26.73 -7.28 41.57
CA LEU A 490 -25.68 -6.83 42.48
C LEU A 490 -25.35 -7.96 43.45
N PRO A 491 -24.06 -8.14 43.82
CA PRO A 491 -23.68 -9.27 44.67
C PRO A 491 -24.23 -9.19 46.09
N SER B 5 -69.65 -15.19 49.71
CA SER B 5 -68.98 -13.99 50.22
C SER B 5 -67.47 -14.23 50.39
N LYS B 6 -66.66 -13.21 50.09
CA LYS B 6 -65.21 -13.37 50.00
C LYS B 6 -64.52 -12.11 50.51
N ALA B 7 -63.33 -12.30 51.12
CA ALA B 7 -62.60 -11.25 51.82
C ALA B 7 -61.40 -10.79 51.01
N PHE B 8 -61.13 -9.49 51.05
CA PHE B 8 -60.06 -8.89 50.25
C PHE B 8 -59.51 -7.65 50.93
N ASP B 9 -58.21 -7.40 50.73
CA ASP B 9 -57.62 -6.16 51.19
C ASP B 9 -58.08 -4.98 50.34
N LEU B 10 -58.19 -5.21 49.04
CA LEU B 10 -58.54 -4.17 48.08
C LEU B 10 -59.51 -4.75 47.08
N VAL B 11 -60.61 -4.06 46.85
CA VAL B 11 -61.49 -4.36 45.72
C VAL B 11 -61.50 -3.15 44.80
N VAL B 12 -61.30 -3.40 43.52
CA VAL B 12 -61.19 -2.39 42.48
C VAL B 12 -62.40 -2.54 41.57
N ILE B 13 -63.20 -1.49 41.45
CA ILE B 13 -64.32 -1.47 40.52
C ILE B 13 -63.84 -0.77 39.25
N GLY B 14 -63.66 -1.54 38.18
CA GLY B 14 -63.11 -1.05 36.93
C GLY B 14 -61.73 -1.58 36.63
N ALA B 15 -61.61 -2.47 35.64
CA ALA B 15 -60.33 -3.04 35.24
C ALA B 15 -59.65 -2.21 34.14
N GLY B 16 -59.46 -0.93 34.42
CA GLY B 16 -58.96 0.01 33.43
C GLY B 16 -57.52 0.41 33.69
N SER B 17 -57.13 1.52 33.05
CA SER B 17 -55.75 2.00 33.19
C SER B 17 -55.34 2.15 34.64
N GLY B 18 -56.12 2.90 35.42
CA GLY B 18 -55.74 3.14 36.81
C GLY B 18 -56.01 1.93 37.68
N GLY B 19 -57.10 1.22 37.41
CA GLY B 19 -57.50 0.13 38.29
C GLY B 19 -56.57 -1.06 38.18
N LEU B 20 -56.06 -1.34 36.97
CA LEU B 20 -55.14 -2.45 36.80
C LEU B 20 -53.77 -2.14 37.41
N GLU B 21 -53.29 -0.90 37.26
CA GLU B 21 -52.03 -0.54 37.89
C GLU B 21 -52.12 -0.67 39.41
N ALA B 22 -53.22 -0.16 40.00
CA ALA B 22 -53.38 -0.24 41.43
C ALA B 22 -53.48 -1.68 41.90
N GLY B 23 -54.26 -2.50 41.21
CA GLY B 23 -54.44 -3.88 41.65
C GLY B 23 -53.18 -4.70 41.49
N TRP B 24 -52.52 -4.57 40.33
CA TRP B 24 -51.28 -5.30 40.09
C TRP B 24 -50.19 -4.93 41.09
N ASN B 25 -50.07 -3.64 41.40
CA ASN B 25 -49.06 -3.22 42.38
C ASN B 25 -49.42 -3.67 43.79
N ALA B 26 -50.69 -3.54 44.18
CA ALA B 26 -51.10 -4.01 45.50
C ALA B 26 -50.78 -5.50 45.68
N ALA B 27 -51.05 -6.31 44.65
CA ALA B 27 -50.81 -7.74 44.76
C ALA B 27 -49.32 -8.07 44.72
N THR B 28 -48.63 -7.67 43.65
CA THR B 28 -47.26 -8.16 43.42
C THR B 28 -46.21 -7.41 44.22
N LEU B 29 -46.46 -6.18 44.63
CA LEU B 29 -45.44 -5.44 45.38
C LEU B 29 -45.66 -5.50 46.89
N TYR B 30 -46.91 -5.57 47.34
CA TYR B 30 -47.20 -5.59 48.77
C TYR B 30 -47.86 -6.88 49.23
N GLY B 31 -48.08 -7.85 48.33
CA GLY B 31 -48.59 -9.14 48.74
C GLY B 31 -50.02 -9.14 49.22
N LYS B 32 -50.81 -8.13 48.85
CA LYS B 32 -52.19 -8.00 49.30
C LYS B 32 -53.12 -8.89 48.46
N ARG B 33 -54.32 -9.09 48.98
CA ARG B 33 -55.36 -9.86 48.31
C ARG B 33 -56.31 -8.87 47.63
N VAL B 34 -56.47 -9.03 46.32
CA VAL B 34 -57.06 -8.01 45.46
C VAL B 34 -58.14 -8.64 44.59
N ALA B 35 -59.28 -7.99 44.49
CA ALA B 35 -60.32 -8.34 43.52
C ALA B 35 -60.60 -7.14 42.63
N VAL B 36 -60.80 -7.40 41.33
CA VAL B 36 -61.02 -6.37 40.31
C VAL B 36 -62.24 -6.75 39.50
N VAL B 37 -63.18 -5.81 39.36
CA VAL B 37 -64.46 -6.04 38.69
C VAL B 37 -64.48 -5.26 37.39
N ASP B 38 -64.88 -5.91 36.30
CA ASP B 38 -65.24 -5.23 35.06
C ASP B 38 -66.42 -5.96 34.41
N VAL B 39 -67.10 -5.25 33.51
CA VAL B 39 -68.38 -5.72 32.95
C VAL B 39 -68.23 -6.59 31.71
N GLN B 40 -67.02 -6.76 31.18
CA GLN B 40 -66.83 -7.47 29.92
C GLN B 40 -65.36 -7.91 29.87
N THR B 41 -65.11 -9.10 29.32
CA THR B 41 -63.77 -9.66 29.27
C THR B 41 -63.00 -9.27 28.00
N SER B 42 -63.69 -8.82 26.95
CA SER B 42 -63.00 -8.36 25.75
C SER B 42 -63.81 -7.23 25.12
N HIS B 43 -63.25 -6.64 24.07
CA HIS B 43 -63.66 -5.35 23.53
C HIS B 43 -64.96 -5.43 22.72
N GLY B 44 -65.65 -4.29 22.65
CA GLY B 44 -66.67 -4.12 21.64
C GLY B 44 -68.09 -4.12 22.19
N PRO B 45 -69.07 -4.07 21.29
CA PRO B 45 -70.47 -4.10 21.71
C PRO B 45 -70.73 -5.30 22.58
N PRO B 46 -71.64 -5.20 23.55
CA PRO B 46 -72.51 -4.06 23.85
C PRO B 46 -71.95 -3.00 24.81
N PHE B 47 -70.93 -3.25 25.61
CA PHE B 47 -70.48 -2.29 26.61
C PHE B 47 -69.18 -1.57 26.25
N TYR B 48 -68.52 -1.97 25.15
CA TYR B 48 -67.40 -1.27 24.51
C TYR B 48 -66.11 -1.33 25.31
N ALA B 49 -66.03 -0.61 26.43
CA ALA B 49 -64.93 -0.80 27.36
C ALA B 49 -65.03 -2.16 28.03
N ALA B 50 -63.90 -2.68 28.45
CA ALA B 50 -63.83 -4.05 28.95
C ALA B 50 -62.54 -4.21 29.73
N LEU B 51 -62.23 -5.43 30.13
CA LEU B 51 -60.94 -5.76 30.72
C LEU B 51 -59.84 -5.05 29.93
N GLY B 52 -59.05 -4.23 30.63
CA GLY B 52 -58.03 -3.40 30.02
C GLY B 52 -58.36 -1.92 30.05
N GLY B 53 -59.65 -1.58 30.00
CA GLY B 53 -60.09 -0.20 30.14
C GLY B 53 -60.45 0.45 28.81
N THR B 54 -60.71 1.75 28.91
CA THR B 54 -61.14 2.51 27.74
C THR B 54 -60.00 2.67 26.76
N CYS B 55 -58.80 2.98 27.25
CA CYS B 55 -57.65 3.20 26.38
C CYS B 55 -57.36 1.96 25.54
N VAL B 56 -57.34 0.79 26.18
CA VAL B 56 -57.03 -0.45 25.48
C VAL B 56 -58.11 -0.79 24.46
N ASN B 57 -59.38 -0.66 24.86
CA ASN B 57 -60.48 -1.24 24.09
C ASN B 57 -61.10 -0.27 23.08
N VAL B 58 -61.34 0.98 23.47
CA VAL B 58 -62.00 1.95 22.59
C VAL B 58 -61.38 3.32 22.80
N GLY B 59 -60.05 3.38 22.80
CA GLY B 59 -59.37 4.62 23.16
C GLY B 59 -58.00 4.77 22.53
N CYS B 60 -56.98 5.07 23.34
CA CYS B 60 -55.67 5.41 22.81
C CYS B 60 -55.13 4.35 21.86
N VAL B 61 -55.20 3.08 22.27
CA VAL B 61 -54.55 2.01 21.52
C VAL B 61 -55.18 1.84 20.14
N PRO B 62 -56.49 1.56 20.01
CA PRO B 62 -57.03 1.42 18.64
C PRO B 62 -57.03 2.72 17.86
N LYS B 63 -57.25 3.87 18.50
CA LYS B 63 -57.28 5.10 17.71
C LYS B 63 -55.90 5.39 17.14
N LYS B 64 -54.83 5.13 17.90
CA LYS B 64 -53.49 5.38 17.36
C LYS B 64 -53.23 4.51 16.15
N LEU B 65 -53.63 3.23 16.21
CA LEU B 65 -53.50 2.35 15.05
C LEU B 65 -54.27 2.90 13.85
N MET B 66 -55.45 3.46 14.09
CA MET B 66 -56.26 3.97 13.00
C MET B 66 -55.71 5.27 12.45
N VAL B 67 -55.16 6.13 13.31
CA VAL B 67 -54.51 7.34 12.79
C VAL B 67 -53.29 6.96 11.98
N THR B 68 -52.54 5.96 12.43
CA THR B 68 -51.40 5.48 11.66
C THR B 68 -51.85 5.03 10.27
N GLY B 69 -52.97 4.31 10.21
CA GLY B 69 -53.53 3.93 8.92
C GLY B 69 -53.88 5.13 8.08
N ALA B 70 -54.50 6.14 8.70
CA ALA B 70 -54.91 7.31 7.93
C ALA B 70 -53.72 8.10 7.39
N GLN B 71 -52.57 8.05 8.09
CA GLN B 71 -51.39 8.77 7.61
C GLN B 71 -50.92 8.26 6.25
N TYR B 72 -51.26 7.03 5.88
CA TYR B 72 -50.77 6.53 4.59
C TYR B 72 -51.38 7.27 3.42
N MET B 73 -52.53 7.92 3.59
CA MET B 73 -53.04 8.76 2.50
C MET B 73 -52.05 9.86 2.18
N ASP B 74 -51.43 10.43 3.23
CA ASP B 74 -50.42 11.46 3.01
C ASP B 74 -49.13 10.85 2.45
N HIS B 75 -48.70 9.71 2.99
CA HIS B 75 -47.43 9.14 2.54
C HIS B 75 -47.48 8.76 1.07
N LEU B 76 -48.60 8.18 0.62
CA LEU B 76 -48.70 7.77 -0.77
C LEU B 76 -48.60 8.98 -1.71
N ARG B 77 -49.34 10.05 -1.42
CA ARG B 77 -49.26 11.25 -2.24
C ARG B 77 -47.86 11.89 -2.18
N GLU B 78 -47.27 11.97 -0.98
CA GLU B 78 -46.02 12.70 -0.78
C GLU B 78 -44.81 11.97 -1.35
N SER B 79 -44.86 10.63 -1.45
CA SER B 79 -43.76 9.87 -2.02
C SER B 79 -43.42 10.31 -3.44
N ALA B 80 -44.37 10.94 -4.15
CA ALA B 80 -44.15 11.27 -5.55
C ALA B 80 -43.05 12.30 -5.68
N GLY B 81 -43.00 13.26 -4.76
CA GLY B 81 -41.98 14.30 -4.80
C GLY B 81 -40.58 13.75 -4.68
N PHE B 82 -40.44 12.57 -4.08
CA PHE B 82 -39.14 11.93 -3.92
C PHE B 82 -38.90 10.86 -5.00
N GLY B 83 -39.70 10.89 -6.07
CA GLY B 83 -39.46 10.04 -7.21
C GLY B 83 -40.28 8.77 -7.29
N TRP B 84 -41.14 8.49 -6.31
CA TRP B 84 -41.91 7.26 -6.36
C TRP B 84 -43.06 7.41 -7.35
N GLU B 85 -43.21 6.43 -8.24
CA GLU B 85 -44.22 6.38 -9.27
C GLU B 85 -45.06 5.12 -9.11
N PHE B 86 -46.38 5.25 -9.21
CA PHE B 86 -47.28 4.10 -9.26
C PHE B 86 -48.64 4.57 -9.77
N ASP B 87 -49.54 3.61 -9.97
CA ASP B 87 -50.86 3.90 -10.55
C ASP B 87 -51.76 4.50 -9.48
N GLY B 88 -51.85 5.83 -9.46
CA GLY B 88 -52.64 6.51 -8.45
C GLY B 88 -54.10 6.12 -8.47
N SER B 89 -54.65 5.87 -9.66
CA SER B 89 -56.05 5.49 -9.79
C SER B 89 -56.35 4.11 -9.23
N SER B 90 -55.34 3.31 -8.92
CA SER B 90 -55.58 2.00 -8.34
C SER B 90 -55.64 2.03 -6.82
N VAL B 91 -55.37 3.17 -6.19
CA VAL B 91 -55.32 3.25 -4.73
C VAL B 91 -56.74 3.24 -4.18
N LYS B 92 -56.97 2.39 -3.18
CA LYS B 92 -58.19 2.45 -2.40
C LYS B 92 -57.87 2.07 -0.96
N ALA B 93 -58.65 2.63 -0.03
CA ALA B 93 -58.46 2.43 1.40
C ALA B 93 -59.51 1.44 1.92
N ASN B 94 -59.07 0.28 2.39
CA ASN B 94 -59.98 -0.77 2.84
C ASN B 94 -60.23 -0.64 4.34
N TRP B 95 -61.33 0.02 4.70
CA TRP B 95 -61.72 0.22 6.10
C TRP B 95 -61.94 -1.11 6.82
N LYS B 96 -62.57 -2.08 6.16
CA LYS B 96 -62.83 -3.35 6.81
C LYS B 96 -61.54 -4.04 7.22
N LYS B 97 -60.52 -4.00 6.36
CA LYS B 97 -59.22 -4.55 6.72
C LYS B 97 -58.64 -3.82 7.92
N LEU B 98 -58.73 -2.49 7.93
CA LEU B 98 -58.26 -1.71 9.07
C LEU B 98 -58.95 -2.15 10.35
N ILE B 99 -60.28 -2.17 10.34
CA ILE B 99 -61.02 -2.52 11.57
C ILE B 99 -60.66 -3.93 12.02
N ALA B 100 -60.49 -4.86 11.06
CA ALA B 100 -60.17 -6.24 11.41
C ALA B 100 -58.79 -6.34 12.07
N ALA B 101 -57.78 -5.65 11.51
CA ALA B 101 -56.47 -5.68 12.15
C ALA B 101 -56.51 -5.04 13.52
N LYS B 102 -57.23 -3.92 13.65
CA LYS B 102 -57.37 -3.28 14.95
C LYS B 102 -58.01 -4.24 15.96
N ASN B 103 -59.10 -4.92 15.54
CA ASN B 103 -59.81 -5.81 16.44
C ASN B 103 -58.90 -6.93 16.95
N GLU B 104 -58.10 -7.50 16.04
CA GLU B 104 -57.20 -8.57 16.46
C GLU B 104 -56.16 -8.08 17.46
N ALA B 105 -55.64 -6.86 17.26
CA ALA B 105 -54.64 -6.31 18.17
C ALA B 105 -55.24 -6.08 19.55
N VAL B 106 -56.46 -5.55 19.60
CA VAL B 106 -57.08 -5.28 20.90
C VAL B 106 -57.39 -6.59 21.62
N LEU B 107 -57.96 -7.56 20.90
CA LEU B 107 -58.30 -8.85 21.50
C LEU B 107 -57.07 -9.54 22.08
N ASP B 108 -55.94 -9.43 21.37
CA ASP B 108 -54.68 -9.96 21.90
C ASP B 108 -54.36 -9.36 23.26
N ILE B 109 -54.58 -8.05 23.42
CA ILE B 109 -54.33 -7.43 24.72
C ILE B 109 -55.32 -7.94 25.76
N ASN B 110 -56.60 -8.11 25.38
CA ASN B 110 -57.60 -8.65 26.30
C ASN B 110 -57.14 -10.00 26.86
N LYS B 111 -56.85 -10.94 25.96
CA LYS B 111 -56.35 -12.26 26.34
C LYS B 111 -55.11 -12.19 27.21
N SER B 112 -54.19 -11.27 26.88
CA SER B 112 -52.98 -11.10 27.68
C SER B 112 -53.33 -10.75 29.11
N TYR B 113 -54.26 -9.81 29.31
CA TYR B 113 -54.70 -9.42 30.64
C TYR B 113 -55.35 -10.60 31.36
N GLU B 114 -56.09 -11.42 30.61
CA GLU B 114 -56.74 -12.60 31.18
C GLU B 114 -55.72 -13.56 31.78
N GLY B 115 -54.69 -13.92 31.02
CA GLY B 115 -53.65 -14.78 31.52
C GLY B 115 -52.92 -14.21 32.73
N MET B 116 -52.78 -12.88 32.77
CA MET B 116 -52.07 -12.30 33.90
CA MET B 116 -52.10 -12.24 33.90
C MET B 116 -52.87 -12.47 35.20
N PHE B 117 -54.20 -12.29 35.14
CA PHE B 117 -55.01 -12.60 36.32
C PHE B 117 -54.81 -14.05 36.74
N ASN B 118 -54.89 -14.97 35.77
CA ASN B 118 -54.74 -16.39 36.05
C ASN B 118 -53.38 -16.73 36.68
N ASP B 119 -52.34 -15.95 36.38
CA ASP B 119 -50.97 -16.31 36.74
C ASP B 119 -50.50 -15.66 38.03
N THR B 120 -51.23 -14.71 38.59
CA THR B 120 -50.73 -13.86 39.66
C THR B 120 -51.44 -14.18 40.97
N GLU B 121 -50.67 -14.34 42.06
CA GLU B 121 -51.26 -14.66 43.35
C GLU B 121 -51.90 -13.43 43.98
N GLY B 122 -53.06 -13.65 44.60
CA GLY B 122 -53.74 -12.57 45.30
C GLY B 122 -54.40 -11.56 44.39
N LEU B 123 -54.71 -11.93 43.15
CA LEU B 123 -55.23 -11.00 42.15
C LEU B 123 -56.33 -11.69 41.37
N ASP B 124 -57.58 -11.41 41.72
CA ASP B 124 -58.74 -12.10 41.13
C ASP B 124 -59.62 -11.13 40.36
N PHE B 125 -60.16 -11.62 39.24
CA PHE B 125 -61.04 -10.85 38.36
C PHE B 125 -62.45 -11.38 38.48
N PHE B 126 -63.42 -10.46 38.58
CA PHE B 126 -64.83 -10.82 38.64
C PHE B 126 -65.60 -10.07 37.57
N LEU B 127 -66.40 -10.80 36.79
CA LEU B 127 -67.18 -10.25 35.69
C LEU B 127 -68.55 -9.76 36.18
N GLY B 128 -68.88 -8.51 35.87
CA GLY B 128 -70.20 -7.97 36.16
C GLY B 128 -70.12 -6.53 36.62
N TRP B 129 -71.24 -6.04 37.14
CA TRP B 129 -71.40 -4.63 37.50
C TRP B 129 -71.24 -4.48 39.00
N GLY B 130 -70.25 -3.69 39.40
CA GLY B 130 -69.98 -3.45 40.81
C GLY B 130 -70.61 -2.17 41.32
N SER B 131 -71.08 -2.22 42.56
CA SER B 131 -71.64 -1.06 43.25
C SER B 131 -71.40 -1.20 44.74
N LEU B 132 -71.48 -0.07 45.44
CA LEU B 132 -71.27 -0.05 46.87
C LEU B 132 -72.55 -0.49 47.57
N GLU B 133 -72.45 -1.52 48.41
CA GLU B 133 -73.56 -1.89 49.28
C GLU B 133 -73.40 -1.26 50.66
N SER B 134 -72.20 -1.33 51.22
CA SER B 134 -71.89 -0.71 52.50
C SER B 134 -70.42 -0.28 52.48
N LYS B 135 -70.03 0.44 53.52
CA LYS B 135 -68.70 1.07 53.59
C LYS B 135 -67.57 0.07 53.35
N ASN B 136 -67.81 -1.22 53.57
CA ASN B 136 -66.78 -2.24 53.40
C ASN B 136 -67.27 -3.44 52.60
N VAL B 137 -68.31 -3.26 51.78
CA VAL B 137 -68.88 -4.35 50.99
C VAL B 137 -69.16 -3.84 49.57
N VAL B 138 -68.65 -4.58 48.58
CA VAL B 138 -68.89 -4.32 47.16
C VAL B 138 -69.70 -5.47 46.60
N VAL B 139 -70.79 -5.16 45.90
CA VAL B 139 -71.66 -6.16 45.29
C VAL B 139 -71.44 -6.17 43.79
N VAL B 140 -71.45 -7.37 43.20
CA VAL B 140 -71.32 -7.57 41.75
C VAL B 140 -72.62 -8.19 41.26
N ARG B 141 -73.23 -7.57 40.24
CA ARG B 141 -74.52 -8.02 39.71
C ARG B 141 -74.44 -8.33 38.22
N GLU B 142 -75.56 -8.84 37.71
CA GLU B 142 -75.59 -9.33 36.33
C GLU B 142 -75.65 -8.19 35.32
N THR B 143 -76.40 -7.13 35.63
CA THR B 143 -76.55 -5.97 34.76
C THR B 143 -76.35 -4.70 35.58
N ALA B 144 -76.39 -3.55 34.90
CA ALA B 144 -76.30 -2.28 35.61
C ALA B 144 -77.52 -1.99 36.47
N ASP B 145 -78.59 -2.76 36.31
CA ASP B 145 -79.80 -2.58 37.12
C ASP B 145 -79.54 -2.99 38.57
N PRO B 146 -79.77 -2.10 39.54
CA PRO B 146 -79.47 -2.46 40.94
C PRO B 146 -80.37 -3.55 41.49
N LYS B 147 -81.32 -4.04 40.70
CA LYS B 147 -82.20 -5.13 41.10
C LYS B 147 -81.87 -6.45 40.41
N SER B 148 -80.82 -6.47 39.59
CA SER B 148 -80.42 -7.68 38.90
C SER B 148 -79.76 -8.66 39.87
N ALA B 149 -79.59 -9.90 39.39
CA ALA B 149 -79.17 -11.01 40.25
C ALA B 149 -77.77 -10.81 40.80
N VAL B 150 -77.65 -10.91 42.13
CA VAL B 150 -76.34 -10.80 42.78
C VAL B 150 -75.48 -12.00 42.38
N LYS B 151 -74.25 -11.72 41.96
CA LYS B 151 -73.27 -12.75 41.61
C LYS B 151 -72.19 -12.94 42.65
N GLU B 152 -71.77 -11.87 43.32
CA GLU B 152 -70.73 -11.93 44.34
C GLU B 152 -70.98 -10.84 45.37
N ARG B 153 -70.52 -11.10 46.59
CA ARG B 153 -70.44 -10.07 47.62
C ARG B 153 -69.01 -10.07 48.15
N LEU B 154 -68.32 -8.94 47.98
CA LEU B 154 -66.90 -8.81 48.27
C LEU B 154 -66.74 -7.86 49.42
N GLN B 155 -66.28 -8.35 50.57
CA GLN B 155 -65.97 -7.45 51.67
C GLN B 155 -64.54 -6.97 51.52
N ALA B 156 -64.30 -5.72 51.87
CA ALA B 156 -63.02 -5.09 51.56
C ALA B 156 -62.61 -4.16 52.69
N ASP B 157 -61.33 -4.25 53.08
CA ASP B 157 -60.74 -3.20 53.90
C ASP B 157 -60.69 -1.88 53.15
N HIS B 158 -60.47 -1.93 51.85
CA HIS B 158 -60.28 -0.74 51.03
C HIS B 158 -61.04 -0.91 49.72
N ILE B 159 -61.65 0.17 49.24
CA ILE B 159 -62.40 0.16 47.98
C ILE B 159 -61.83 1.25 47.08
N LEU B 160 -61.53 0.88 45.83
CA LEU B 160 -61.06 1.82 44.81
C LEU B 160 -62.10 1.93 43.70
N LEU B 161 -62.60 3.15 43.50
CA LEU B 161 -63.51 3.46 42.39
C LEU B 161 -62.68 3.88 41.19
N ALA B 162 -62.80 3.15 40.08
CA ALA B 162 -62.00 3.43 38.88
C ALA B 162 -62.80 3.01 37.65
N THR B 163 -64.00 3.57 37.51
CA THR B 163 -64.91 3.16 36.44
C THR B 163 -64.81 4.04 35.21
N GLY B 164 -63.93 5.03 35.20
CA GLY B 164 -63.66 5.81 34.00
C GLY B 164 -64.75 6.85 33.72
N SER B 165 -64.89 7.20 32.44
CA SER B 165 -65.89 8.15 31.98
C SER B 165 -66.69 7.56 30.82
N TRP B 166 -67.54 8.37 30.19
CA TRP B 166 -68.47 7.90 29.19
C TRP B 166 -68.82 9.10 28.31
N PRO B 167 -69.18 8.89 27.05
CA PRO B 167 -69.43 10.04 26.18
C PRO B 167 -70.67 10.83 26.61
N GLN B 168 -70.54 12.15 26.55
CA GLN B 168 -71.62 13.07 26.87
C GLN B 168 -72.46 13.30 25.62
N MET B 169 -73.77 13.18 25.75
CA MET B 169 -74.67 13.33 24.61
C MET B 169 -75.60 14.50 24.90
N PRO B 170 -75.68 15.51 24.05
CA PRO B 170 -76.52 16.68 24.36
C PRO B 170 -78.01 16.34 24.24
N ALA B 171 -78.82 17.09 24.99
CA ALA B 171 -80.26 16.84 25.06
C ALA B 171 -80.94 17.60 23.93
N ILE B 172 -80.83 17.05 22.72
CA ILE B 172 -81.47 17.64 21.55
C ILE B 172 -82.41 16.61 20.92
N PRO B 173 -83.50 17.04 20.30
CA PRO B 173 -84.32 16.10 19.53
C PRO B 173 -83.49 15.33 18.51
N GLY B 174 -83.64 14.01 18.51
CA GLY B 174 -82.94 13.17 17.57
C GLY B 174 -81.54 12.76 17.97
N ILE B 175 -81.15 13.00 19.22
CA ILE B 175 -79.84 12.58 19.70
C ILE B 175 -79.65 11.09 19.54
N GLU B 176 -80.77 10.33 19.53
CA GLU B 176 -80.69 8.89 19.40
C GLU B 176 -80.23 8.44 18.02
N HIS B 177 -80.20 9.34 17.04
CA HIS B 177 -79.72 9.01 15.70
C HIS B 177 -78.25 9.36 15.51
N CYS B 178 -77.56 9.74 16.57
CA CYS B 178 -76.13 10.04 16.57
C CYS B 178 -75.37 8.91 17.24
N ILE B 179 -74.06 8.84 16.95
CA ILE B 179 -73.18 7.87 17.58
C ILE B 179 -72.14 8.62 18.41
N SER B 180 -71.35 7.86 19.16
CA SER B 180 -70.17 8.37 19.84
C SER B 180 -68.95 7.66 19.29
N SER B 181 -67.78 7.99 19.86
CA SER B 181 -66.55 7.32 19.45
C SER B 181 -66.63 5.82 19.67
N ASN B 182 -67.40 5.37 20.67
CA ASN B 182 -67.56 3.93 20.93
C ASN B 182 -67.99 3.18 19.67
N GLU B 183 -69.05 3.66 19.04
CA GLU B 183 -69.59 3.02 17.84
C GLU B 183 -68.72 3.25 16.62
N ALA B 184 -68.02 4.40 16.57
CA ALA B 184 -67.17 4.69 15.42
C ALA B 184 -66.12 3.61 15.22
N PHE B 185 -65.61 3.03 16.31
CA PHE B 185 -64.62 1.96 16.20
C PHE B 185 -65.16 0.70 15.55
N TYR B 186 -66.48 0.57 15.34
CA TYR B 186 -67.04 -0.68 14.84
C TYR B 186 -67.95 -0.48 13.63
N LEU B 187 -67.90 0.69 13.00
CA LEU B 187 -68.74 0.91 11.81
C LEU B 187 -68.44 -0.15 10.76
N PRO B 188 -69.46 -0.83 10.22
CA PRO B 188 -69.21 -1.81 9.14
C PRO B 188 -68.52 -1.20 7.93
N GLU B 189 -68.88 0.02 7.55
CA GLU B 189 -68.38 0.66 6.36
C GLU B 189 -67.86 2.04 6.73
N PRO B 190 -66.88 2.57 6.00
CA PRO B 190 -66.43 3.94 6.28
C PRO B 190 -67.47 4.92 5.80
N PRO B 191 -67.88 5.88 6.64
CA PRO B 191 -68.93 6.80 6.22
C PRO B 191 -68.47 7.66 5.06
N ARG B 192 -69.37 7.86 4.10
CA ARG B 192 -69.04 8.70 2.95
C ARG B 192 -69.12 10.18 3.31
N ARG B 193 -70.17 10.57 4.03
CA ARG B 193 -70.31 11.92 4.55
C ARG B 193 -70.48 11.77 6.06
N VAL B 194 -69.67 12.49 6.82
CA VAL B 194 -69.76 12.39 8.27
C VAL B 194 -69.59 13.78 8.89
N LEU B 195 -70.35 14.04 9.94
CA LEU B 195 -70.18 15.20 10.78
C LEU B 195 -69.64 14.75 12.13
N THR B 196 -68.48 15.29 12.53
CA THR B 196 -67.98 15.11 13.90
C THR B 196 -68.28 16.39 14.68
N VAL B 197 -68.98 16.23 15.80
CA VAL B 197 -69.44 17.36 16.62
C VAL B 197 -68.52 17.49 17.82
N GLY B 198 -67.79 18.60 17.88
CA GLY B 198 -66.95 18.92 19.02
C GLY B 198 -65.60 19.46 18.57
N GLY B 199 -65.01 20.31 19.40
CA GLY B 199 -63.72 20.91 19.10
C GLY B 199 -62.53 20.21 19.73
N GLY B 200 -62.74 19.14 20.47
CA GLY B 200 -61.69 18.55 21.27
C GLY B 200 -60.94 17.47 20.52
N PHE B 201 -60.00 16.83 21.23
CA PHE B 201 -59.05 15.97 20.52
C PHE B 201 -59.74 14.78 19.87
N ILE B 202 -60.79 14.23 20.48
CA ILE B 202 -61.42 13.05 19.92
C ILE B 202 -62.10 13.37 18.59
N SER B 203 -62.85 14.48 18.55
CA SER B 203 -63.48 14.90 17.31
C SER B 203 -62.44 15.17 16.22
N VAL B 204 -61.36 15.88 16.58
CA VAL B 204 -60.32 16.22 15.62
C VAL B 204 -59.61 14.98 15.11
N GLU B 205 -59.35 14.02 16.01
CA GLU B 205 -58.64 12.81 15.61
C GLU B 205 -59.48 11.95 14.67
N PHE B 206 -60.77 11.76 14.99
CA PHE B 206 -61.61 10.96 14.12
C PHE B 206 -61.88 11.66 12.80
N ALA B 207 -61.95 13.00 12.80
CA ALA B 207 -62.06 13.72 11.53
C ALA B 207 -60.92 13.31 10.59
N GLY B 208 -59.69 13.26 11.10
CA GLY B 208 -58.58 12.83 10.24
C GLY B 208 -58.71 11.38 9.81
N ILE B 209 -59.23 10.51 10.69
CA ILE B 209 -59.37 9.10 10.34
C ILE B 209 -60.40 8.93 9.23
N PHE B 210 -61.59 9.48 9.41
CA PHE B 210 -62.64 9.38 8.40
C PHE B 210 -62.21 10.04 7.10
N ASN B 211 -61.42 11.11 7.17
CA ASN B 211 -61.01 11.81 5.95
C ASN B 211 -60.15 10.94 5.05
N ALA B 212 -59.31 10.08 5.63
CA ALA B 212 -58.46 9.22 4.80
C ALA B 212 -59.22 8.01 4.26
N TYR B 213 -60.13 7.44 5.03
CA TYR B 213 -60.77 6.20 4.61
C TYR B 213 -62.12 6.41 3.93
N LYS B 214 -62.52 7.66 3.65
CA LYS B 214 -63.82 7.91 3.04
C LYS B 214 -63.85 7.41 1.60
N PRO B 215 -64.98 6.85 1.16
CA PRO B 215 -65.13 6.42 -0.24
C PRO B 215 -65.06 7.60 -1.19
N PRO B 216 -64.93 7.36 -2.51
CA PRO B 216 -64.90 8.47 -3.47
C PRO B 216 -66.14 9.36 -3.39
N GLY B 217 -65.93 10.67 -3.57
CA GLY B 217 -66.97 11.65 -3.40
C GLY B 217 -67.23 12.08 -1.97
N GLY B 218 -66.52 11.50 -0.99
CA GLY B 218 -66.86 11.74 0.40
C GLY B 218 -66.48 13.11 0.92
N LYS B 219 -66.87 13.39 2.17
CA LYS B 219 -66.63 14.68 2.78
C LYS B 219 -66.77 14.55 4.29
N VAL B 220 -65.74 14.98 5.03
CA VAL B 220 -65.80 15.09 6.48
C VAL B 220 -66.03 16.54 6.85
N THR B 221 -66.99 16.79 7.73
CA THR B 221 -67.25 18.08 8.34
C THR B 221 -67.08 17.97 9.86
N LEU B 222 -66.36 18.92 10.43
CA LEU B 222 -66.25 19.04 11.86
C LEU B 222 -66.92 20.33 12.27
N CYS B 223 -67.77 20.28 13.29
CA CYS B 223 -68.40 21.50 13.77
C CYS B 223 -68.06 21.72 15.23
N TYR B 224 -68.02 22.99 15.61
CA TYR B 224 -67.69 23.36 16.98
C TYR B 224 -68.45 24.63 17.32
N ARG B 225 -69.05 24.67 18.51
CA ARG B 225 -70.00 25.72 18.85
C ARG B 225 -69.33 27.08 19.06
N ASN B 226 -68.05 27.12 19.36
CA ASN B 226 -67.37 28.40 19.53
C ASN B 226 -66.46 28.68 18.34
N ASN B 227 -65.59 29.66 18.49
CA ASN B 227 -64.93 30.28 17.35
C ASN B 227 -63.67 29.56 16.89
N LEU B 228 -63.04 28.75 17.74
CA LEU B 228 -61.76 28.15 17.39
C LEU B 228 -61.62 26.80 18.10
N ILE B 229 -61.29 25.74 17.36
CA ILE B 229 -61.25 24.40 17.93
C ILE B 229 -60.12 24.24 18.94
N LEU B 230 -60.16 23.13 19.69
CA LEU B 230 -59.06 22.68 20.54
C LEU B 230 -58.75 23.68 21.67
N ARG B 231 -59.82 24.07 22.39
CA ARG B 231 -59.66 24.92 23.56
CA ARG B 231 -59.63 24.94 23.54
C ARG B 231 -58.73 24.28 24.56
N GLY B 232 -57.84 25.07 25.15
CA GLY B 232 -56.89 24.59 26.14
C GLY B 232 -55.51 24.34 25.58
N PHE B 233 -55.38 24.28 24.27
CA PHE B 233 -54.10 24.17 23.59
C PHE B 233 -53.63 25.54 23.14
N ASP B 234 -52.35 25.63 22.80
CA ASP B 234 -51.72 26.86 22.31
C ASP B 234 -52.50 27.48 21.15
N GLU B 235 -52.69 28.81 21.21
CA GLU B 235 -53.58 29.45 20.23
C GLU B 235 -52.97 29.45 18.83
N THR B 236 -51.67 29.71 18.71
CA THR B 236 -51.03 29.60 17.40
C THR B 236 -51.28 28.23 16.80
N ILE B 237 -51.16 27.19 17.63
CA ILE B 237 -51.30 25.84 17.12
C ILE B 237 -52.75 25.53 16.78
N ARG B 238 -53.69 26.04 17.59
CA ARG B 238 -55.11 25.88 17.29
C ARG B 238 -55.44 26.45 15.90
N GLU B 239 -54.91 27.63 15.59
CA GLU B 239 -55.16 28.22 14.28
C GLU B 239 -54.46 27.45 13.19
N GLU B 240 -53.23 27.01 13.44
CA GLU B 240 -52.46 26.30 12.41
C GLU B 240 -53.08 24.94 12.12
N VAL B 241 -53.48 24.21 13.15
CA VAL B 241 -54.03 22.89 12.86
C VAL B 241 -55.37 23.03 12.15
N THR B 242 -56.13 24.09 12.46
CA THR B 242 -57.33 24.40 11.69
C THR B 242 -57.00 24.54 10.21
N LYS B 243 -55.95 25.29 9.92
CA LYS B 243 -55.54 25.53 8.53
C LYS B 243 -55.12 24.24 7.84
N GLN B 244 -54.38 23.39 8.56
CA GLN B 244 -53.81 22.21 7.91
C GLN B 244 -54.86 21.10 7.72
N LEU B 245 -55.88 21.04 8.60
CA LEU B 245 -57.00 20.13 8.37
C LEU B 245 -57.79 20.57 7.16
N THR B 246 -58.07 21.87 7.05
CA THR B 246 -58.75 22.39 5.88
C THR B 246 -57.97 22.11 4.60
N ALA B 247 -56.65 22.28 4.64
CA ALA B 247 -55.82 22.00 3.47
C ALA B 247 -55.92 20.54 3.04
N ASN B 248 -56.30 19.63 3.95
CA ASN B 248 -56.42 18.21 3.60
C ASN B 248 -57.86 17.82 3.34
N GLY B 249 -58.75 18.79 3.15
CA GLY B 249 -60.09 18.51 2.66
C GLY B 249 -61.18 18.44 3.70
N ILE B 250 -60.87 18.73 4.95
CA ILE B 250 -61.86 18.69 6.03
C ILE B 250 -62.50 20.06 6.17
N GLU B 251 -63.82 20.11 6.19
CA GLU B 251 -64.57 21.35 6.41
C GLU B 251 -64.72 21.63 7.91
N ILE B 252 -64.22 22.76 8.37
CA ILE B 252 -64.34 23.17 9.76
C ILE B 252 -65.48 24.20 9.86
N MET B 253 -66.56 23.85 10.55
CA MET B 253 -67.68 24.78 10.79
C MET B 253 -67.58 25.28 12.22
N THR B 254 -67.06 26.47 12.41
CA THR B 254 -67.03 27.07 13.74
C THR B 254 -68.27 27.92 13.99
N ASN B 255 -68.53 28.19 15.28
CA ASN B 255 -69.72 28.91 15.75
C ASN B 255 -71.01 28.25 15.27
N GLU B 256 -71.02 26.92 15.21
CA GLU B 256 -72.20 26.16 14.82
C GLU B 256 -72.42 25.01 15.77
N ASN B 257 -73.69 24.70 16.03
CA ASN B 257 -74.03 23.66 16.99
C ASN B 257 -75.32 22.98 16.56
N PRO B 258 -75.37 21.65 16.50
CA PRO B 258 -76.61 20.98 16.12
C PRO B 258 -77.76 21.30 17.08
N ALA B 259 -78.91 21.63 16.51
CA ALA B 259 -80.15 21.83 17.25
C ALA B 259 -81.07 20.61 17.20
N LYS B 260 -81.08 19.85 16.10
CA LYS B 260 -81.82 18.60 16.04
C LYS B 260 -81.27 17.75 14.90
N VAL B 261 -81.55 16.45 14.99
CA VAL B 261 -81.20 15.46 13.97
C VAL B 261 -82.44 14.63 13.67
N SER B 262 -82.67 14.36 12.38
CA SER B 262 -83.81 13.53 11.97
C SER B 262 -83.34 12.51 10.94
N LEU B 263 -84.14 11.44 10.79
CA LEU B 263 -83.83 10.33 9.91
C LEU B 263 -84.34 10.61 8.50
N ASN B 264 -83.49 10.38 7.50
CA ASN B 264 -83.91 10.50 6.10
C ASN B 264 -84.39 9.14 5.60
N THR B 265 -85.19 9.15 4.53
CA THR B 265 -85.75 7.88 4.04
C THR B 265 -84.66 6.91 3.57
N ASP B 266 -83.50 7.42 3.15
CA ASP B 266 -82.41 6.54 2.71
C ASP B 266 -81.49 6.09 3.85
N GLY B 267 -81.82 6.40 5.10
CA GLY B 267 -80.99 6.01 6.23
C GLY B 267 -79.99 7.05 6.67
N SER B 268 -79.74 8.09 5.88
CA SER B 268 -78.84 9.15 6.29
C SER B 268 -79.51 10.06 7.32
N LYS B 269 -78.77 11.04 7.82
CA LYS B 269 -79.22 11.95 8.88
C LYS B 269 -79.30 13.37 8.35
N HIS B 270 -80.36 14.06 8.76
CA HIS B 270 -80.60 15.47 8.44
C HIS B 270 -80.32 16.28 9.71
N VAL B 271 -79.23 17.05 9.71
CA VAL B 271 -78.82 17.84 10.87
C VAL B 271 -79.31 19.27 10.66
N THR B 272 -79.99 19.83 11.66
CA THR B 272 -80.35 21.24 11.66
C THR B 272 -79.55 21.93 12.75
N PHE B 273 -78.86 23.01 12.40
CA PHE B 273 -78.04 23.75 13.35
C PHE B 273 -78.84 24.87 13.98
N GLU B 274 -78.34 25.37 15.12
CA GLU B 274 -79.02 26.48 15.79
C GLU B 274 -79.14 27.70 14.89
N SER B 275 -78.20 27.87 13.95
CA SER B 275 -78.21 28.99 13.03
C SER B 275 -79.26 28.87 11.94
N GLY B 276 -79.90 27.71 11.81
CA GLY B 276 -80.80 27.45 10.72
C GLY B 276 -80.20 26.67 9.56
N LYS B 277 -78.87 26.61 9.48
N LYS B 277 -78.87 26.59 9.49
N LYS B 277 -78.87 26.61 9.48
N LYS B 277 -78.87 26.59 9.49
CA LYS B 277 -78.24 25.83 8.42
CA LYS B 277 -78.22 25.83 8.44
CA LYS B 277 -78.24 25.83 8.42
CA LYS B 277 -78.22 25.82 8.45
C LYS B 277 -78.53 24.34 8.60
C LYS B 277 -78.53 24.34 8.59
C LYS B 277 -78.53 24.34 8.60
C LYS B 277 -78.54 24.34 8.60
N THR B 278 -78.49 23.61 7.49
CA THR B 278 -78.75 22.17 7.49
C THR B 278 -77.64 21.43 6.77
N LEU B 279 -77.51 20.14 7.08
CA LEU B 279 -76.48 19.29 6.49
C LEU B 279 -76.96 17.86 6.52
N ASP B 280 -76.90 17.16 5.37
CA ASP B 280 -77.20 15.73 5.30
C ASP B 280 -75.90 14.93 5.32
N VAL B 281 -75.79 14.01 6.29
CA VAL B 281 -74.61 13.15 6.41
C VAL B 281 -75.04 11.72 6.64
N ASP B 282 -74.11 10.79 6.44
CA ASP B 282 -74.39 9.40 6.74
C ASP B 282 -74.26 9.10 8.24
N VAL B 283 -73.34 9.77 8.93
CA VAL B 283 -73.06 9.51 10.34
C VAL B 283 -72.86 10.85 11.03
N VAL B 284 -73.41 10.98 12.24
CA VAL B 284 -73.19 12.13 13.13
C VAL B 284 -72.52 11.57 14.38
N MET B 285 -71.26 11.91 14.59
CA MET B 285 -70.50 11.43 15.75
C MET B 285 -70.39 12.58 16.76
N MET B 286 -71.03 12.40 17.92
CA MET B 286 -70.98 13.38 19.00
C MET B 286 -69.70 13.17 19.80
N ALA B 287 -68.83 14.17 19.84
CA ALA B 287 -67.61 14.10 20.60
C ALA B 287 -67.44 15.41 21.37
N ILE B 288 -68.43 15.75 22.18
CA ILE B 288 -68.46 17.05 22.83
C ILE B 288 -67.94 17.02 24.26
N GLY B 289 -67.61 15.84 24.78
CA GLY B 289 -67.20 15.74 26.17
C GLY B 289 -67.34 14.33 26.67
N ARG B 290 -66.65 14.05 27.76
CA ARG B 290 -66.82 12.80 28.47
C ARG B 290 -67.05 13.10 29.95
N ILE B 291 -67.94 12.33 30.57
CA ILE B 291 -68.37 12.61 31.94
C ILE B 291 -68.05 11.44 32.87
N PRO B 292 -67.78 11.70 34.15
CA PRO B 292 -67.44 10.61 35.08
C PRO B 292 -68.55 9.57 35.16
N ARG B 293 -68.15 8.31 35.27
CA ARG B 293 -69.09 7.18 35.20
C ARG B 293 -69.47 6.76 36.62
N THR B 294 -70.40 7.53 37.20
CA THR B 294 -70.78 7.36 38.61
C THR B 294 -72.16 6.76 38.83
N ASN B 295 -73.00 6.65 37.80
CA ASN B 295 -74.42 6.42 38.05
C ASN B 295 -74.71 5.00 38.52
N ASP B 296 -73.92 4.02 38.12
CA ASP B 296 -74.22 2.63 38.46
C ASP B 296 -73.58 2.18 39.76
N LEU B 297 -72.86 3.06 40.45
CA LEU B 297 -72.09 2.66 41.62
C LEU B 297 -72.89 2.74 42.93
N GLN B 298 -74.05 3.38 42.93
CA GLN B 298 -74.88 3.52 44.12
C GLN B 298 -74.12 4.25 45.23
N LEU B 299 -73.45 5.36 44.86
CA LEU B 299 -72.68 6.11 45.84
C LEU B 299 -73.54 6.61 47.00
N GLY B 300 -74.85 6.67 46.82
CA GLY B 300 -75.72 7.11 47.90
C GLY B 300 -75.86 6.09 49.02
N ASN B 301 -75.60 4.82 48.74
CA ASN B 301 -75.64 3.80 49.78
C ASN B 301 -74.64 4.09 50.89
N VAL B 302 -73.52 4.74 50.57
CA VAL B 302 -72.49 5.02 51.55
C VAL B 302 -72.19 6.50 51.71
N GLY B 303 -72.72 7.36 50.84
CA GLY B 303 -72.52 8.78 50.98
C GLY B 303 -71.24 9.37 50.42
N VAL B 304 -70.69 8.77 49.35
CA VAL B 304 -69.53 9.36 48.70
C VAL B 304 -69.93 10.67 48.04
N LYS B 305 -69.25 11.74 48.40
CA LYS B 305 -69.59 13.07 47.90
C LYS B 305 -69.08 13.29 46.47
N LEU B 306 -69.89 13.94 45.65
CA LEU B 306 -69.47 14.36 44.31
C LEU B 306 -69.22 15.86 44.28
N THR B 307 -68.45 16.28 43.28
CA THR B 307 -68.26 17.69 42.98
C THR B 307 -69.47 18.20 42.20
N PRO B 308 -69.62 19.53 42.07
CA PRO B 308 -70.71 20.06 41.22
C PRO B 308 -70.70 19.47 39.82
N LYS B 309 -69.52 19.22 39.25
CA LYS B 309 -69.42 18.76 37.88
C LYS B 309 -69.71 17.28 37.72
N GLY B 310 -69.78 16.51 38.81
CA GLY B 310 -70.13 15.10 38.75
C GLY B 310 -68.98 14.14 39.02
N GLY B 311 -67.75 14.62 39.17
CA GLY B 311 -66.68 13.74 39.59
C GLY B 311 -66.82 13.33 41.03
N VAL B 312 -66.19 12.20 41.39
CA VAL B 312 -66.03 11.85 42.79
C VAL B 312 -65.00 12.78 43.40
N GLN B 313 -65.39 13.49 44.45
CA GLN B 313 -64.45 14.40 45.11
C GLN B 313 -63.34 13.61 45.77
N VAL B 314 -62.09 14.09 45.62
CA VAL B 314 -60.93 13.45 46.23
C VAL B 314 -59.99 14.52 46.75
N ASP B 315 -59.18 14.15 47.73
CA ASP B 315 -58.04 14.96 48.11
C ASP B 315 -56.83 14.59 47.25
N GLU B 316 -55.71 15.28 47.47
CA GLU B 316 -54.49 15.03 46.70
C GLU B 316 -54.00 13.61 46.79
N PHE B 317 -54.49 12.82 47.75
CA PHE B 317 -54.11 11.42 47.89
C PHE B 317 -55.18 10.46 47.42
N SER B 318 -56.19 10.95 46.70
CA SER B 318 -57.23 10.13 46.07
C SER B 318 -58.24 9.57 47.06
N ARG B 319 -58.34 10.15 48.26
CA ARG B 319 -59.29 9.70 49.27
C ARG B 319 -60.60 10.47 49.17
N THR B 320 -61.71 9.75 49.25
CA THR B 320 -63.02 10.37 49.27
C THR B 320 -63.33 10.88 50.68
N ASN B 321 -64.57 11.34 50.89
CA ASN B 321 -65.01 11.73 52.23
C ASN B 321 -65.25 10.51 53.12
N VAL B 322 -65.45 9.35 52.53
CA VAL B 322 -65.69 8.12 53.28
C VAL B 322 -64.34 7.46 53.52
N PRO B 323 -63.92 7.27 54.77
CA PRO B 323 -62.65 6.58 55.03
C PRO B 323 -62.66 5.21 54.38
N ASN B 324 -61.50 4.82 53.82
CA ASN B 324 -61.15 3.57 53.15
CA ASN B 324 -61.26 3.50 53.22
C ASN B 324 -61.80 3.39 51.79
N ILE B 325 -62.39 4.46 51.23
CA ILE B 325 -62.88 4.45 49.85
C ILE B 325 -62.11 5.49 49.06
N TYR B 326 -61.58 5.11 47.90
CA TYR B 326 -60.72 5.95 47.09
C TYR B 326 -61.23 6.00 45.65
N ALA B 327 -60.81 7.04 44.94
CA ALA B 327 -61.15 7.18 43.52
C ALA B 327 -59.97 7.73 42.75
N ILE B 328 -59.71 7.18 41.57
CA ILE B 328 -58.65 7.61 40.68
C ILE B 328 -59.17 7.61 39.24
N GLY B 329 -58.46 8.32 38.36
CA GLY B 329 -58.75 8.23 36.93
C GLY B 329 -59.88 9.17 36.52
N ASP B 330 -60.47 8.88 35.35
CA ASP B 330 -61.45 9.81 34.75
C ASP B 330 -62.63 10.07 35.67
N ILE B 331 -62.91 9.16 36.61
CA ILE B 331 -64.07 9.35 37.50
C ILE B 331 -63.89 10.55 38.40
N THR B 332 -62.65 11.02 38.59
CA THR B 332 -62.42 12.22 39.39
C THR B 332 -62.49 13.49 38.55
N ASP B 333 -62.70 13.37 37.24
CA ASP B 333 -63.03 14.50 36.37
C ASP B 333 -61.93 15.56 36.42
N ARG B 334 -60.69 15.11 36.22
CA ARG B 334 -59.54 16.01 36.26
C ARG B 334 -58.83 15.88 34.91
N LEU B 335 -57.55 15.53 34.90
CA LEU B 335 -56.87 15.20 33.64
C LEU B 335 -57.30 13.80 33.20
N MET B 336 -57.97 13.71 32.06
CA MET B 336 -58.46 12.42 31.56
C MET B 336 -57.42 11.87 30.58
N LEU B 337 -56.37 11.29 31.14
CA LEU B 337 -55.26 10.71 30.40
C LEU B 337 -54.92 9.35 31.02
N THR B 338 -54.58 8.38 30.19
CA THR B 338 -54.23 7.06 30.72
C THR B 338 -53.00 7.09 31.62
N PRO B 339 -51.88 7.73 31.27
CA PRO B 339 -50.72 7.71 32.18
C PRO B 339 -50.95 8.47 33.50
N VAL B 340 -51.87 9.41 33.54
CA VAL B 340 -52.20 10.05 34.82
C VAL B 340 -52.96 9.08 35.72
N ALA B 341 -53.87 8.30 35.12
CA ALA B 341 -54.62 7.33 35.91
C ALA B 341 -53.70 6.25 36.47
N ILE B 342 -52.76 5.79 35.65
CA ILE B 342 -51.76 4.82 36.09
C ILE B 342 -50.95 5.40 37.24
N ASN B 343 -50.50 6.65 37.09
CA ASN B 343 -49.72 7.29 38.15
C ASN B 343 -50.51 7.39 39.45
N GLU B 344 -51.79 7.80 39.35
CA GLU B 344 -52.64 7.92 40.54
C GLU B 344 -52.83 6.57 41.23
N GLY B 345 -53.07 5.51 40.45
CA GLY B 345 -53.23 4.20 41.03
C GLY B 345 -51.99 3.75 41.79
N ALA B 346 -50.82 4.00 41.23
CA ALA B 346 -49.59 3.55 41.88
C ALA B 346 -49.33 4.34 43.15
N ALA B 347 -49.51 5.66 43.08
CA ALA B 347 -49.33 6.50 44.27
C ALA B 347 -50.27 6.06 45.39
N LEU B 348 -51.51 5.73 45.06
CA LEU B 348 -52.50 5.31 46.04
C LEU B 348 -52.03 4.10 46.83
N VAL B 349 -51.64 3.04 46.11
CA VAL B 349 -51.20 1.80 46.75
C VAL B 349 -49.94 2.03 47.58
N ASP B 350 -49.01 2.84 47.08
CA ASP B 350 -47.82 3.14 47.87
C ASP B 350 -48.17 3.86 49.16
N THR B 351 -49.22 4.67 49.15
CA THR B 351 -49.66 5.39 50.35
C THR B 351 -50.35 4.46 51.32
N VAL B 352 -51.25 3.61 50.81
CA VAL B 352 -52.10 2.80 51.67
C VAL B 352 -51.34 1.58 52.18
N PHE B 353 -50.69 0.84 51.29
CA PHE B 353 -50.12 -0.45 51.62
C PHE B 353 -48.61 -0.43 51.85
N GLY B 354 -47.95 0.71 51.69
CA GLY B 354 -46.56 0.85 52.04
C GLY B 354 -46.38 2.05 52.95
N ASN B 355 -45.16 2.19 53.48
CA ASN B 355 -44.85 3.33 54.32
C ASN B 355 -44.31 4.47 53.45
N LYS B 356 -45.17 4.93 52.54
CA LYS B 356 -44.77 5.77 51.43
C LYS B 356 -45.95 6.63 50.98
N PRO B 357 -46.28 7.68 51.72
CA PRO B 357 -47.27 8.63 51.22
C PRO B 357 -46.77 9.26 49.93
N ARG B 358 -47.58 9.18 48.89
CA ARG B 358 -47.20 9.66 47.57
C ARG B 358 -48.41 10.25 46.87
N LYS B 359 -48.26 11.46 46.34
CA LYS B 359 -49.33 12.13 45.60
C LYS B 359 -48.88 12.38 44.17
N THR B 360 -49.83 12.24 43.25
CA THR B 360 -49.57 12.49 41.84
C THR B 360 -49.44 13.98 41.57
N ASP B 361 -48.46 14.34 40.74
CA ASP B 361 -48.27 15.71 40.30
C ASP B 361 -49.05 15.91 39.01
N HIS B 362 -50.07 16.75 39.04
CA HIS B 362 -50.90 17.00 37.85
C HIS B 362 -50.44 18.22 37.06
N THR B 363 -49.36 18.86 37.45
CA THR B 363 -48.80 19.94 36.64
C THR B 363 -47.76 19.36 35.67
N ARG B 364 -47.51 20.10 34.60
CA ARG B 364 -46.43 19.80 33.66
C ARG B 364 -46.54 18.37 33.10
N VAL B 365 -47.75 17.92 32.85
CA VAL B 365 -47.98 16.60 32.27
C VAL B 365 -47.92 16.72 30.75
N ALA B 366 -47.02 15.99 30.13
CA ALA B 366 -46.95 16.01 28.67
C ALA B 366 -48.11 15.20 28.08
N SER B 367 -48.62 15.64 26.94
CA SER B 367 -49.71 14.96 26.26
C SER B 367 -49.65 15.28 24.76
N ALA B 368 -50.56 14.66 24.01
CA ALA B 368 -50.50 14.73 22.56
C ALA B 368 -51.91 14.71 21.98
N VAL B 369 -52.01 15.21 20.75
CA VAL B 369 -53.19 15.05 19.89
C VAL B 369 -52.71 14.40 18.60
N PHE B 370 -53.26 13.24 18.27
CA PHE B 370 -52.86 12.58 17.03
C PHE B 370 -53.72 13.01 15.85
N SER B 371 -53.86 14.33 15.74
CA SER B 371 -54.30 14.94 14.50
C SER B 371 -53.26 14.72 13.42
N ILE B 372 -53.66 14.99 12.18
CA ILE B 372 -52.73 14.95 11.06
C ILE B 372 -52.58 16.37 10.54
N PRO B 373 -51.45 17.04 10.80
CA PRO B 373 -50.29 16.60 11.60
C PRO B 373 -50.55 16.72 13.10
N PRO B 374 -49.75 16.07 13.94
CA PRO B 374 -50.06 15.98 15.38
C PRO B 374 -49.48 17.10 16.24
N ILE B 375 -49.94 17.11 17.50
CA ILE B 375 -49.56 18.09 18.51
C ILE B 375 -48.88 17.37 19.67
N GLY B 376 -47.81 17.97 20.19
CA GLY B 376 -47.25 17.57 21.47
C GLY B 376 -47.07 18.79 22.35
N THR B 377 -47.43 18.65 23.63
CA THR B 377 -47.43 19.80 24.52
C THR B 377 -47.16 19.36 25.96
N CYS B 378 -46.57 20.29 26.73
CA CYS B 378 -46.30 20.07 28.15
C CYS B 378 -46.24 21.42 28.86
N GLY B 379 -47.02 21.57 29.93
CA GLY B 379 -46.97 22.80 30.71
C GLY B 379 -47.96 23.84 30.21
N LEU B 380 -47.73 25.09 30.62
CA LEU B 380 -48.75 26.13 30.51
C LEU B 380 -48.77 26.80 29.14
N ILE B 381 -49.99 27.08 28.64
CA ILE B 381 -50.10 27.99 27.50
C ILE B 381 -49.93 29.43 27.96
N GLU B 382 -49.58 30.31 27.02
CA GLU B 382 -49.09 31.65 27.39
C GLU B 382 -50.16 32.49 28.09
N GLU B 383 -51.44 32.35 27.73
CA GLU B 383 -52.45 33.19 28.39
C GLU B 383 -52.76 32.69 29.80
N VAL B 384 -52.54 31.42 30.10
CA VAL B 384 -52.64 30.98 31.49
C VAL B 384 -51.42 31.44 32.28
N ALA B 385 -50.22 31.32 31.71
CA ALA B 385 -49.02 31.84 32.37
C ALA B 385 -49.14 33.34 32.63
N ALA B 386 -49.71 34.09 31.69
CA ALA B 386 -49.80 35.54 31.83
C ALA B 386 -50.67 35.96 33.02
N LYS B 387 -51.56 35.11 33.50
CA LYS B 387 -52.32 35.42 34.70
C LYS B 387 -51.56 35.07 35.98
N GLU B 388 -50.57 34.19 35.90
CA GLU B 388 -49.85 33.72 37.07
C GLU B 388 -48.51 34.41 37.27
N PHE B 389 -47.94 35.03 36.24
CA PHE B 389 -46.60 35.63 36.31
C PHE B 389 -46.63 37.04 35.74
N GLU B 390 -45.83 37.93 36.32
CA GLU B 390 -45.88 39.33 35.89
C GLU B 390 -45.23 39.51 34.54
N LYS B 391 -44.16 38.77 34.25
CA LYS B 391 -43.46 38.89 32.97
C LYS B 391 -43.31 37.51 32.35
N VAL B 392 -43.87 37.34 31.15
CA VAL B 392 -43.86 36.08 30.40
C VAL B 392 -43.26 36.37 29.03
N ALA B 393 -42.33 35.53 28.59
CA ALA B 393 -41.80 35.61 27.25
C ALA B 393 -42.26 34.41 26.42
N VAL B 394 -42.54 34.64 25.13
CA VAL B 394 -42.91 33.59 24.19
C VAL B 394 -41.85 33.56 23.10
N TYR B 395 -41.20 32.41 22.94
CA TYR B 395 -40.27 32.15 21.85
C TYR B 395 -40.99 31.29 20.82
N MET B 396 -40.88 31.66 19.54
CA MET B 396 -41.70 31.05 18.50
C MET B 396 -40.89 30.79 17.24
N SER B 397 -41.11 29.62 16.64
CA SER B 397 -40.50 29.24 15.38
C SER B 397 -41.55 28.51 14.56
N SER B 398 -41.73 28.91 13.30
CA SER B 398 -42.81 28.37 12.47
C SER B 398 -42.39 28.45 11.01
N PHE B 399 -42.32 27.29 10.36
CA PHE B 399 -41.87 27.22 8.97
C PHE B 399 -42.32 25.88 8.40
N THR B 400 -42.39 25.79 7.08
CA THR B 400 -42.56 24.51 6.43
C THR B 400 -41.21 23.82 6.33
N PRO B 401 -41.04 22.62 6.89
CA PRO B 401 -39.76 21.91 6.76
C PRO B 401 -39.41 21.63 5.30
N LEU B 402 -38.11 21.58 5.04
CA LEU B 402 -37.62 21.35 3.69
C LEU B 402 -38.28 20.14 3.02
N MET B 403 -38.41 19.02 3.75
CA MET B 403 -38.97 17.83 3.13
C MET B 403 -40.38 18.06 2.58
N HIS B 404 -41.16 18.97 3.19
CA HIS B 404 -42.51 19.20 2.71
C HIS B 404 -42.60 20.26 1.63
N ASN B 405 -41.54 21.03 1.39
CA ASN B 405 -41.46 21.73 0.11
C ASN B 405 -41.27 20.74 -1.04
N ILE B 406 -40.60 19.61 -0.78
CA ILE B 406 -40.40 18.62 -1.85
C ILE B 406 -41.60 17.69 -1.96
N SER B 407 -42.16 17.27 -0.83
CA SER B 407 -43.33 16.39 -0.82
C SER B 407 -44.52 17.01 -1.53
N GLY B 408 -44.61 18.34 -1.55
CA GLY B 408 -45.78 19.02 -2.06
C GLY B 408 -46.80 19.42 -1.00
N SER B 409 -46.61 19.00 0.26
CA SER B 409 -47.51 19.43 1.34
C SER B 409 -46.97 20.70 1.98
N LYS B 410 -46.94 21.77 1.18
CA LYS B 410 -46.33 23.02 1.63
C LYS B 410 -47.09 23.65 2.78
N TYR B 411 -48.34 23.23 3.01
CA TYR B 411 -49.12 23.74 4.13
C TYR B 411 -48.66 23.20 5.47
N LYS B 412 -47.77 22.21 5.49
CA LYS B 412 -47.39 21.54 6.76
C LYS B 412 -46.26 22.31 7.45
N LYS B 413 -46.65 23.47 7.99
CA LYS B 413 -45.76 24.24 8.85
C LYS B 413 -45.55 23.52 10.18
N PHE B 414 -44.28 23.37 10.57
CA PHE B 414 -43.93 23.00 11.92
C PHE B 414 -44.00 24.23 12.81
N VAL B 415 -44.56 24.08 14.01
CA VAL B 415 -44.62 25.16 14.98
C VAL B 415 -43.97 24.69 16.27
N ALA B 416 -43.06 25.51 16.81
CA ALA B 416 -42.46 25.24 18.11
C ALA B 416 -42.51 26.52 18.93
N LYS B 417 -43.11 26.45 20.11
CA LYS B 417 -43.21 27.60 21.01
C LYS B 417 -42.76 27.22 22.42
N ILE B 418 -41.95 28.08 23.04
CA ILE B 418 -41.53 27.94 24.43
C ILE B 418 -42.04 29.16 25.20
N VAL B 419 -42.69 28.91 26.33
CA VAL B 419 -43.25 29.96 27.20
C VAL B 419 -42.41 29.97 28.47
N THR B 420 -41.88 31.14 28.86
CA THR B 420 -41.04 31.22 30.04
C THR B 420 -41.59 32.26 31.03
N ASN B 421 -41.24 32.07 32.30
CA ASN B 421 -41.22 33.17 33.25
C ASN B 421 -40.04 34.05 32.89
N HIS B 422 -40.29 35.22 32.33
CA HIS B 422 -39.16 36.03 31.86
C HIS B 422 -38.35 36.59 33.01
N SER B 423 -38.90 36.60 34.23
CA SER B 423 -38.15 37.11 35.37
C SER B 423 -36.94 36.27 35.69
N ASP B 424 -36.99 34.96 35.44
CA ASP B 424 -35.82 34.12 35.69
C ASP B 424 -35.55 33.10 34.57
N GLY B 425 -36.22 33.20 33.43
CA GLY B 425 -36.00 32.28 32.33
C GLY B 425 -36.60 30.89 32.46
N THR B 426 -37.33 30.60 33.53
CA THR B 426 -37.83 29.24 33.74
C THR B 426 -38.83 28.86 32.65
N VAL B 427 -38.65 27.68 32.07
CA VAL B 427 -39.59 27.21 31.05
C VAL B 427 -40.87 26.76 31.71
N LEU B 428 -41.98 27.43 31.36
CA LEU B 428 -43.32 27.14 31.85
C LEU B 428 -44.10 26.21 30.95
N GLY B 429 -43.87 26.27 29.64
CA GLY B 429 -44.62 25.46 28.71
C GLY B 429 -43.88 25.32 27.40
N VAL B 430 -44.12 24.20 26.71
CA VAL B 430 -43.56 23.93 25.39
C VAL B 430 -44.68 23.29 24.56
N HIS B 431 -44.90 23.81 23.35
CA HIS B 431 -46.03 23.42 22.50
C HIS B 431 -45.54 23.25 21.08
N LEU B 432 -45.88 22.11 20.46
CA LEU B 432 -45.33 21.68 19.19
C LEU B 432 -46.45 21.23 18.26
N LEU B 433 -46.31 21.55 16.98
CA LEU B 433 -47.18 21.01 15.94
C LEU B 433 -46.34 20.56 14.75
N GLY B 434 -46.54 19.31 14.32
CA GLY B 434 -45.80 18.76 13.21
C GLY B 434 -45.42 17.30 13.38
N ASP B 435 -44.97 16.66 12.29
CA ASP B 435 -44.53 15.28 12.35
C ASP B 435 -43.57 15.10 13.51
N GLY B 436 -43.82 14.09 14.34
CA GLY B 436 -42.94 13.77 15.43
C GLY B 436 -43.19 14.50 16.74
N ALA B 437 -44.10 15.47 16.76
CA ALA B 437 -44.32 16.27 17.97
C ALA B 437 -44.62 15.45 19.23
N PRO B 438 -45.46 14.40 19.20
CA PRO B 438 -45.65 13.60 20.43
C PRO B 438 -44.38 12.90 20.91
N GLU B 439 -43.49 12.47 20.00
CA GLU B 439 -42.25 11.83 20.41
C GLU B 439 -41.25 12.85 20.95
N ILE B 440 -41.16 14.02 20.31
CA ILE B 440 -40.24 15.08 20.76
C ILE B 440 -40.57 15.50 22.18
N ILE B 441 -41.86 15.58 22.52
CA ILE B 441 -42.24 16.27 23.74
C ILE B 441 -41.97 15.44 25.00
N GLN B 442 -41.82 14.12 24.89
CA GLN B 442 -41.70 13.30 26.09
C GLN B 442 -40.56 13.77 26.99
N ALA B 443 -39.35 13.90 26.44
CA ALA B 443 -38.24 14.28 27.31
C ALA B 443 -38.29 15.75 27.72
N VAL B 444 -39.07 16.56 27.01
CA VAL B 444 -39.36 17.91 27.50
C VAL B 444 -40.08 17.85 28.85
N GLY B 445 -40.93 16.85 29.03
CA GLY B 445 -41.55 16.64 30.33
C GLY B 445 -40.54 16.40 31.43
N VAL B 446 -39.45 15.68 31.12
CA VAL B 446 -38.39 15.49 32.09
C VAL B 446 -37.66 16.80 32.36
N CYS B 447 -37.41 17.59 31.30
CA CYS B 447 -36.74 18.89 31.45
C CYS B 447 -37.45 19.78 32.46
N LEU B 448 -38.78 19.84 32.37
CA LEU B 448 -39.56 20.70 33.24
C LEU B 448 -39.52 20.24 34.70
N ARG B 449 -39.14 19.00 34.96
N ARG B 449 -39.12 19.00 34.96
N ARG B 449 -39.14 19.00 34.96
N ARG B 449 -39.12 19.00 34.96
CA ARG B 449 -38.91 18.53 36.33
CA ARG B 449 -38.90 18.49 36.31
CA ARG B 449 -38.91 18.53 36.33
CA ARG B 449 -38.90 18.49 36.31
C ARG B 449 -37.54 18.90 36.87
C ARG B 449 -37.48 18.71 36.80
C ARG B 449 -37.54 18.90 36.87
C ARG B 449 -37.48 18.71 36.80
N LEU B 450 -36.65 19.42 36.02
CA LEU B 450 -35.32 19.82 36.43
C LEU B 450 -35.21 21.34 36.45
N ASN B 451 -36.34 22.02 36.46
CA ASN B 451 -36.43 23.47 36.36
C ASN B 451 -35.49 24.01 35.29
N ALA B 452 -35.72 23.50 34.08
CA ALA B 452 -34.96 23.94 32.93
C ALA B 452 -35.31 25.39 32.59
N LYS B 453 -34.30 26.13 32.17
CA LYS B 453 -34.46 27.50 31.71
C LYS B 453 -34.28 27.53 30.21
N ILE B 454 -34.75 28.63 29.59
CA ILE B 454 -34.60 28.77 28.15
C ILE B 454 -33.12 28.66 27.77
N SER B 455 -32.21 29.13 28.63
CA SER B 455 -30.78 29.03 28.33
C SER B 455 -30.27 27.59 28.39
N ASP B 456 -30.90 26.74 29.21
CA ASP B 456 -30.54 25.32 29.20
C ASP B 456 -30.88 24.67 27.87
N PHE B 457 -32.00 25.07 27.26
CA PHE B 457 -32.32 24.59 25.92
C PHE B 457 -31.37 25.12 24.86
N TYR B 458 -31.11 26.44 24.84
CA TYR B 458 -30.30 27.02 23.78
CA TYR B 458 -30.32 26.92 23.72
C TYR B 458 -28.82 26.67 23.90
N ASN B 459 -28.35 26.38 25.11
CA ASN B 459 -26.95 25.95 25.26
C ASN B 459 -26.74 24.47 25.01
N THR B 460 -27.81 23.69 24.81
CA THR B 460 -27.68 22.29 24.42
C THR B 460 -27.39 22.21 22.93
N ILE B 461 -26.48 21.31 22.55
CA ILE B 461 -26.10 21.15 21.15
C ILE B 461 -27.18 20.36 20.42
N GLY B 462 -27.56 20.83 19.21
CA GLY B 462 -28.65 20.21 18.49
C GLY B 462 -28.28 18.92 17.78
N VAL B 463 -29.30 18.12 17.48
CA VAL B 463 -29.19 16.95 16.61
C VAL B 463 -29.68 17.38 15.25
N HIS B 464 -28.85 17.23 14.22
CA HIS B 464 -29.12 17.83 12.92
C HIS B 464 -29.03 16.74 11.85
N PRO B 465 -29.97 16.71 10.91
CA PRO B 465 -31.19 17.52 10.77
C PRO B 465 -32.41 16.91 11.46
N THR B 466 -33.08 17.65 12.35
CA THR B 466 -34.35 17.23 12.94
C THR B 466 -35.26 18.44 13.06
N SER B 467 -36.55 18.18 13.29
CA SER B 467 -37.45 19.24 13.73
C SER B 467 -37.17 19.65 15.18
N ALA B 468 -36.80 18.67 16.01
CA ALA B 468 -36.63 18.91 17.44
C ALA B 468 -35.53 19.92 17.75
N GLU B 469 -34.49 20.01 16.90
CA GLU B 469 -33.39 20.93 17.18
C GLU B 469 -33.86 22.37 17.19
N GLU B 470 -35.04 22.65 16.64
CA GLU B 470 -35.61 23.99 16.73
C GLU B 470 -35.74 24.45 18.18
N LEU B 471 -35.99 23.51 19.11
CA LEU B 471 -36.13 23.85 20.52
C LEU B 471 -34.84 24.36 21.14
N CYS B 472 -33.69 24.04 20.54
CA CYS B 472 -32.40 24.47 21.05
C CYS B 472 -31.82 25.62 20.24
N SER B 473 -32.63 26.29 19.43
CA SER B 473 -32.16 27.38 18.59
C SER B 473 -32.84 28.70 18.86
N MET B 474 -33.67 28.81 19.89
CA MET B 474 -34.44 30.02 20.17
C MET B 474 -33.79 30.79 21.32
N ARG B 475 -33.23 31.96 20.99
CA ARG B 475 -32.57 32.85 21.93
C ARG B 475 -33.40 34.05 22.33
N THR B 476 -34.20 34.56 21.41
CA THR B 476 -34.77 35.89 21.54
C THR B 476 -36.29 35.79 21.52
N PRO B 477 -36.98 36.34 22.52
CA PRO B 477 -38.44 36.25 22.53
C PRO B 477 -39.04 36.90 21.28
N SER B 478 -40.17 36.36 20.84
CA SER B 478 -40.96 37.00 19.80
C SER B 478 -41.86 38.07 20.37
N TYR B 479 -42.35 37.89 21.58
CA TYR B 479 -43.22 38.87 22.23
C TYR B 479 -43.38 38.49 23.69
N TYR B 480 -44.12 39.31 24.42
CA TYR B 480 -44.21 39.19 25.87
C TYR B 480 -45.65 39.38 26.32
N TYR B 481 -45.92 38.96 27.56
CA TYR B 481 -47.07 39.42 28.33
C TYR B 481 -46.56 40.09 29.60
N VAL B 482 -47.02 41.32 29.85
CA VAL B 482 -46.66 42.07 31.04
C VAL B 482 -47.93 42.45 31.78
N LYS B 483 -48.03 42.01 33.04
CA LYS B 483 -49.25 42.16 33.84
C LYS B 483 -50.48 41.72 33.05
N GLY B 484 -50.32 40.66 32.25
CA GLY B 484 -51.43 40.08 31.54
C GLY B 484 -51.67 40.59 30.14
N GLU B 485 -50.94 41.59 29.68
CA GLU B 485 -51.21 42.19 28.37
C GLU B 485 -50.08 41.90 27.38
N LYS B 486 -50.48 41.56 26.17
CA LYS B 486 -49.56 41.10 25.12
C LYS B 486 -48.90 42.28 24.42
N MET B 487 -47.60 42.21 24.23
CA MET B 487 -46.87 43.33 23.65
C MET B 487 -45.57 42.84 23.04
N GLU B 488 -45.16 43.47 21.94
CA GLU B 488 -44.02 43.00 21.17
C GLU B 488 -42.70 43.26 21.89
N LYS B 489 -42.60 44.38 22.60
CA LYS B 489 -41.39 44.75 23.32
C LYS B 489 -41.74 45.04 24.77
N LEU B 490 -40.73 44.98 25.62
CA LEU B 490 -40.96 45.22 27.04
C LEU B 490 -41.13 46.72 27.33
N PRO B 491 -41.81 47.08 28.44
CA PRO B 491 -41.88 48.48 28.86
C PRO B 491 -40.51 49.02 29.28
N ASP B 492 -39.85 48.34 30.22
CA ASP B 492 -38.41 48.53 30.39
C ASP B 492 -37.68 47.37 29.75
N LYS C 6 14.43 -32.90 18.23
CA LYS C 6 15.49 -32.82 19.24
C LYS C 6 15.90 -31.36 19.45
N ALA C 7 17.00 -31.16 20.17
CA ALA C 7 17.58 -29.85 20.41
C ALA C 7 18.85 -29.73 19.58
N PHE C 8 19.22 -28.47 19.31
CA PHE C 8 20.35 -28.15 18.44
C PHE C 8 21.01 -26.87 18.92
N ASP C 9 22.31 -26.77 18.66
CA ASP C 9 23.00 -25.51 18.90
C ASP C 9 22.49 -24.42 17.96
N LEU C 10 22.20 -24.80 16.71
CA LEU C 10 21.89 -23.85 15.64
C LEU C 10 20.81 -24.43 14.75
N VAL C 11 19.77 -23.65 14.50
CA VAL C 11 18.76 -23.99 13.51
C VAL C 11 18.76 -22.91 12.43
N VAL C 12 19.01 -23.31 11.19
CA VAL C 12 19.03 -22.42 10.05
C VAL C 12 17.77 -22.66 9.23
N ILE C 13 16.97 -21.61 9.03
CA ILE C 13 15.84 -21.69 8.11
C ILE C 13 16.31 -21.14 6.77
N GLY C 14 16.44 -22.04 5.78
CA GLY C 14 16.94 -21.70 4.46
C GLY C 14 18.28 -22.34 4.15
N ALA C 15 18.27 -23.42 3.37
CA ALA C 15 19.49 -24.14 2.99
C ALA C 15 20.09 -23.52 1.71
N GLY C 16 20.39 -22.23 1.79
CA GLY C 16 20.84 -21.46 0.67
C GLY C 16 22.30 -21.06 0.77
N SER C 17 22.67 -20.02 0.00
CA SER C 17 24.05 -19.57 -0.04
C SER C 17 24.57 -19.26 1.36
N GLY C 18 23.87 -18.39 2.08
CA GLY C 18 24.33 -18.00 3.40
C GLY C 18 24.05 -19.06 4.45
N GLY C 19 22.87 -19.67 4.39
CA GLY C 19 22.51 -20.67 5.38
C GLY C 19 23.42 -21.88 5.35
N LEU C 20 23.73 -22.39 4.15
CA LEU C 20 24.61 -23.55 4.07
C LEU C 20 26.04 -23.21 4.51
N GLU C 21 26.52 -21.99 4.24
CA GLU C 21 27.84 -21.63 4.73
C GLU C 21 27.85 -21.62 6.25
N ALA C 22 26.83 -21.02 6.87
CA ALA C 22 26.81 -20.95 8.33
C ALA C 22 26.69 -22.34 8.95
N GLY C 23 25.81 -23.18 8.43
CA GLY C 23 25.62 -24.50 9.01
C GLY C 23 26.84 -25.40 8.87
N TRP C 24 27.48 -25.39 7.70
CA TRP C 24 28.70 -26.16 7.50
C TRP C 24 29.81 -25.70 8.45
N ASN C 25 29.97 -24.38 8.60
CA ASN C 25 31.04 -23.87 9.44
C ASN C 25 30.77 -24.20 10.91
N ALA C 26 29.53 -23.99 11.36
CA ALA C 26 29.17 -24.34 12.73
C ALA C 26 29.41 -25.82 13.02
N ALA C 27 28.99 -26.69 12.10
CA ALA C 27 29.15 -28.12 12.36
C ALA C 27 30.61 -28.57 12.26
N THR C 28 31.34 -28.09 11.26
CA THR C 28 32.63 -28.70 10.97
C THR C 28 33.80 -27.95 11.59
N LEU C 29 33.67 -26.65 11.81
CA LEU C 29 34.74 -25.89 12.43
C LEU C 29 34.60 -25.81 13.93
N TYR C 30 33.38 -25.84 14.44
CA TYR C 30 33.15 -25.67 15.86
C TYR C 30 32.43 -26.86 16.50
N GLY C 31 32.17 -27.92 15.74
CA GLY C 31 31.58 -29.12 16.31
C GLY C 31 30.21 -28.93 16.93
N LYS C 32 29.45 -27.95 16.46
CA LYS C 32 28.11 -27.76 16.99
C LYS C 32 27.12 -28.67 16.28
N ARG C 33 25.98 -28.91 16.95
CA ARG C 33 24.87 -29.69 16.40
C ARG C 33 23.92 -28.75 15.67
N VAL C 34 23.71 -28.99 14.39
CA VAL C 34 23.09 -28.01 13.48
C VAL C 34 21.92 -28.63 12.75
N ALA C 35 20.81 -27.91 12.67
CA ALA C 35 19.67 -28.24 11.84
C ALA C 35 19.51 -27.19 10.74
N VAL C 36 19.22 -27.65 9.51
CA VAL C 36 18.98 -26.77 8.37
C VAL C 36 17.68 -27.20 7.71
N VAL C 37 16.80 -26.23 7.43
CA VAL C 37 15.45 -26.49 6.92
C VAL C 37 15.32 -25.87 5.54
N ASP C 38 14.75 -26.62 4.60
CA ASP C 38 14.38 -26.08 3.28
C ASP C 38 13.17 -26.84 2.76
N VAL C 39 12.49 -26.21 1.79
CA VAL C 39 11.18 -26.69 1.33
C VAL C 39 11.26 -27.75 0.24
N GLN C 40 12.44 -27.98 -0.35
CA GLN C 40 12.59 -28.91 -1.46
C GLN C 40 14.02 -29.41 -1.45
N THR C 41 14.21 -30.65 -1.91
CA THR C 41 15.55 -31.22 -1.96
C THR C 41 16.25 -31.03 -3.30
N SER C 42 15.53 -30.65 -4.35
CA SER C 42 16.17 -30.37 -5.63
C SER C 42 15.35 -29.34 -6.41
N HIS C 43 15.91 -28.90 -7.54
CA HIS C 43 15.46 -27.70 -8.22
C HIS C 43 14.08 -27.87 -8.84
N GLY C 44 13.39 -26.75 -9.02
CA GLY C 44 12.29 -26.69 -9.95
C GLY C 44 10.93 -26.52 -9.32
N PRO C 45 9.88 -26.51 -10.14
CA PRO C 45 8.51 -26.44 -9.64
C PRO C 45 8.25 -27.57 -8.65
N PRO C 46 7.47 -27.32 -7.60
CA PRO C 46 6.67 -26.12 -7.32
C PRO C 46 7.38 -24.97 -6.65
N PHE C 47 8.44 -25.15 -5.86
CA PHE C 47 8.96 -24.05 -5.06
C PHE C 47 10.23 -23.41 -5.63
N TYR C 48 10.77 -23.96 -6.73
CA TYR C 48 11.86 -23.41 -7.54
C TYR C 48 13.20 -23.41 -6.82
N ALA C 49 13.38 -22.52 -5.85
CA ALA C 49 14.51 -22.67 -4.93
C ALA C 49 14.36 -23.95 -4.12
N ALA C 50 15.48 -24.44 -3.60
CA ALA C 50 15.52 -25.74 -2.94
C ALA C 50 16.84 -25.83 -2.19
N LEU C 51 17.17 -27.01 -1.67
CA LEU C 51 18.50 -27.29 -1.16
C LEU C 51 19.57 -26.76 -2.09
N GLY C 52 20.42 -25.87 -1.57
CA GLY C 52 21.41 -25.15 -2.36
C GLY C 52 21.15 -23.66 -2.40
N GLY C 53 19.89 -23.25 -2.37
CA GLY C 53 19.52 -21.84 -2.41
C GLY C 53 19.11 -21.39 -3.80
N THR C 54 18.83 -20.10 -3.89
CA THR C 54 18.35 -19.53 -5.15
C THR C 54 19.44 -19.54 -6.22
N CYS C 55 20.67 -19.20 -5.85
CA CYS C 55 21.77 -19.13 -6.80
C CYS C 55 21.99 -20.47 -7.50
N VAL C 56 22.03 -21.54 -6.71
CA VAL C 56 22.29 -22.87 -7.25
C VAL C 56 21.15 -23.31 -8.14
N ASN C 57 19.91 -23.02 -7.73
CA ASN C 57 18.77 -23.67 -8.38
C ASN C 57 18.14 -22.84 -9.48
N VAL C 58 17.94 -21.54 -9.26
CA VAL C 58 17.25 -20.69 -10.23
C VAL C 58 17.90 -19.31 -10.18
N GLY C 59 19.23 -19.26 -10.21
CA GLY C 59 19.97 -18.00 -10.09
C GLY C 59 21.32 -18.05 -10.81
N CYS C 60 22.38 -17.60 -10.12
CA CYS C 60 23.68 -17.43 -10.77
C CYS C 60 24.12 -18.67 -11.57
N VAL C 61 24.01 -19.84 -10.96
CA VAL C 61 24.61 -21.03 -11.58
C VAL C 61 23.89 -21.40 -12.88
N PRO C 62 22.57 -21.61 -12.89
CA PRO C 62 21.92 -21.93 -14.18
C PRO C 62 21.96 -20.79 -15.17
N LYS C 63 21.81 -19.55 -14.71
CA LYS C 63 21.77 -18.46 -15.69
C LYS C 63 23.13 -18.30 -16.36
N LYS C 64 24.23 -18.49 -15.62
CA LYS C 64 25.53 -18.35 -16.29
C LYS C 64 25.71 -19.42 -17.37
N LEU C 65 25.25 -20.63 -17.10
CA LEU C 65 25.30 -21.68 -18.12
C LEU C 65 24.49 -21.29 -19.35
N MET C 66 23.32 -20.68 -19.14
CA MET C 66 22.47 -20.29 -20.27
C MET C 66 23.04 -19.10 -21.03
N VAL C 67 23.65 -18.14 -20.31
CA VAL C 67 24.35 -17.08 -21.04
C VAL C 67 25.50 -17.69 -21.87
N THR C 68 26.24 -18.64 -21.29
CA THR C 68 27.31 -19.28 -22.05
C THR C 68 26.77 -19.91 -23.31
N GLY C 69 25.62 -20.58 -23.22
CA GLY C 69 24.97 -21.10 -24.42
C GLY C 69 24.59 -20.00 -25.39
N ALA C 70 24.10 -18.87 -24.87
CA ALA C 70 23.69 -17.79 -25.75
C ALA C 70 24.87 -17.20 -26.51
N GLN C 71 26.07 -17.19 -25.90
CA GLN C 71 27.23 -16.60 -26.55
C GLN C 71 27.61 -17.32 -27.85
N TYR C 72 27.22 -18.59 -28.01
CA TYR C 72 27.58 -19.29 -29.24
C TYR C 72 26.89 -18.71 -30.46
N MET C 73 25.78 -17.97 -30.29
CA MET C 73 25.26 -17.23 -31.43
C MET C 73 26.32 -16.31 -32.00
N ASP C 74 26.98 -15.55 -31.13
CA ASP C 74 28.06 -14.65 -31.56
C ASP C 74 29.27 -15.44 -32.08
N HIS C 75 29.68 -16.49 -31.37
CA HIS C 75 30.87 -17.22 -31.77
C HIS C 75 30.74 -17.81 -33.17
N LEU C 76 29.58 -18.40 -33.48
CA LEU C 76 29.40 -19.03 -34.79
C LEU C 76 29.50 -18.00 -35.91
N ARG C 77 28.89 -16.83 -35.72
CA ARG C 77 28.95 -15.79 -36.74
C ARG C 77 30.36 -15.22 -36.88
N GLU C 78 31.00 -14.93 -35.75
CA GLU C 78 32.31 -14.30 -35.69
C GLU C 78 33.42 -15.23 -36.19
N SER C 79 33.24 -16.55 -36.10
CA SER C 79 34.25 -17.49 -36.60
C SER C 79 34.58 -17.25 -38.07
N ALA C 80 33.60 -16.75 -38.85
CA ALA C 80 33.79 -16.62 -40.30
C ALA C 80 34.93 -15.68 -40.66
N GLY C 81 35.06 -14.58 -39.92
CA GLY C 81 36.13 -13.61 -40.19
C GLY C 81 37.51 -14.15 -39.98
N PHE C 82 37.63 -15.27 -39.26
CA PHE C 82 38.88 -15.97 -39.01
C PHE C 82 39.03 -17.20 -39.91
N GLY C 83 38.19 -17.31 -40.95
CA GLY C 83 38.36 -18.32 -41.97
C GLY C 83 37.55 -19.58 -41.78
N TRP C 84 36.70 -19.64 -40.75
CA TRP C 84 35.89 -20.85 -40.56
C TRP C 84 34.71 -20.83 -41.53
N GLU C 85 34.46 -21.97 -42.17
CA GLU C 85 33.41 -22.13 -43.15
C GLU C 85 32.53 -23.30 -42.74
N PHE C 86 31.23 -23.10 -42.82
CA PHE C 86 30.27 -24.19 -42.64
C PHE C 86 28.93 -23.73 -43.18
N ASP C 87 27.98 -24.67 -43.23
CA ASP C 87 26.65 -24.39 -43.81
C ASP C 87 25.83 -23.56 -42.84
N GLY C 88 25.85 -22.24 -43.02
CA GLY C 88 25.13 -21.37 -42.10
C GLY C 88 23.64 -21.63 -42.06
N SER C 89 23.07 -22.09 -43.18
CA SER C 89 21.64 -22.37 -43.21
C SER C 89 21.25 -23.55 -42.33
N SER C 90 22.21 -24.37 -41.89
CA SER C 90 21.91 -25.52 -41.05
C SER C 90 21.98 -25.22 -39.55
N VAL C 91 22.28 -23.99 -39.14
CA VAL C 91 22.46 -23.69 -37.72
C VAL C 91 21.09 -23.59 -37.04
N LYS C 92 20.94 -24.27 -35.90
CA LYS C 92 19.74 -24.16 -35.08
C LYS C 92 20.10 -24.21 -33.59
N ALA C 93 19.43 -23.40 -32.78
CA ALA C 93 19.64 -23.39 -31.33
C ALA C 93 18.55 -24.21 -30.64
N ASN C 94 18.92 -25.33 -30.03
CA ASN C 94 17.96 -26.25 -29.44
C ASN C 94 17.83 -25.92 -27.96
N TRP C 95 16.79 -25.15 -27.63
CA TRP C 95 16.51 -24.75 -26.25
C TRP C 95 16.27 -25.95 -25.34
N LYS C 96 15.58 -26.98 -25.84
CA LYS C 96 15.30 -28.12 -24.97
C LYS C 96 16.58 -28.80 -24.53
N LYS C 97 17.57 -28.90 -25.43
CA LYS C 97 18.86 -29.48 -25.03
C LYS C 97 19.56 -28.64 -23.99
N LEU C 98 19.48 -27.31 -24.12
CA LEU C 98 20.13 -26.44 -23.12
C LEU C 98 19.50 -26.64 -21.75
N ILE C 99 18.17 -26.58 -21.68
CA ILE C 99 17.45 -26.69 -20.42
C ILE C 99 17.70 -28.06 -19.80
N ALA C 100 17.75 -29.10 -20.62
CA ALA C 100 18.02 -30.43 -20.08
C ALA C 100 19.43 -30.54 -19.52
N ALA C 101 20.43 -29.98 -20.23
CA ALA C 101 21.80 -29.99 -19.72
C ALA C 101 21.91 -29.17 -18.44
N LYS C 102 21.30 -27.98 -18.41
CA LYS C 102 21.27 -27.20 -17.18
C LYS C 102 20.60 -27.99 -16.03
N ASN C 103 19.48 -28.68 -16.33
CA ASN C 103 18.77 -29.39 -15.27
C ASN C 103 19.65 -30.46 -14.64
N GLU C 104 20.41 -31.17 -15.47
CA GLU C 104 21.28 -32.22 -14.94
C GLU C 104 22.42 -31.63 -14.11
N ALA C 105 22.97 -30.50 -14.54
CA ALA C 105 24.05 -29.85 -13.78
C ALA C 105 23.56 -29.42 -12.40
N VAL C 106 22.39 -28.82 -12.33
CA VAL C 106 21.84 -28.36 -11.05
C VAL C 106 21.46 -29.53 -10.17
N LEU C 107 20.86 -30.57 -10.76
CA LEU C 107 20.51 -31.76 -9.98
C LEU C 107 21.74 -32.40 -9.36
N ASP C 108 22.87 -32.39 -10.07
CA ASP C 108 24.11 -32.93 -9.52
C ASP C 108 24.56 -32.14 -8.29
N ILE C 109 24.37 -30.82 -8.31
CA ILE C 109 24.72 -30.02 -7.13
C ILE C 109 23.75 -30.30 -5.97
N ASN C 110 22.45 -30.45 -6.27
CA ASN C 110 21.49 -30.84 -5.23
C ASN C 110 21.91 -32.14 -4.56
N LYS C 111 22.19 -33.17 -5.36
CA LYS C 111 22.54 -34.48 -4.83
C LYS C 111 23.86 -34.42 -4.09
N SER C 112 24.78 -33.59 -4.56
CA SER C 112 26.04 -33.40 -3.83
C SER C 112 25.79 -32.82 -2.44
N TYR C 113 24.88 -31.84 -2.34
CA TYR C 113 24.54 -31.28 -1.03
C TYR C 113 23.84 -32.29 -0.14
N GLU C 114 22.92 -33.08 -0.72
CA GLU C 114 22.29 -34.16 0.04
C GLU C 114 23.31 -35.13 0.62
N GLY C 115 24.29 -35.52 -0.20
CA GLY C 115 25.31 -36.44 0.27
C GLY C 115 26.10 -35.88 1.43
N MET C 116 26.40 -34.58 1.39
CA MET C 116 27.18 -34.00 2.48
CA MET C 116 27.15 -33.95 2.47
C MET C 116 26.39 -33.99 3.78
N PHE C 117 25.08 -33.73 3.72
CA PHE C 117 24.29 -33.84 4.94
C PHE C 117 24.39 -35.26 5.51
N ASN C 118 24.19 -36.27 4.65
CA ASN C 118 24.20 -37.65 5.13
C ASN C 118 25.58 -38.05 5.65
N ASP C 119 26.65 -37.46 5.13
CA ASP C 119 28.01 -37.86 5.48
C ASP C 119 28.60 -37.11 6.65
N THR C 120 27.92 -36.09 7.18
CA THR C 120 28.49 -35.18 8.17
C THR C 120 27.74 -35.31 9.48
N GLU C 121 28.44 -35.71 10.55
CA GLU C 121 27.82 -35.83 11.86
C GLU C 121 27.52 -34.45 12.45
N GLY C 122 26.39 -34.36 13.15
CA GLY C 122 25.99 -33.11 13.75
C GLY C 122 25.39 -32.09 12.79
N LEU C 123 25.11 -32.48 11.55
CA LEU C 123 24.55 -31.59 10.55
C LEU C 123 23.36 -32.29 9.91
N ASP C 124 22.16 -31.84 10.23
CA ASP C 124 20.94 -32.52 9.82
C ASP C 124 20.10 -31.61 8.93
N PHE C 125 19.48 -32.21 7.92
CA PHE C 125 18.58 -31.52 7.00
C PHE C 125 17.14 -31.92 7.29
N PHE C 126 16.25 -30.94 7.32
CA PHE C 126 14.83 -31.20 7.54
C PHE C 126 14.02 -30.58 6.42
N LEU C 127 13.19 -31.41 5.78
CA LEU C 127 12.33 -30.99 4.68
C LEU C 127 11.03 -30.42 5.22
N GLY C 128 10.71 -29.19 4.82
CA GLY C 128 9.44 -28.58 5.16
C GLY C 128 9.59 -27.08 5.28
N TRP C 129 8.52 -26.44 5.73
CA TRP C 129 8.46 -24.99 5.89
C TRP C 129 8.73 -24.62 7.33
N GLY C 130 9.78 -23.84 7.56
CA GLY C 130 10.18 -23.46 8.92
C GLY C 130 9.65 -22.10 9.30
N SER C 131 9.25 -21.98 10.57
CA SER C 131 8.74 -20.72 11.10
C SER C 131 9.03 -20.68 12.60
N LEU C 132 8.88 -19.48 13.17
CA LEU C 132 9.22 -19.22 14.56
C LEU C 132 7.98 -19.45 15.43
N GLU C 133 8.00 -20.52 16.22
CA GLU C 133 6.98 -20.72 17.24
C GLU C 133 7.24 -19.85 18.45
N SER C 134 8.48 -19.87 18.94
CA SER C 134 8.90 -19.12 20.11
C SER C 134 10.39 -18.88 20.00
N LYS C 135 10.91 -18.10 20.95
CA LYS C 135 12.28 -17.63 20.96
C LYS C 135 13.32 -18.72 20.68
N ASN C 136 13.07 -19.94 21.16
CA ASN C 136 14.02 -21.03 20.99
C ASN C 136 13.37 -22.27 20.38
N VAL C 137 12.27 -22.11 19.65
CA VAL C 137 11.57 -23.23 19.02
C VAL C 137 11.28 -22.87 17.56
N VAL C 138 11.71 -23.73 16.65
CA VAL C 138 11.40 -23.59 15.23
C VAL C 138 10.50 -24.74 14.81
N VAL C 139 9.31 -24.41 14.32
CA VAL C 139 8.38 -25.41 13.77
C VAL C 139 8.72 -25.67 12.32
N VAL C 140 8.61 -26.92 11.91
CA VAL C 140 8.69 -27.31 10.51
C VAL C 140 7.33 -27.92 10.14
N ARG C 141 6.65 -27.32 9.17
CA ARG C 141 5.31 -27.74 8.79
C ARG C 141 5.29 -28.28 7.36
N GLU C 142 4.15 -28.88 7.01
CA GLU C 142 4.01 -29.53 5.70
C GLU C 142 3.96 -28.51 4.56
N THR C 143 3.30 -27.37 4.78
CA THR C 143 3.23 -26.33 3.75
C THR C 143 3.54 -24.97 4.37
N ALA C 144 3.53 -23.94 3.53
CA ALA C 144 3.69 -22.57 4.01
C ALA C 144 2.48 -22.10 4.80
N ASP C 145 1.36 -22.82 4.72
CA ASP C 145 0.17 -22.52 5.52
C ASP C 145 0.45 -22.82 6.99
N PRO C 146 0.41 -21.82 7.88
CA PRO C 146 0.75 -22.08 9.29
C PRO C 146 -0.22 -23.02 9.99
N LYS C 147 -1.36 -23.32 9.39
CA LYS C 147 -2.31 -24.29 9.92
C LYS C 147 -2.01 -25.71 9.44
N SER C 148 -0.97 -25.90 8.64
CA SER C 148 -0.67 -27.23 8.13
C SER C 148 0.01 -28.06 9.22
N ALA C 149 0.13 -29.36 8.93
CA ALA C 149 0.58 -30.31 9.93
C ALA C 149 2.03 -30.06 10.33
N VAL C 150 2.30 -30.16 11.63
CA VAL C 150 3.66 -30.10 12.12
C VAL C 150 4.40 -31.38 11.75
N LYS C 151 5.65 -31.22 11.31
CA LYS C 151 6.55 -32.34 11.05
C LYS C 151 7.64 -32.47 12.11
N GLU C 152 8.17 -31.34 12.59
CA GLU C 152 9.14 -31.32 13.66
C GLU C 152 8.94 -30.05 14.46
N ARG C 153 9.38 -30.09 15.72
CA ARG C 153 9.75 -28.90 16.46
C ARG C 153 11.20 -29.05 16.82
N LEU C 154 12.00 -28.04 16.49
CA LEU C 154 13.43 -28.05 16.77
C LEU C 154 13.71 -27.01 17.85
N GLN C 155 14.36 -27.46 18.92
CA GLN C 155 14.81 -26.56 19.98
C GLN C 155 16.17 -26.01 19.58
N ALA C 156 16.37 -24.72 19.78
CA ALA C 156 17.56 -24.06 19.25
C ALA C 156 18.14 -23.09 20.26
N ASP C 157 19.41 -23.28 20.61
CA ASP C 157 20.16 -22.20 21.25
C ASP C 157 20.11 -20.94 20.39
N HIS C 158 20.33 -21.12 19.09
CA HIS C 158 20.51 -20.01 18.15
C HIS C 158 19.75 -20.31 16.87
N ILE C 159 19.09 -19.29 16.33
CA ILE C 159 18.25 -19.43 15.15
C ILE C 159 18.72 -18.42 14.10
N LEU C 160 18.97 -18.91 12.90
CA LEU C 160 19.44 -18.07 11.79
C LEU C 160 18.37 -18.05 10.70
N LEU C 161 17.92 -16.83 10.36
CA LEU C 161 16.95 -16.62 9.29
C LEU C 161 17.72 -16.39 7.98
N ALA C 162 17.54 -17.28 7.01
CA ALA C 162 18.30 -17.17 5.76
C ALA C 162 17.43 -17.62 4.58
N THR C 163 16.22 -17.07 4.50
CA THR C 163 15.22 -17.52 3.55
C THR C 163 15.29 -16.80 2.21
N GLY C 164 16.23 -15.87 2.03
CA GLY C 164 16.44 -15.22 0.74
C GLY C 164 15.33 -14.26 0.36
N SER C 165 15.15 -14.10 -0.97
CA SER C 165 14.20 -13.14 -1.52
C SER C 165 13.28 -13.81 -2.54
N TRP C 166 12.45 -13.02 -3.22
CA TRP C 166 11.42 -13.57 -4.09
C TRP C 166 11.06 -12.52 -5.12
N PRO C 167 10.70 -12.91 -6.35
CA PRO C 167 10.42 -11.90 -7.37
C PRO C 167 9.26 -11.01 -6.97
N GLN C 168 9.43 -9.72 -7.24
CA GLN C 168 8.37 -8.75 -7.01
C GLN C 168 7.49 -8.67 -8.24
N MET C 169 6.17 -8.74 -8.04
CA MET C 169 5.24 -8.68 -9.17
C MET C 169 4.31 -7.47 -8.98
N PRO C 170 4.30 -6.51 -9.89
CA PRO C 170 3.46 -5.33 -9.70
C PRO C 170 1.98 -5.68 -9.77
N ALA C 171 1.19 -4.96 -8.99
CA ALA C 171 -0.23 -5.28 -8.86
C ALA C 171 -1.02 -4.57 -9.97
N ILE C 172 -0.78 -5.02 -11.21
CA ILE C 172 -1.50 -4.52 -12.37
C ILE C 172 -2.52 -5.56 -12.81
N PRO C 173 -3.58 -5.17 -13.51
CA PRO C 173 -4.53 -6.17 -14.02
C PRO C 173 -3.87 -7.09 -15.04
N GLY C 174 -4.02 -8.40 -14.83
CA GLY C 174 -3.40 -9.38 -15.68
C GLY C 174 -2.02 -9.84 -15.24
N ILE C 175 -1.56 -9.46 -14.04
CA ILE C 175 -0.25 -9.90 -13.58
C ILE C 175 -0.14 -11.42 -13.57
N GLU C 176 -1.26 -12.12 -13.33
CA GLU C 176 -1.23 -13.59 -13.28
C GLU C 176 -0.91 -14.22 -14.64
N HIS C 177 -0.94 -13.46 -15.73
CA HIS C 177 -0.51 -13.98 -17.02
C HIS C 177 0.99 -13.81 -17.25
N CYS C 178 1.71 -13.22 -16.31
CA CYS C 178 3.13 -12.98 -16.48
C CYS C 178 3.92 -14.03 -15.71
N ILE C 179 5.20 -14.16 -16.04
CA ILE C 179 6.06 -15.07 -15.30
C ILE C 179 7.17 -14.24 -14.66
N SER C 180 8.01 -14.91 -13.89
CA SER C 180 9.23 -14.34 -13.33
C SER C 180 10.41 -15.17 -13.85
N SER C 181 11.61 -14.85 -13.38
CA SER C 181 12.78 -15.66 -13.75
C SER C 181 12.62 -17.11 -13.32
N ASN C 182 11.89 -17.39 -12.23
CA ASN C 182 11.69 -18.78 -11.79
C ASN C 182 11.16 -19.66 -12.93
N GLU C 183 10.07 -19.21 -13.56
CA GLU C 183 9.43 -19.97 -14.63
C GLU C 183 10.27 -19.94 -15.92
N ALA C 184 11.00 -18.85 -16.14
CA ALA C 184 11.83 -18.73 -17.34
C ALA C 184 12.82 -19.89 -17.45
N PHE C 185 13.33 -20.38 -16.31
CA PHE C 185 14.28 -21.49 -16.31
C PHE C 185 13.67 -22.80 -16.76
N TYR C 186 12.33 -22.89 -16.90
CA TYR C 186 11.71 -24.17 -17.23
C TYR C 186 10.78 -24.09 -18.42
N LEU C 187 10.83 -23.00 -19.19
CA LEU C 187 9.93 -22.89 -20.32
C LEU C 187 10.15 -24.10 -21.23
N PRO C 188 9.08 -24.75 -21.69
CA PRO C 188 9.27 -25.94 -22.55
C PRO C 188 9.79 -25.59 -23.93
N GLU C 189 9.42 -24.44 -24.48
CA GLU C 189 9.87 -23.95 -25.77
C GLU C 189 10.43 -22.54 -25.60
N PRO C 190 11.39 -22.13 -26.42
CA PRO C 190 11.87 -20.76 -26.34
C PRO C 190 10.81 -19.83 -26.94
N PRO C 191 10.53 -18.70 -26.31
CA PRO C 191 9.46 -17.83 -26.83
C PRO C 191 9.88 -17.18 -28.15
N ARG C 192 8.91 -17.07 -29.07
CA ARG C 192 9.16 -16.37 -30.32
C ARG C 192 9.19 -14.87 -30.09
N ARG C 193 8.25 -14.35 -29.32
CA ARG C 193 8.20 -12.96 -28.94
C ARG C 193 8.20 -12.93 -27.42
N VAL C 194 9.14 -12.19 -26.83
CA VAL C 194 9.18 -12.09 -25.38
C VAL C 194 9.40 -10.64 -24.97
N LEU C 195 8.71 -10.23 -23.91
CA LEU C 195 8.93 -8.94 -23.25
C LEU C 195 9.52 -9.19 -21.88
N THR C 196 10.76 -8.71 -21.64
CA THR C 196 11.34 -8.66 -20.30
C THR C 196 11.10 -7.26 -19.74
N VAL C 197 10.50 -7.20 -18.56
CA VAL C 197 10.08 -5.95 -17.93
C VAL C 197 11.07 -5.65 -16.82
N GLY C 198 11.78 -4.54 -16.94
CA GLY C 198 12.77 -4.16 -15.94
C GLY C 198 14.07 -3.77 -16.59
N GLY C 199 14.78 -2.84 -15.95
CA GLY C 199 16.06 -2.38 -16.45
C GLY C 199 17.27 -2.92 -15.73
N GLY C 200 17.09 -3.82 -14.76
CA GLY C 200 18.19 -4.37 -13.98
C GLY C 200 18.82 -5.60 -14.60
N PHE C 201 19.73 -6.22 -13.83
CA PHE C 201 20.61 -7.25 -14.40
C PHE C 201 19.84 -8.50 -14.82
N ILE C 202 18.79 -8.90 -14.09
CA ILE C 202 18.08 -10.12 -14.44
C ILE C 202 17.38 -9.96 -15.79
N SER C 203 16.66 -8.86 -15.96
CA SER C 203 15.98 -8.56 -17.23
C SER C 203 16.97 -8.50 -18.39
N VAL C 204 18.09 -7.80 -18.19
CA VAL C 204 19.09 -7.65 -19.25
C VAL C 204 19.70 -9.00 -19.58
N GLU C 205 19.96 -9.82 -18.57
CA GLU C 205 20.65 -11.08 -18.83
C GLU C 205 19.74 -12.06 -19.57
N PHE C 206 18.46 -12.10 -19.19
CA PHE C 206 17.52 -12.98 -19.87
C PHE C 206 17.17 -12.47 -21.27
N ALA C 207 17.17 -11.16 -21.49
CA ALA C 207 16.96 -10.66 -22.85
C ALA C 207 17.99 -11.25 -23.81
N GLY C 208 19.24 -11.31 -23.37
CA GLY C 208 20.29 -11.88 -24.21
C GLY C 208 20.18 -13.39 -24.38
N ILE C 209 19.72 -14.11 -23.34
CA ILE C 209 19.49 -15.55 -23.47
C ILE C 209 18.37 -15.82 -24.48
N PHE C 210 17.24 -15.13 -24.36
CA PHE C 210 16.12 -15.35 -25.28
C PHE C 210 16.49 -14.92 -26.69
N ASN C 211 17.34 -13.90 -26.82
CA ASN C 211 17.69 -13.41 -28.15
C ASN C 211 18.46 -14.46 -28.95
N ALA C 212 19.27 -15.28 -28.26
CA ALA C 212 20.07 -16.29 -28.94
C ALA C 212 19.25 -17.54 -29.29
N TYR C 213 18.28 -17.92 -28.47
CA TYR C 213 17.57 -19.18 -28.69
C TYR C 213 16.19 -18.98 -29.32
N LYS C 214 15.84 -17.76 -29.75
CA LYS C 214 14.53 -17.52 -30.32
C LYS C 214 14.40 -18.18 -31.69
N PRO C 215 13.21 -18.65 -32.03
CA PRO C 215 12.99 -19.27 -33.35
C PRO C 215 13.06 -18.27 -34.48
N PRO C 216 13.09 -18.73 -35.73
CA PRO C 216 13.15 -17.81 -36.89
C PRO C 216 12.08 -16.74 -36.85
N GLY C 217 12.50 -15.50 -37.09
CA GLY C 217 11.58 -14.38 -37.10
C GLY C 217 11.17 -13.88 -35.74
N GLY C 218 11.77 -14.38 -34.66
CA GLY C 218 11.43 -13.97 -33.32
C GLY C 218 12.00 -12.62 -32.98
N LYS C 219 11.64 -12.13 -31.78
CA LYS C 219 11.99 -10.77 -31.38
C LYS C 219 11.94 -10.66 -29.87
N VAL C 220 13.03 -10.18 -29.27
CA VAL C 220 13.10 -9.90 -27.84
C VAL C 220 12.92 -8.39 -27.64
N THR C 221 12.04 -8.01 -26.72
CA THR C 221 11.81 -6.62 -26.35
C THR C 221 12.02 -6.49 -24.86
N LEU C 222 12.77 -5.46 -24.44
CA LEU C 222 12.97 -5.15 -23.03
C LEU C 222 12.41 -3.75 -22.78
N CYS C 223 11.63 -3.60 -21.73
CA CYS C 223 11.08 -2.28 -21.43
C CYS C 223 11.54 -1.87 -20.04
N TYR C 224 11.61 -0.55 -19.85
CA TYR C 224 12.04 -0.01 -18.58
C TYR C 224 11.35 1.34 -18.41
N ARG C 225 10.88 1.60 -17.19
CA ARG C 225 10.02 2.76 -16.93
C ARG C 225 10.77 4.09 -17.06
N ASN C 226 12.09 4.11 -16.91
CA ASN C 226 12.83 5.36 -17.00
C ASN C 226 13.63 5.44 -18.31
N ASN C 227 14.49 6.45 -18.39
N ASN C 227 14.49 6.46 -18.41
N ASN C 227 14.49 6.45 -18.39
N ASN C 227 14.49 6.46 -18.41
CA ASN C 227 15.13 6.82 -19.65
CA ASN C 227 15.11 6.78 -19.69
CA ASN C 227 15.13 6.82 -19.65
CA ASN C 227 15.11 6.78 -19.69
C ASN C 227 16.31 5.93 -20.03
C ASN C 227 16.29 5.88 -20.04
C ASN C 227 16.31 5.93 -20.03
C ASN C 227 16.29 5.88 -20.04
N LEU C 228 16.93 5.26 -19.07
CA LEU C 228 18.14 4.48 -19.35
C LEU C 228 18.26 3.27 -18.44
N ILE C 229 18.58 2.10 -19.00
CA ILE C 229 18.63 0.86 -18.22
C ILE C 229 19.83 0.81 -17.28
N LEU C 230 19.78 -0.15 -16.34
CA LEU C 230 20.90 -0.51 -15.48
C LEU C 230 21.28 0.61 -14.52
N ARG C 231 20.25 1.28 -13.98
CA ARG C 231 20.43 2.28 -12.94
CA ARG C 231 20.48 2.30 -12.97
C ARG C 231 21.38 1.74 -11.87
N GLY C 232 22.30 2.60 -11.40
CA GLY C 232 23.28 2.21 -10.42
C GLY C 232 24.62 1.81 -11.00
N PHE C 233 24.69 1.53 -12.30
CA PHE C 233 25.94 1.24 -12.98
C PHE C 233 26.48 2.52 -13.63
N ASP C 234 27.73 2.45 -14.08
CA ASP C 234 28.37 3.56 -14.76
C ASP C 234 27.56 4.03 -15.96
N GLU C 235 27.40 5.36 -16.09
CA GLU C 235 26.51 5.90 -17.12
C GLU C 235 27.03 5.63 -18.53
N THR C 236 28.33 5.79 -18.78
CA THR C 236 28.87 5.46 -20.10
C THR C 236 28.55 4.02 -20.48
N ILE C 237 28.68 3.11 -19.51
CA ILE C 237 28.44 1.69 -19.77
C ILE C 237 26.95 1.41 -19.97
N ARG C 238 26.08 2.08 -19.18
CA ARG C 238 24.65 1.95 -19.41
C ARG C 238 24.27 2.33 -20.83
N GLU C 239 24.81 3.45 -21.33
CA GLU C 239 24.51 3.87 -22.69
C GLU C 239 25.10 2.90 -23.72
N GLU C 240 26.31 2.43 -23.46
CA GLU C 240 27.00 1.59 -24.43
C GLU C 240 26.45 0.16 -24.47
N VAL C 241 26.02 -0.38 -23.32
CA VAL C 241 25.40 -1.71 -23.36
C VAL C 241 24.05 -1.62 -24.05
N THR C 242 23.35 -0.49 -23.92
CA THR C 242 22.10 -0.30 -24.66
C THR C 242 22.34 -0.34 -26.17
N LYS C 243 23.41 0.31 -26.66
CA LYS C 243 23.70 0.27 -28.09
C LYS C 243 24.09 -1.13 -28.55
N GLN C 244 24.85 -1.87 -27.73
CA GLN C 244 25.34 -3.17 -28.15
C GLN C 244 24.25 -4.25 -28.10
N LEU C 245 23.30 -4.14 -27.17
CA LEU C 245 22.13 -5.02 -27.21
C LEU C 245 21.27 -4.70 -28.43
N THR C 246 21.09 -3.42 -28.72
CA THR C 246 20.34 -3.02 -29.91
C THR C 246 21.00 -3.53 -31.18
N ALA C 247 22.33 -3.48 -31.26
CA ALA C 247 23.03 -3.97 -32.44
C ALA C 247 22.83 -5.46 -32.65
N ASN C 248 22.58 -6.22 -31.57
CA ASN C 248 22.39 -7.65 -31.67
C ASN C 248 20.93 -8.05 -31.78
N GLY C 249 20.05 -7.09 -32.08
CA GLY C 249 18.67 -7.39 -32.44
C GLY C 249 17.65 -7.24 -31.33
N ILE C 250 18.03 -6.80 -30.15
CA ILE C 250 17.09 -6.62 -29.04
C ILE C 250 16.53 -5.21 -29.10
N GLU C 251 15.21 -5.09 -28.88
CA GLU C 251 14.52 -3.81 -28.89
C GLU C 251 14.40 -3.29 -27.46
N ILE C 252 14.88 -2.08 -27.21
CA ILE C 252 14.91 -1.54 -25.86
C ILE C 252 13.93 -0.38 -25.79
N MET C 253 12.80 -0.57 -25.09
CA MET C 253 11.73 0.42 -24.95
C MET C 253 11.88 1.12 -23.61
N THR C 254 12.50 2.30 -23.61
CA THR C 254 12.62 3.05 -22.37
C THR C 254 11.46 4.01 -22.19
N ASN C 255 11.28 4.47 -20.95
CA ASN C 255 10.16 5.34 -20.58
C ASN C 255 8.81 4.68 -20.88
N GLU C 256 8.73 3.37 -20.65
CA GLU C 256 7.52 2.62 -20.91
C GLU C 256 7.32 1.62 -19.79
N ASN C 257 6.07 1.43 -19.36
CA ASN C 257 5.74 0.55 -18.24
C ASN C 257 4.40 -0.12 -18.49
N PRO C 258 4.29 -1.43 -18.26
CA PRO C 258 3.01 -2.12 -18.45
C PRO C 258 1.95 -1.62 -17.47
N ALA C 259 0.76 -1.38 -18.00
CA ALA C 259 -0.40 -1.02 -17.19
C ALA C 259 -1.40 -2.16 -17.08
N LYS C 260 -1.47 -3.04 -18.08
CA LYS C 260 -2.41 -4.15 -18.09
C LYS C 260 -1.90 -5.24 -19.02
N VAL C 261 -2.11 -6.50 -18.64
CA VAL C 261 -1.81 -7.65 -19.49
C VAL C 261 -3.10 -8.46 -19.66
N SER C 262 -3.46 -8.75 -20.91
CA SER C 262 -4.62 -9.60 -21.16
CA SER C 262 -4.63 -9.56 -21.23
C SER C 262 -4.20 -10.84 -21.94
N LEU C 263 -4.92 -11.94 -21.68
CA LEU C 263 -4.65 -13.23 -22.33
C LEU C 263 -5.48 -13.36 -23.61
N ASN C 264 -4.80 -13.58 -24.74
CA ASN C 264 -5.46 -13.90 -25.99
C ASN C 264 -5.87 -15.36 -26.01
N THR C 265 -6.91 -15.68 -26.78
CA THR C 265 -7.30 -17.09 -26.68
C THR C 265 -6.26 -18.02 -27.27
N ASP C 266 -5.35 -17.54 -28.14
CA ASP C 266 -4.31 -18.45 -28.62
C ASP C 266 -3.17 -18.61 -27.64
N GLY C 267 -3.28 -18.04 -26.44
CA GLY C 267 -2.27 -18.17 -25.41
C GLY C 267 -1.25 -17.06 -25.36
N SER C 268 -1.17 -16.20 -26.39
CA SER C 268 -0.25 -15.08 -26.30
C SER C 268 -0.82 -14.00 -25.37
N LYS C 269 0.00 -12.99 -25.10
CA LYS C 269 -0.33 -11.94 -24.14
C LYS C 269 -0.39 -10.60 -24.88
N HIS C 270 -1.43 -9.83 -24.59
CA HIS C 270 -1.60 -8.48 -25.13
C HIS C 270 -1.26 -7.50 -24.00
N VAL C 271 -0.15 -6.76 -24.16
CA VAL C 271 0.33 -5.82 -23.15
C VAL C 271 -0.09 -4.41 -23.52
N THR C 272 -0.70 -3.71 -22.57
CA THR C 272 -1.01 -2.29 -22.71
C THR C 272 -0.09 -1.50 -21.78
N PHE C 273 0.62 -0.53 -22.33
CA PHE C 273 1.53 0.30 -21.58
C PHE C 273 0.82 1.54 -21.04
N GLU C 274 1.39 2.15 -20.00
CA GLU C 274 0.83 3.38 -19.46
C GLU C 274 0.68 4.44 -20.55
N SER C 275 1.58 4.44 -21.53
CA SER C 275 1.50 5.36 -22.65
C SER C 275 0.31 5.11 -23.57
N GLY C 276 -0.34 3.96 -23.49
CA GLY C 276 -1.31 3.56 -24.49
C GLY C 276 -0.76 2.71 -25.60
N LYS C 277 0.56 2.60 -25.75
CA LYS C 277 1.14 1.64 -26.69
C LYS C 277 0.72 0.22 -26.31
N THR C 278 0.65 -0.66 -27.30
CA THR C 278 0.39 -2.07 -27.06
C THR C 278 1.43 -2.93 -27.76
N LEU C 279 1.61 -4.14 -27.25
CA LEU C 279 2.54 -5.12 -27.80
C LEU C 279 2.02 -6.52 -27.52
N ASP C 280 2.06 -7.39 -28.53
CA ASP C 280 1.69 -8.79 -28.39
C ASP C 280 2.94 -9.65 -28.29
N VAL C 281 3.01 -10.51 -27.27
CA VAL C 281 4.16 -11.40 -27.08
C VAL C 281 3.69 -12.77 -26.61
N ASP C 282 4.61 -13.73 -26.67
CA ASP C 282 4.31 -15.07 -26.20
C ASP C 282 4.54 -15.20 -24.69
N VAL C 283 5.49 -14.45 -24.14
CA VAL C 283 5.86 -14.51 -22.72
C VAL C 283 6.12 -13.08 -22.25
N VAL C 284 5.60 -12.75 -21.06
CA VAL C 284 5.96 -11.54 -20.33
C VAL C 284 6.73 -11.94 -19.08
N MET C 285 8.02 -11.63 -19.03
CA MET C 285 8.84 -11.93 -17.86
C MET C 285 9.03 -10.67 -17.02
N MET C 286 8.44 -10.67 -15.82
CA MET C 286 8.56 -9.55 -14.88
C MET C 286 9.85 -9.68 -14.08
N ALA C 287 10.74 -8.70 -14.19
CA ALA C 287 12.00 -8.71 -13.45
C ALA C 287 12.27 -7.30 -12.94
N ILE C 288 11.32 -6.76 -12.18
CA ILE C 288 11.39 -5.38 -11.71
C ILE C 288 11.97 -5.27 -10.31
N GLY C 289 12.30 -6.38 -9.67
CA GLY C 289 12.89 -6.35 -8.35
C GLY C 289 12.69 -7.67 -7.63
N ARG C 290 13.32 -7.77 -6.46
CA ARG C 290 13.16 -8.93 -5.61
C ARG C 290 13.01 -8.44 -4.18
N ILE C 291 12.14 -9.10 -3.42
CA ILE C 291 11.81 -8.62 -2.07
C ILE C 291 12.12 -9.69 -1.03
N PRO C 292 12.48 -9.27 0.19
CA PRO C 292 12.80 -10.26 1.25
C PRO C 292 11.64 -11.21 1.51
N ARG C 293 12.00 -12.47 1.78
CA ARG C 293 11.01 -13.54 1.91
C ARG C 293 10.73 -13.75 3.39
N THR C 294 9.88 -12.89 3.95
CA THR C 294 9.61 -12.87 5.39
C THR C 294 8.23 -13.38 5.79
N ASN C 295 7.29 -13.52 4.85
CA ASN C 295 5.89 -13.74 5.21
C ASN C 295 5.69 -15.07 5.93
N ASP C 296 6.29 -16.15 5.43
CA ASP C 296 6.01 -17.47 5.99
C ASP C 296 6.67 -17.72 7.36
N LEU C 297 7.55 -16.83 7.81
CA LEU C 297 8.35 -17.09 9.01
C LEU C 297 7.59 -16.87 10.31
N GLN C 298 6.42 -16.23 10.27
CA GLN C 298 5.63 -15.99 11.47
C GLN C 298 6.41 -15.12 12.45
N LEU C 299 7.04 -14.06 11.93
CA LEU C 299 7.92 -13.25 12.77
C LEU C 299 7.16 -12.61 13.92
N GLY C 300 5.87 -12.34 13.74
CA GLY C 300 5.07 -11.77 14.81
C GLY C 300 5.00 -12.65 16.05
N ASN C 301 5.18 -13.96 15.89
CA ASN C 301 5.18 -14.85 17.05
C ASN C 301 6.28 -14.54 18.05
N VAL C 302 7.33 -13.79 17.67
CA VAL C 302 8.39 -13.46 18.62
C VAL C 302 8.80 -12.00 18.50
N GLY C 303 8.20 -11.26 17.58
CA GLY C 303 8.45 -9.84 17.46
C GLY C 303 9.75 -9.40 16.80
N VAL C 304 10.26 -10.17 15.81
CA VAL C 304 11.45 -9.74 15.07
C VAL C 304 11.10 -8.57 14.17
N LYS C 305 11.85 -7.48 14.30
CA LYS C 305 11.53 -6.22 13.64
C LYS C 305 11.92 -6.24 12.17
N LEU C 306 11.07 -5.62 11.34
CA LEU C 306 11.30 -5.41 9.92
C LEU C 306 11.52 -3.94 9.61
N THR C 307 12.38 -3.67 8.63
CA THR C 307 12.56 -2.33 8.11
C THR C 307 11.31 -1.89 7.33
N PRO C 308 11.13 -0.58 7.12
CA PRO C 308 10.03 -0.14 6.24
C PRO C 308 10.05 -0.80 4.87
N LYS C 309 11.22 -1.16 4.35
CA LYS C 309 11.31 -1.86 3.07
C LYS C 309 10.87 -3.32 3.16
N GLY C 310 10.78 -3.90 4.35
CA GLY C 310 10.36 -5.26 4.52
C GLY C 310 11.46 -6.26 4.82
N GLY C 311 12.72 -5.83 4.82
CA GLY C 311 13.78 -6.72 5.24
C GLY C 311 13.83 -6.87 6.76
N VAL C 312 14.41 -8.00 7.21
CA VAL C 312 14.68 -8.14 8.63
C VAL C 312 15.77 -7.14 9.03
N GLN C 313 15.45 -6.28 10.00
CA GLN C 313 16.42 -5.29 10.45
C GLN C 313 17.52 -5.97 11.26
N VAL C 314 18.79 -5.62 10.97
CA VAL C 314 19.94 -6.18 11.66
C VAL C 314 20.96 -5.08 11.93
N ASP C 315 21.81 -5.33 12.92
CA ASP C 315 23.01 -4.51 13.10
C ASP C 315 24.13 -5.08 12.25
N GLU C 316 25.32 -4.47 12.37
CA GLU C 316 26.47 -4.89 11.57
C GLU C 316 26.93 -6.32 11.82
N PHE C 317 26.49 -6.96 12.91
CA PHE C 317 26.84 -8.35 13.15
C PHE C 317 25.67 -9.29 12.89
N SER C 318 24.70 -8.84 12.09
CA SER C 318 23.55 -9.63 11.66
C SER C 318 22.62 -10.00 12.81
N ARG C 319 22.62 -9.24 13.90
CA ARG C 319 21.74 -9.54 15.02
C ARG C 319 20.41 -8.80 14.84
N THR C 320 19.32 -9.52 15.08
CA THR C 320 18.01 -8.88 15.15
C THR C 320 17.80 -8.27 16.52
N ASN C 321 16.61 -7.72 16.74
CA ASN C 321 16.24 -7.21 18.05
C ASN C 321 15.94 -8.33 19.06
N VAL C 322 15.70 -9.55 18.59
CA VAL C 322 15.46 -10.69 19.47
C VAL C 322 16.80 -11.39 19.72
N PRO C 323 17.23 -11.54 20.97
CA PRO C 323 18.50 -12.23 21.23
C PRO C 323 18.52 -13.65 20.68
N ASN C 324 19.70 -14.05 20.23
N ASN C 324 19.73 -14.08 20.27
N ASN C 324 19.70 -14.05 20.23
N ASN C 324 19.73 -14.08 20.27
CA ASN C 324 19.94 -15.38 19.67
CA ASN C 324 20.02 -15.38 19.64
CA ASN C 324 19.94 -15.38 19.67
CA ASN C 324 20.02 -15.38 19.64
C ASN C 324 19.10 -15.65 18.43
C ASN C 324 19.22 -15.63 18.36
C ASN C 324 19.10 -15.65 18.43
C ASN C 324 19.22 -15.63 18.36
N ILE C 325 18.61 -14.60 17.78
CA ILE C 325 17.96 -14.69 16.47
C ILE C 325 18.70 -13.74 15.53
N TYR C 326 19.21 -14.26 14.41
CA TYR C 326 20.04 -13.52 13.47
C TYR C 326 19.47 -13.65 12.06
N ALA C 327 19.90 -12.73 11.18
CA ALA C 327 19.47 -12.76 9.78
C ALA C 327 20.62 -12.34 8.86
N ILE C 328 20.82 -13.10 7.79
CA ILE C 328 21.85 -12.82 6.79
C ILE C 328 21.24 -13.02 5.42
N GLY C 329 21.88 -12.42 4.41
CA GLY C 329 21.51 -12.66 3.03
C GLY C 329 20.46 -11.71 2.53
N ASP C 330 19.77 -12.15 1.46
CA ASP C 330 18.78 -11.30 0.79
C ASP C 330 17.65 -10.91 1.72
N ILE C 331 17.37 -11.73 2.73
CA ILE C 331 16.32 -11.39 3.67
C ILE C 331 16.62 -10.08 4.40
N THR C 332 17.88 -9.66 4.47
CA THR C 332 18.21 -8.38 5.07
C THR C 332 18.14 -7.22 4.09
N ASP C 333 18.02 -7.49 2.79
CA ASP C 333 17.72 -6.45 1.81
C ASP C 333 18.83 -5.41 1.71
N ARG C 334 20.08 -5.85 1.83
CA ARG C 334 21.25 -5.01 1.54
C ARG C 334 21.75 -5.30 0.13
N LEU C 335 22.94 -5.90 0.04
CA LEU C 335 23.51 -6.30 -1.24
C LEU C 335 23.08 -7.74 -1.53
N MET C 336 22.23 -7.91 -2.54
CA MET C 336 21.70 -9.23 -2.88
C MET C 336 22.68 -9.94 -3.82
N LEU C 337 23.78 -10.42 -3.25
CA LEU C 337 24.78 -11.17 -3.99
C LEU C 337 25.13 -12.43 -3.22
N THR C 338 25.32 -13.56 -3.94
CA THR C 338 25.65 -14.81 -3.26
C THR C 338 26.92 -14.72 -2.41
N PRO C 339 28.04 -14.18 -2.88
CA PRO C 339 29.25 -14.15 -2.03
C PRO C 339 29.11 -13.25 -0.83
N VAL C 340 28.26 -12.22 -0.88
CA VAL C 340 27.97 -11.43 0.33
C VAL C 340 27.23 -12.27 1.35
N ALA C 341 26.19 -13.01 0.93
CA ALA C 341 25.48 -13.88 1.86
C ALA C 341 26.41 -14.91 2.49
N ILE C 342 27.27 -15.53 1.68
CA ILE C 342 28.25 -16.49 2.20
C ILE C 342 29.14 -15.82 3.25
N ASN C 343 29.65 -14.63 2.92
CA ASN C 343 30.53 -13.93 3.86
C ASN C 343 29.81 -13.62 5.17
N GLU C 344 28.58 -13.11 5.07
CA GLU C 344 27.78 -12.80 6.26
C GLU C 344 27.55 -14.04 7.12
N GLY C 345 27.33 -15.19 6.48
CA GLY C 345 27.09 -16.40 7.25
C GLY C 345 28.31 -16.89 7.98
N ALA C 346 29.47 -16.81 7.34
CA ALA C 346 30.70 -17.20 8.01
C ALA C 346 31.03 -16.24 9.15
N ALA C 347 30.82 -14.94 8.92
CA ALA C 347 31.11 -13.95 9.96
C ALA C 347 30.19 -14.13 11.16
N LEU C 348 28.93 -14.48 10.91
CA LEU C 348 28.00 -14.70 12.02
C LEU C 348 28.43 -15.87 12.89
N VAL C 349 28.74 -17.01 12.27
CA VAL C 349 29.16 -18.19 13.02
C VAL C 349 30.44 -17.89 13.80
N ASP C 350 31.42 -17.24 13.15
CA ASP C 350 32.64 -16.84 13.86
C ASP C 350 32.33 -15.96 15.07
N THR C 351 31.29 -15.12 14.97
CA THR C 351 30.96 -14.22 16.08
C THR C 351 30.23 -14.97 17.20
N VAL C 352 29.29 -15.85 16.85
CA VAL C 352 28.50 -16.51 17.87
C VAL C 352 29.30 -17.63 18.55
N PHE C 353 30.03 -18.43 17.77
CA PHE C 353 30.70 -19.62 18.28
C PHE C 353 32.22 -19.50 18.36
N GLY C 354 32.80 -18.36 17.98
CA GLY C 354 34.24 -18.21 18.02
C GLY C 354 34.75 -17.13 18.96
N ASN C 355 36.02 -16.77 18.83
CA ASN C 355 36.63 -15.80 19.75
C ASN C 355 36.31 -14.36 19.34
N LYS C 356 36.73 -13.96 18.16
CA LYS C 356 36.62 -12.56 17.80
C LYS C 356 35.36 -12.32 16.98
N PRO C 357 34.54 -11.35 17.34
CA PRO C 357 33.45 -10.95 16.45
C PRO C 357 33.98 -10.41 15.13
N ARG C 358 33.23 -10.68 14.06
CA ARG C 358 33.60 -10.28 12.71
C ARG C 358 32.37 -9.76 11.97
N LYS C 359 32.54 -8.66 11.25
CA LYS C 359 31.44 -8.09 10.48
C LYS C 359 31.79 -8.02 8.99
N THR C 360 30.78 -8.26 8.16
CA THR C 360 30.96 -8.18 6.71
C THR C 360 31.15 -6.73 6.26
N ASP C 361 32.12 -6.52 5.38
CA ASP C 361 32.33 -5.20 4.76
C ASP C 361 31.51 -5.14 3.48
N HIS C 362 30.57 -4.18 3.43
CA HIS C 362 29.63 -4.05 2.32
C HIS C 362 30.08 -3.04 1.27
N THR C 363 31.22 -2.39 1.47
CA THR C 363 31.74 -1.44 0.49
C THR C 363 32.75 -2.12 -0.41
N ARG C 364 32.95 -1.53 -1.59
CA ARG C 364 33.97 -1.96 -2.55
C ARG C 364 33.81 -3.43 -2.94
N VAL C 365 32.57 -3.90 -2.96
CA VAL C 365 32.26 -5.27 -3.37
C VAL C 365 32.20 -5.31 -4.90
N ALA C 366 33.00 -6.17 -5.50
CA ALA C 366 32.97 -6.29 -6.95
C ALA C 366 31.82 -7.20 -7.40
N SER C 367 31.26 -6.92 -8.57
CA SER C 367 30.15 -7.69 -9.09
C SER C 367 30.14 -7.59 -10.61
N ALA C 368 29.21 -8.30 -11.23
CA ALA C 368 29.19 -8.44 -12.68
C ALA C 368 27.76 -8.51 -13.18
N VAL C 369 27.56 -8.14 -14.44
CA VAL C 369 26.33 -8.44 -15.17
C VAL C 369 26.73 -9.31 -16.35
N PHE C 370 26.13 -10.50 -16.45
CA PHE C 370 26.43 -11.37 -17.57
C PHE C 370 25.52 -11.11 -18.75
N SER C 371 25.46 -9.83 -19.08
CA SER C 371 24.94 -9.41 -20.36
C SER C 371 25.91 -9.82 -21.47
N ILE C 372 25.42 -9.71 -22.70
CA ILE C 372 26.22 -9.92 -23.89
C ILE C 372 26.28 -8.59 -24.63
N PRO C 373 27.38 -7.82 -24.48
CA PRO C 373 28.63 -8.11 -23.76
C PRO C 373 28.51 -7.88 -22.26
N PRO C 374 29.41 -8.41 -21.43
CA PRO C 374 29.21 -8.34 -19.98
C PRO C 374 29.87 -7.14 -19.32
N ILE C 375 29.44 -6.88 -18.08
CA ILE C 375 29.92 -5.77 -17.24
C ILE C 375 30.66 -6.32 -16.03
N GLY C 376 31.72 -5.61 -15.62
CA GLY C 376 32.40 -5.89 -14.37
C GLY C 376 32.63 -4.56 -13.67
N THR C 377 32.30 -4.47 -12.38
CA THR C 377 32.41 -3.20 -11.68
C THR C 377 32.82 -3.42 -10.23
N CYS C 378 33.53 -2.43 -9.68
CA CYS C 378 33.85 -2.43 -8.26
C CYS C 378 33.98 -0.98 -7.77
N GLY C 379 33.25 -0.63 -6.72
CA GLY C 379 33.36 0.70 -6.14
C GLY C 379 32.36 1.70 -6.70
N LEU C 380 32.68 2.98 -6.49
CA LEU C 380 31.75 4.08 -6.74
C LEU C 380 31.67 4.48 -8.20
N ILE C 381 30.47 4.81 -8.66
CA ILE C 381 30.33 5.49 -9.94
C ILE C 381 30.60 6.98 -9.74
N GLU C 382 30.87 7.67 -10.86
CA GLU C 382 31.42 9.03 -10.77
C GLU C 382 30.43 10.04 -10.20
N GLU C 383 29.13 9.90 -10.47
CA GLU C 383 28.20 10.90 -9.92
C GLU C 383 28.02 10.74 -8.42
N VAL C 384 28.23 9.54 -7.89
CA VAL C 384 28.24 9.36 -6.43
C VAL C 384 29.53 9.91 -5.84
N ALA C 385 30.66 9.56 -6.45
CA ALA C 385 31.95 10.11 -6.01
C ALA C 385 31.92 11.63 -5.96
N ALA C 386 31.36 12.26 -7.00
CA ALA C 386 31.40 13.71 -7.11
C ALA C 386 30.62 14.43 -6.01
N LYS C 387 29.74 13.72 -5.28
CA LYS C 387 29.05 14.32 -4.15
C LYS C 387 29.80 14.16 -2.84
N GLU C 388 30.67 13.16 -2.73
CA GLU C 388 31.43 12.93 -1.51
C GLU C 388 32.83 13.50 -1.56
N PHE C 389 33.33 13.89 -2.74
CA PHE C 389 34.69 14.37 -2.88
C PHE C 389 34.70 15.64 -3.72
N GLU C 390 35.52 16.61 -3.31
CA GLU C 390 35.52 17.91 -3.97
C GLU C 390 36.13 17.86 -5.37
N LYS C 391 37.14 17.02 -5.60
CA LYS C 391 37.74 16.89 -6.93
C LYS C 391 37.82 15.42 -7.31
N VAL C 392 37.14 15.07 -8.39
CA VAL C 392 37.09 13.70 -8.89
C VAL C 392 37.65 13.68 -10.31
N ALA C 393 38.52 12.71 -10.59
CA ALA C 393 39.03 12.52 -11.93
C ALA C 393 38.48 11.22 -12.52
N VAL C 394 38.25 11.22 -13.82
CA VAL C 394 37.71 10.07 -14.55
C VAL C 394 38.67 9.75 -15.68
N TYR C 395 39.20 8.53 -15.68
CA TYR C 395 40.04 8.03 -16.76
C TYR C 395 39.22 7.06 -17.58
N MET C 396 39.26 7.20 -18.91
CA MET C 396 38.34 6.47 -19.77
C MET C 396 39.04 6.04 -21.05
N SER C 397 38.86 4.78 -21.40
CA SER C 397 39.31 4.24 -22.67
C SER C 397 38.15 3.46 -23.25
N SER C 398 37.87 3.68 -24.54
CA SER C 398 36.76 3.00 -25.20
C SER C 398 37.12 2.84 -26.67
N PHE C 399 37.23 1.60 -27.13
CA PHE C 399 37.67 1.24 -28.46
C PHE C 399 37.06 -0.10 -28.81
N THR C 400 36.85 -0.35 -30.10
CA THR C 400 36.58 -1.71 -30.58
C THR C 400 37.89 -2.47 -30.68
N PRO C 401 38.11 -3.55 -29.91
CA PRO C 401 39.34 -4.33 -30.06
C PRO C 401 39.52 -4.84 -31.48
N LEU C 402 40.80 -5.05 -31.85
CA LEU C 402 41.15 -5.50 -33.20
C LEU C 402 40.43 -6.78 -33.60
N MET C 403 40.40 -7.79 -32.71
CA MET C 403 39.72 -9.05 -33.05
C MET C 403 38.30 -8.83 -33.56
N HIS C 404 37.62 -7.78 -33.08
CA HIS C 404 36.24 -7.55 -33.49
C HIS C 404 36.10 -6.68 -34.72
N ASN C 405 37.18 -6.04 -35.18
CA ASN C 405 37.16 -5.54 -36.56
C ASN C 405 37.22 -6.70 -37.55
N ILE C 406 37.96 -7.75 -37.21
CA ILE C 406 38.07 -8.91 -38.08
C ILE C 406 36.83 -9.79 -37.97
N SER C 407 36.31 -9.97 -36.75
CA SER C 407 35.13 -10.80 -36.55
C SER C 407 33.89 -10.23 -37.24
N GLY C 408 33.87 -8.94 -37.54
CA GLY C 408 32.67 -8.32 -38.05
C GLY C 408 31.76 -7.71 -37.00
N SER C 409 32.09 -7.85 -35.72
CA SER C 409 31.27 -7.28 -34.65
C SER C 409 31.79 -5.91 -34.23
N LYS C 410 31.77 -4.98 -35.18
CA LYS C 410 32.42 -3.70 -34.98
C LYS C 410 31.78 -2.89 -33.86
N TYR C 411 30.53 -3.20 -33.51
CA TYR C 411 29.82 -2.51 -32.43
C TYR C 411 30.37 -2.83 -31.04
N LYS C 412 31.25 -3.83 -30.90
CA LYS C 412 31.67 -4.31 -29.59
C LYS C 412 32.84 -3.48 -29.04
N LYS C 413 32.52 -2.27 -28.61
CA LYS C 413 33.50 -1.45 -27.90
C LYS C 413 33.79 -2.02 -26.51
N PHE C 414 35.08 -2.06 -26.16
CA PHE C 414 35.48 -2.30 -24.78
C PHE C 414 35.62 -0.97 -24.05
N VAL C 415 34.99 -0.85 -22.89
CA VAL C 415 34.99 0.38 -22.11
C VAL C 415 35.68 0.10 -20.78
N ALA C 416 36.66 0.94 -20.45
CA ALA C 416 37.34 0.84 -19.17
C ALA C 416 37.37 2.23 -18.57
N LYS C 417 36.89 2.35 -17.33
CA LYS C 417 36.88 3.64 -16.64
C LYS C 417 37.38 3.48 -15.22
N ILE C 418 38.21 4.43 -14.78
CA ILE C 418 38.69 4.49 -13.40
C ILE C 418 38.28 5.84 -12.82
N VAL C 419 37.71 5.82 -11.63
CA VAL C 419 37.24 7.03 -10.92
C VAL C 419 38.16 7.27 -9.73
N THR C 420 38.70 8.47 -9.60
CA THR C 420 39.64 8.75 -8.51
C THR C 420 39.20 9.96 -7.69
N ASN C 421 39.65 9.98 -6.44
CA ASN C 421 39.77 11.23 -5.70
C ASN C 421 41.01 11.94 -6.24
N HIS C 422 40.82 13.01 -7.01
CA HIS C 422 41.96 13.63 -7.66
C HIS C 422 42.90 14.33 -6.68
N SER C 423 42.45 14.57 -5.45
CA SER C 423 43.30 15.25 -4.47
C SER C 423 44.48 14.39 -4.04
N ASP C 424 44.27 13.07 -3.90
CA ASP C 424 45.35 12.18 -3.53
C ASP C 424 45.52 10.99 -4.46
N GLY C 425 44.69 10.86 -5.51
CA GLY C 425 44.85 9.80 -6.49
C GLY C 425 44.22 8.47 -6.12
N THR C 426 43.59 8.35 -4.95
CA THR C 426 42.97 7.09 -4.55
C THR C 426 41.90 6.65 -5.56
N VAL C 427 41.94 5.38 -5.95
CA VAL C 427 40.94 4.81 -6.84
C VAL C 427 39.67 4.55 -6.05
N LEU C 428 38.56 5.18 -6.49
CA LEU C 428 37.25 5.03 -5.86
C LEU C 428 36.36 4.00 -6.54
N GLY C 429 36.56 3.78 -7.84
CA GLY C 429 35.81 2.74 -8.54
C GLY C 429 36.39 2.46 -9.90
N VAL C 430 36.12 1.24 -10.39
CA VAL C 430 36.57 0.78 -11.71
C VAL C 430 35.36 0.11 -12.37
N HIS C 431 35.09 0.47 -13.63
CA HIS C 431 33.90 -0.01 -14.34
C HIS C 431 34.30 -0.44 -15.74
N LEU C 432 33.87 -1.65 -16.13
CA LEU C 432 34.35 -2.30 -17.34
C LEU C 432 33.19 -2.91 -18.11
N LEU C 433 33.25 -2.79 -19.44
CA LEU C 433 32.29 -3.42 -20.35
C LEU C 433 33.02 -4.11 -21.50
N GLY C 434 32.69 -5.39 -21.73
CA GLY C 434 33.32 -6.09 -22.82
C GLY C 434 33.73 -7.49 -22.39
N ASP C 435 34.09 -8.35 -23.36
CA ASP C 435 34.41 -9.74 -23.06
C ASP C 435 35.48 -9.81 -21.97
N GLY C 436 35.23 -10.64 -20.97
CA GLY C 436 36.17 -10.84 -19.89
C GLY C 436 36.01 -9.88 -18.73
N ALA C 437 35.12 -8.90 -18.81
CA ALA C 437 35.03 -7.91 -17.74
C ALA C 437 34.72 -8.50 -16.38
N PRO C 438 33.90 -9.56 -16.23
CA PRO C 438 33.72 -10.13 -14.89
C PRO C 438 34.99 -10.78 -14.34
N GLU C 439 35.85 -11.33 -15.19
CA GLU C 439 37.09 -11.95 -14.72
C GLU C 439 38.14 -10.89 -14.38
N ILE C 440 38.19 -9.80 -15.15
CA ILE C 440 39.18 -8.75 -14.94
C ILE C 440 38.97 -8.04 -13.60
N ILE C 441 37.70 -7.84 -13.22
CA ILE C 441 37.40 -6.98 -12.09
C ILE C 441 37.74 -7.63 -10.76
N GLN C 442 37.90 -8.96 -10.68
CA GLN C 442 38.03 -9.62 -9.38
C GLN C 442 39.23 -9.10 -8.59
N ALA C 443 40.40 -9.06 -9.22
CA ALA C 443 41.59 -8.61 -8.51
C ALA C 443 41.58 -7.11 -8.30
N VAL C 444 40.76 -6.37 -9.05
CA VAL C 444 40.60 -4.95 -8.74
C VAL C 444 39.94 -4.78 -7.38
N GLY C 445 39.06 -5.71 -7.01
CA GLY C 445 38.47 -5.66 -5.69
C GLY C 445 39.50 -5.79 -4.59
N VAL C 446 40.56 -6.58 -4.83
CA VAL C 446 41.66 -6.66 -3.88
C VAL C 446 42.43 -5.34 -3.84
N CYS C 447 42.67 -4.72 -5.02
CA CYS C 447 43.41 -3.46 -5.08
C CYS C 447 42.73 -2.38 -4.25
N LEU C 448 41.40 -2.37 -4.25
CA LEU C 448 40.68 -1.34 -3.51
C LEU C 448 40.76 -1.56 -2.00
N ARG C 449 41.05 -2.79 -1.55
CA ARG C 449 41.32 -3.00 -0.12
C ARG C 449 42.73 -2.59 0.28
N LEU C 450 43.59 -2.31 -0.68
CA LEU C 450 44.96 -1.90 -0.41
C LEU C 450 45.16 -0.42 -0.66
N ASN C 451 44.06 0.33 -0.81
CA ASN C 451 44.03 1.77 -1.06
CA ASN C 451 44.17 1.77 -0.95
C ASN C 451 44.96 2.16 -2.20
N ALA C 452 44.79 1.40 -3.28
CA ALA C 452 45.46 1.65 -4.55
C ALA C 452 45.17 3.06 -5.05
N LYS C 453 46.18 3.69 -5.63
CA LYS C 453 46.07 4.97 -6.32
C LYS C 453 46.17 4.74 -7.81
N ILE C 454 45.78 5.76 -8.59
CA ILE C 454 45.92 5.66 -10.05
C ILE C 454 47.37 5.35 -10.43
N SER C 455 48.35 5.93 -9.71
CA SER C 455 49.74 5.69 -10.09
C SER C 455 50.13 4.23 -9.85
N ASP C 456 49.49 3.55 -8.91
CA ASP C 456 49.74 2.12 -8.74
C ASP C 456 49.27 1.32 -9.94
N PHE C 457 48.15 1.72 -10.56
CA PHE C 457 47.71 1.05 -11.78
C PHE C 457 48.64 1.39 -12.95
N TYR C 458 48.95 2.68 -13.18
CA TYR C 458 49.69 3.05 -14.39
CA TYR C 458 49.66 2.92 -14.43
C TYR C 458 51.14 2.59 -14.34
N ASN C 459 51.70 2.40 -13.15
CA ASN C 459 53.08 1.98 -13.09
C ASN C 459 53.24 0.47 -13.10
N THR C 460 52.14 -0.28 -13.04
CA THR C 460 52.17 -1.72 -13.20
C THR C 460 52.36 -2.04 -14.68
N ILE C 461 53.23 -2.99 -14.98
CA ILE C 461 53.52 -3.33 -16.37
C ILE C 461 52.38 -4.16 -16.95
N GLY C 462 51.96 -3.84 -18.16
CA GLY C 462 50.80 -4.51 -18.75
C GLY C 462 51.12 -5.91 -19.22
N VAL C 463 50.04 -6.72 -19.35
CA VAL C 463 50.06 -8.03 -20.01
C VAL C 463 49.53 -7.82 -21.43
N HIS C 464 50.33 -8.19 -22.44
CA HIS C 464 49.97 -7.84 -23.81
C HIS C 464 49.92 -9.09 -24.69
N PRO C 465 48.91 -9.23 -25.56
CA PRO C 465 47.73 -8.36 -25.72
C PRO C 465 46.53 -8.82 -24.89
N THR C 466 45.99 -7.95 -24.05
CA THR C 466 44.76 -8.21 -23.33
C THR C 466 43.88 -6.97 -23.41
N SER C 467 42.60 -7.13 -23.11
CA SER C 467 41.78 -5.94 -22.83
C SER C 467 42.18 -5.32 -21.51
N ALA C 468 42.56 -6.17 -20.56
CA ALA C 468 42.78 -5.72 -19.19
C ALA C 468 43.96 -4.74 -19.10
N GLU C 469 44.92 -4.82 -20.02
CA GLU C 469 46.09 -3.94 -19.93
C GLU C 469 45.71 -2.48 -20.07
N GLU C 470 44.51 -2.18 -20.60
CA GLU C 470 44.03 -0.81 -20.66
C GLU C 470 43.97 -0.16 -19.28
N LEU C 471 43.67 -0.95 -18.24
CA LEU C 471 43.61 -0.43 -16.88
C LEU C 471 44.96 0.08 -16.41
N CYS C 472 46.05 -0.37 -17.03
CA CYS C 472 47.39 0.03 -16.63
C CYS C 472 48.02 0.97 -17.63
N SER C 473 47.23 1.55 -18.53
CA SER C 473 47.77 2.42 -19.58
C SER C 473 47.17 3.81 -19.51
N MET C 474 46.53 4.16 -18.39
CA MET C 474 45.76 5.41 -18.30
C MET C 474 46.40 6.29 -17.24
N ARG C 475 46.96 7.41 -17.68
CA ARG C 475 47.65 8.30 -16.75
C ARG C 475 47.13 9.73 -16.78
N THR C 476 46.32 10.09 -17.78
CA THR C 476 45.81 11.45 -17.92
C THR C 476 44.30 11.43 -17.87
N PRO C 477 43.66 12.14 -16.94
CA PRO C 477 42.20 12.12 -16.88
C PRO C 477 41.56 12.58 -18.17
N SER C 478 40.42 11.95 -18.49
CA SER C 478 39.58 12.40 -19.59
C SER C 478 38.76 13.62 -19.22
N TYR C 479 38.30 13.70 -17.97
CA TYR C 479 37.54 14.84 -17.47
C TYR C 479 37.49 14.73 -15.96
N TYR C 480 36.91 15.76 -15.34
CA TYR C 480 36.89 15.89 -13.88
C TYR C 480 35.49 16.27 -13.44
N TYR C 481 35.28 16.15 -12.13
CA TYR C 481 34.19 16.81 -11.42
C TYR C 481 34.80 17.68 -10.34
N VAL C 482 34.45 18.95 -10.32
CA VAL C 482 34.93 19.90 -9.32
C VAL C 482 33.72 20.49 -8.62
N LYS C 483 33.59 20.21 -7.32
CA LYS C 483 32.44 20.65 -6.53
C LYS C 483 31.13 20.20 -7.18
N GLY C 484 31.11 18.95 -7.66
CA GLY C 484 29.94 18.42 -8.31
C GLY C 484 29.78 18.77 -9.78
N GLU C 485 30.65 19.61 -10.33
CA GLU C 485 30.49 20.11 -11.69
C GLU C 485 31.45 19.39 -12.63
N LYS C 486 30.87 18.72 -13.63
CA LYS C 486 31.64 18.08 -14.70
C LYS C 486 32.37 19.13 -15.54
N MET C 487 33.61 18.83 -15.92
CA MET C 487 34.35 19.72 -16.79
C MET C 487 35.55 18.99 -17.39
N GLU C 488 35.86 19.31 -18.65
CA GLU C 488 36.93 18.62 -19.36
C GLU C 488 38.31 18.97 -18.79
N LYS C 489 38.50 20.21 -18.34
CA LYS C 489 39.77 20.64 -17.77
C LYS C 489 39.55 21.13 -16.33
N LEU C 490 40.64 21.14 -15.56
CA LEU C 490 40.57 21.78 -14.26
C LEU C 490 40.62 23.31 -14.43
N PRO C 491 39.90 24.07 -13.59
CA PRO C 491 39.74 25.52 -13.78
C PRO C 491 41.04 26.29 -13.96
N GLY D 1 81.67 21.51 -52.46
CA GLY D 1 82.07 21.45 -51.07
C GLY D 1 81.17 20.54 -50.27
N SER D 2 81.26 20.63 -48.96
CA SER D 2 80.50 19.75 -48.07
C SER D 2 79.23 20.44 -47.60
N HIS D 3 78.33 19.64 -47.02
CA HIS D 3 77.08 20.15 -46.46
C HIS D 3 76.72 19.34 -45.23
N MET D 4 75.92 19.94 -44.36
CA MET D 4 75.76 19.43 -43.01
C MET D 4 74.84 18.22 -42.95
N SER D 5 75.18 17.28 -42.07
CA SER D 5 74.34 16.12 -41.81
C SER D 5 73.05 16.56 -41.11
N LYS D 6 71.97 15.82 -41.37
CA LYS D 6 70.81 15.90 -40.49
C LYS D 6 71.24 15.55 -39.06
N ALA D 7 70.84 16.37 -38.08
CA ALA D 7 71.30 16.24 -36.70
C ALA D 7 70.12 16.09 -35.75
N PHE D 8 70.30 15.30 -34.69
CA PHE D 8 69.21 14.92 -33.81
C PHE D 8 69.66 14.89 -32.36
N ASP D 9 68.73 15.20 -31.45
CA ASP D 9 68.98 14.94 -30.03
C ASP D 9 69.13 13.45 -29.78
N LEU D 10 68.32 12.65 -30.48
CA LEU D 10 68.27 11.21 -30.22
C LEU D 10 68.09 10.47 -31.53
N VAL D 11 68.92 9.46 -31.75
CA VAL D 11 68.72 8.55 -32.87
C VAL D 11 68.46 7.18 -32.28
N VAL D 12 67.32 6.59 -32.63
CA VAL D 12 66.90 5.27 -32.18
C VAL D 12 67.10 4.31 -33.33
N ILE D 13 67.80 3.22 -33.10
CA ILE D 13 67.98 2.19 -34.12
C ILE D 13 67.04 1.06 -33.76
N GLY D 14 66.01 0.87 -34.58
CA GLY D 14 64.94 -0.10 -34.33
C GLY D 14 63.63 0.60 -34.00
N ALA D 15 62.65 0.53 -34.90
CA ALA D 15 61.36 1.18 -34.70
C ALA D 15 60.32 0.19 -34.16
N GLY D 16 60.64 -0.40 -33.01
CA GLY D 16 59.83 -1.44 -32.40
C GLY D 16 59.16 -1.01 -31.12
N SER D 17 58.83 -2.00 -30.28
CA SER D 17 58.05 -1.72 -29.07
C SER D 17 58.74 -0.69 -28.19
N GLY D 18 60.01 -0.93 -27.87
CA GLY D 18 60.74 0.01 -27.04
C GLY D 18 61.15 1.27 -27.77
N GLY D 19 61.65 1.12 -28.99
CA GLY D 19 62.17 2.28 -29.71
C GLY D 19 61.10 3.31 -30.07
N LEU D 20 59.89 2.84 -30.41
CA LEU D 20 58.83 3.80 -30.72
C LEU D 20 58.31 4.51 -29.47
N GLU D 21 58.20 3.80 -28.34
CA GLU D 21 57.81 4.46 -27.11
C GLU D 21 58.81 5.55 -26.75
N ALA D 22 60.10 5.21 -26.83
CA ALA D 22 61.16 6.18 -26.53
C ALA D 22 61.12 7.36 -27.50
N GLY D 23 61.05 7.09 -28.80
CA GLY D 23 61.06 8.18 -29.78
C GLY D 23 59.86 9.10 -29.63
N TRP D 24 58.67 8.51 -29.51
CA TRP D 24 57.44 9.28 -29.35
C TRP D 24 57.50 10.18 -28.12
N ASN D 25 57.92 9.64 -26.98
CA ASN D 25 57.96 10.42 -25.75
C ASN D 25 59.00 11.53 -25.84
N ALA D 26 60.19 11.21 -26.34
CA ALA D 26 61.23 12.23 -26.43
C ALA D 26 60.77 13.40 -27.28
N ALA D 27 60.06 13.11 -28.38
CA ALA D 27 59.62 14.16 -29.29
C ALA D 27 58.39 14.91 -28.79
N THR D 28 57.38 14.20 -28.31
CA THR D 28 56.12 14.88 -28.03
C THR D 28 55.99 15.37 -26.59
N LEU D 29 56.67 14.72 -25.64
CA LEU D 29 56.67 15.16 -24.25
C LEU D 29 57.81 16.11 -23.93
N TYR D 30 58.98 15.94 -24.55
CA TYR D 30 60.13 16.74 -24.17
C TYR D 30 60.67 17.60 -25.32
N GLY D 31 59.96 17.65 -26.45
CA GLY D 31 60.32 18.58 -27.51
C GLY D 31 61.63 18.26 -28.23
N LYS D 32 62.11 17.02 -28.15
CA LYS D 32 63.39 16.67 -28.76
C LYS D 32 63.25 16.36 -30.25
N ARG D 33 64.33 16.57 -30.98
CA ARG D 33 64.42 16.17 -32.38
C ARG D 33 64.95 14.73 -32.41
N VAL D 34 64.17 13.83 -33.01
CA VAL D 34 64.37 12.37 -32.88
C VAL D 34 64.35 11.75 -34.27
N ALA D 35 65.29 10.82 -34.51
CA ALA D 35 65.27 10.00 -35.72
C ALA D 35 65.10 8.55 -35.29
N VAL D 36 64.34 7.79 -36.08
CA VAL D 36 64.10 6.38 -35.83
C VAL D 36 64.34 5.63 -37.13
N VAL D 37 65.14 4.56 -37.06
CA VAL D 37 65.57 3.78 -38.21
C VAL D 37 64.95 2.38 -38.15
N ASP D 38 64.44 1.91 -39.29
CA ASP D 38 64.06 0.50 -39.38
C ASP D 38 64.26 0.06 -40.83
N VAL D 39 64.32 -1.26 -41.01
CA VAL D 39 64.72 -1.85 -42.28
C VAL D 39 63.56 -2.06 -43.26
N GLN D 40 62.31 -1.92 -42.82
CA GLN D 40 61.14 -2.06 -43.70
C GLN D 40 60.03 -1.16 -43.18
N THR D 41 59.19 -0.66 -44.10
CA THR D 41 58.07 0.17 -43.65
C THR D 41 56.77 -0.61 -43.42
N SER D 42 56.68 -1.87 -43.86
CA SER D 42 55.53 -2.70 -43.56
C SER D 42 55.97 -4.15 -43.42
N HIS D 43 55.07 -4.99 -42.86
CA HIS D 43 55.42 -6.35 -42.44
C HIS D 43 55.79 -7.26 -43.61
N GLY D 44 56.52 -8.33 -43.30
CA GLY D 44 56.64 -9.44 -44.20
C GLY D 44 58.04 -9.67 -44.75
N PRO D 45 58.19 -10.69 -45.58
CA PRO D 45 59.49 -10.94 -46.21
C PRO D 45 59.91 -9.76 -47.05
N PRO D 46 61.22 -9.54 -47.19
CA PRO D 46 62.33 -10.39 -46.69
C PRO D 46 62.73 -10.24 -45.23
N PHE D 47 62.47 -9.13 -44.53
CA PHE D 47 63.06 -8.92 -43.22
C PHE D 47 62.07 -9.14 -42.08
N TYR D 48 60.79 -9.38 -42.39
CA TYR D 48 59.75 -9.81 -41.46
C TYR D 48 59.35 -8.74 -40.43
N ALA D 49 60.21 -8.43 -39.47
CA ALA D 49 59.95 -7.24 -38.67
C ALA D 49 60.12 -5.99 -39.53
N ALA D 50 59.52 -4.91 -39.07
CA ALA D 50 59.39 -3.66 -39.83
C ALA D 50 59.03 -2.56 -38.85
N LEU D 51 58.81 -1.37 -39.39
CA LEU D 51 58.18 -0.27 -38.66
C LEU D 51 57.05 -0.81 -37.77
N GLY D 52 57.19 -0.62 -36.46
CA GLY D 52 56.25 -1.15 -35.50
C GLY D 52 56.85 -2.21 -34.61
N GLY D 53 57.76 -3.01 -35.13
CA GLY D 53 58.55 -3.92 -34.33
C GLY D 53 58.13 -5.38 -34.49
N THR D 54 58.77 -6.23 -33.70
CA THR D 54 58.49 -7.65 -33.78
C THR D 54 57.07 -7.95 -33.31
N CYS D 55 56.63 -7.30 -32.24
CA CYS D 55 55.30 -7.60 -31.72
C CYS D 55 54.23 -7.28 -32.74
N VAL D 56 54.32 -6.10 -33.36
CA VAL D 56 53.30 -5.66 -34.32
C VAL D 56 53.31 -6.54 -35.56
N ASN D 57 54.49 -6.88 -36.07
CA ASN D 57 54.57 -7.46 -37.41
C ASN D 57 54.59 -9.00 -37.40
N VAL D 58 55.38 -9.61 -36.52
CA VAL D 58 55.53 -11.07 -36.49
C VAL D 58 55.61 -11.55 -35.04
N GLY D 59 54.72 -11.05 -34.19
CA GLY D 59 54.73 -11.41 -32.78
C GLY D 59 53.37 -11.33 -32.13
N CYS D 60 53.27 -10.61 -31.01
CA CYS D 60 52.09 -10.70 -30.16
C CYS D 60 50.81 -10.42 -30.95
N VAL D 61 50.81 -9.38 -31.77
CA VAL D 61 49.56 -8.95 -32.38
C VAL D 61 49.05 -9.99 -33.38
N PRO D 62 49.79 -10.37 -34.42
CA PRO D 62 49.24 -11.38 -35.35
C PRO D 62 49.06 -12.75 -34.73
N LYS D 63 49.93 -13.15 -33.80
CA LYS D 63 49.76 -14.49 -33.22
C LYS D 63 48.53 -14.55 -32.34
N LYS D 64 48.19 -13.45 -31.65
CA LYS D 64 46.96 -13.46 -30.87
C LYS D 64 45.77 -13.61 -31.79
N LEU D 65 45.78 -12.93 -32.94
CA LEU D 65 44.68 -13.09 -33.87
C LEU D 65 44.57 -14.52 -34.36
N MET D 66 45.71 -15.17 -34.58
CA MET D 66 45.71 -16.55 -35.07
C MET D 66 45.29 -17.53 -33.97
N VAL D 67 45.69 -17.28 -32.73
CA VAL D 67 45.19 -18.12 -31.62
C VAL D 67 43.67 -17.95 -31.47
N THR D 68 43.18 -16.71 -31.57
CA THR D 68 41.74 -16.50 -31.52
C THR D 68 41.05 -17.31 -32.61
N GLY D 69 41.59 -17.28 -33.83
CA GLY D 69 41.03 -18.10 -34.89
C GLY D 69 41.09 -19.58 -34.56
N ALA D 70 42.18 -20.00 -33.93
CA ALA D 70 42.33 -21.41 -33.60
C ALA D 70 41.32 -21.85 -32.54
N GLN D 71 40.97 -20.95 -31.61
CA GLN D 71 40.01 -21.27 -30.55
C GLN D 71 38.64 -21.67 -31.09
N TYR D 72 38.28 -21.24 -32.30
CA TYR D 72 36.95 -21.58 -32.82
C TYR D 72 36.79 -23.07 -33.07
N MET D 73 37.89 -23.80 -33.28
CA MET D 73 37.78 -25.25 -33.35
C MET D 73 37.13 -25.78 -32.08
N ASP D 74 37.59 -25.31 -30.92
CA ASP D 74 36.97 -25.70 -29.65
C ASP D 74 35.55 -25.16 -29.52
N HIS D 75 35.32 -23.90 -29.93
CA HIS D 75 33.99 -23.31 -29.78
C HIS D 75 32.95 -24.09 -30.57
N LEU D 76 33.26 -24.43 -31.82
CA LEU D 76 32.28 -25.15 -32.64
C LEU D 76 31.94 -26.50 -32.02
N ARG D 77 32.94 -27.22 -31.51
CA ARG D 77 32.66 -28.53 -30.90
C ARG D 77 31.91 -28.39 -29.57
N GLU D 78 32.34 -27.45 -28.72
CA GLU D 78 31.72 -27.23 -27.41
C GLU D 78 30.30 -26.69 -27.51
N SER D 79 29.98 -25.96 -28.58
CA SER D 79 28.63 -25.41 -28.71
C SER D 79 27.55 -26.50 -28.67
N ALA D 80 27.89 -27.75 -29.02
CA ALA D 80 26.88 -28.80 -29.10
C ALA D 80 26.28 -29.11 -27.73
N GLY D 81 27.09 -29.09 -26.68
CA GLY D 81 26.56 -29.37 -25.35
C GLY D 81 25.54 -28.35 -24.88
N PHE D 82 25.51 -27.17 -25.48
CA PHE D 82 24.55 -26.14 -25.12
C PHE D 82 23.39 -26.06 -26.10
N GLY D 83 23.26 -27.06 -26.98
CA GLY D 83 22.10 -27.16 -27.85
C GLY D 83 22.29 -26.66 -29.26
N TRP D 84 23.50 -26.25 -29.64
CA TRP D 84 23.72 -25.76 -30.99
C TRP D 84 23.89 -26.92 -31.96
N GLU D 85 23.16 -26.85 -33.06
CA GLU D 85 23.13 -27.90 -34.07
C GLU D 85 23.52 -27.29 -35.41
N PHE D 86 24.37 -27.99 -36.15
CA PHE D 86 24.68 -27.59 -37.52
C PHE D 86 25.36 -28.77 -38.21
N ASP D 87 25.51 -28.65 -39.53
CA ASP D 87 26.14 -29.71 -40.32
C ASP D 87 27.64 -29.78 -40.04
N GLY D 88 28.02 -30.65 -39.10
CA GLY D 88 29.42 -30.77 -38.74
C GLY D 88 30.30 -31.19 -39.89
N SER D 89 29.75 -31.95 -40.85
CA SER D 89 30.56 -32.37 -41.98
C SER D 89 30.88 -31.24 -42.92
N SER D 90 30.24 -30.08 -42.79
CA SER D 90 30.56 -28.95 -43.65
C SER D 90 31.66 -28.06 -43.08
N VAL D 91 32.19 -28.37 -41.90
CA VAL D 91 33.14 -27.47 -41.25
C VAL D 91 34.49 -27.57 -41.92
N LYS D 92 35.05 -26.41 -42.30
CA LYS D 92 36.39 -26.32 -42.88
C LYS D 92 37.08 -25.07 -42.34
N ALA D 93 38.36 -25.22 -41.97
CA ALA D 93 39.17 -24.10 -41.49
C ALA D 93 40.00 -23.59 -42.66
N ASN D 94 39.80 -22.33 -43.04
CA ASN D 94 40.49 -21.78 -44.20
C ASN D 94 41.65 -20.90 -43.73
N TRP D 95 42.84 -21.48 -43.78
CA TRP D 95 44.08 -20.80 -43.39
C TRP D 95 44.32 -19.56 -44.23
N LYS D 96 44.01 -19.63 -45.53
CA LYS D 96 44.33 -18.51 -46.41
C LYS D 96 43.54 -17.28 -46.04
N LYS D 97 42.28 -17.46 -45.64
CA LYS D 97 41.48 -16.31 -45.22
C LYS D 97 42.02 -15.73 -43.92
N LEU D 98 42.40 -16.59 -42.97
CA LEU D 98 42.99 -16.12 -41.72
C LEU D 98 44.22 -15.27 -41.98
N ILE D 99 45.15 -15.77 -42.81
CA ILE D 99 46.39 -15.04 -43.03
C ILE D 99 46.13 -13.72 -43.75
N ALA D 100 45.18 -13.71 -44.69
CA ALA D 100 44.86 -12.47 -45.38
C ALA D 100 44.23 -11.45 -44.44
N ALA D 101 43.38 -11.91 -43.50
CA ALA D 101 42.80 -11.01 -42.52
C ALA D 101 43.86 -10.46 -41.58
N LYS D 102 44.79 -11.32 -41.15
CA LYS D 102 45.89 -10.91 -40.29
C LYS D 102 46.80 -9.92 -41.01
N ASN D 103 47.12 -10.19 -42.28
CA ASN D 103 47.99 -9.29 -43.03
C ASN D 103 47.38 -7.89 -43.12
N GLU D 104 46.07 -7.82 -43.38
CA GLU D 104 45.41 -6.52 -43.48
C GLU D 104 45.44 -5.77 -42.16
N ALA D 105 45.19 -6.49 -41.06
CA ALA D 105 45.25 -5.88 -39.73
C ALA D 105 46.65 -5.31 -39.44
N VAL D 106 47.69 -6.09 -39.71
CA VAL D 106 49.05 -5.63 -39.46
C VAL D 106 49.40 -4.44 -40.34
N LEU D 107 49.05 -4.50 -41.63
CA LEU D 107 49.38 -3.40 -42.54
C LEU D 107 48.72 -2.10 -42.09
N ASP D 108 47.47 -2.19 -41.60
CA ASP D 108 46.81 -1.01 -41.06
C ASP D 108 47.62 -0.37 -39.95
N ILE D 109 48.26 -1.18 -39.09
CA ILE D 109 49.10 -0.62 -38.03
C ILE D 109 50.37 -0.01 -38.63
N ASN D 110 50.99 -0.71 -39.59
CA ASN D 110 52.14 -0.14 -40.31
C ASN D 110 51.81 1.26 -40.83
N LYS D 111 50.69 1.38 -41.54
CA LYS D 111 50.30 2.65 -42.15
C LYS D 111 50.00 3.70 -41.10
N SER D 112 49.34 3.29 -40.00
CA SER D 112 49.06 4.21 -38.91
C SER D 112 50.34 4.81 -38.34
N TYR D 113 51.36 3.98 -38.12
CA TYR D 113 52.63 4.47 -37.61
C TYR D 113 53.31 5.39 -38.62
N GLU D 114 53.23 5.05 -39.90
CA GLU D 114 53.84 5.92 -40.91
C GLU D 114 53.16 7.29 -40.94
N GLY D 115 51.83 7.32 -40.81
CA GLY D 115 51.15 8.60 -40.78
C GLY D 115 51.52 9.41 -39.57
N MET D 116 51.77 8.75 -38.45
CA MET D 116 52.16 9.49 -37.25
CA MET D 116 52.19 9.46 -37.24
C MET D 116 53.54 10.13 -37.41
N PHE D 117 54.49 9.43 -38.06
CA PHE D 117 55.74 10.10 -38.40
C PHE D 117 55.47 11.30 -39.29
N ASN D 118 54.67 11.13 -40.34
CA ASN D 118 54.41 12.23 -41.27
C ASN D 118 53.81 13.43 -40.56
N ASP D 119 53.01 13.20 -39.53
CA ASP D 119 52.24 14.27 -38.92
C ASP D 119 52.91 14.88 -37.69
N THR D 120 53.98 14.28 -37.16
CA THR D 120 54.55 14.73 -35.89
C THR D 120 55.86 15.49 -36.14
N GLU D 121 55.86 16.79 -35.85
CA GLU D 121 57.06 17.60 -36.08
C GLU D 121 58.20 17.19 -35.14
N GLY D 122 59.41 17.10 -35.68
CA GLY D 122 60.55 16.69 -34.88
C GLY D 122 60.71 15.19 -34.68
N LEU D 123 59.89 14.37 -35.34
CA LEU D 123 59.98 12.91 -35.27
C LEU D 123 60.11 12.36 -36.69
N ASP D 124 61.29 11.88 -37.07
CA ASP D 124 61.59 11.50 -38.44
C ASP D 124 61.91 10.01 -38.54
N PHE D 125 61.43 9.37 -39.60
CA PHE D 125 61.71 7.96 -39.85
C PHE D 125 62.74 7.81 -40.97
N PHE D 126 63.67 6.86 -40.81
CA PHE D 126 64.64 6.55 -41.87
C PHE D 126 64.61 5.06 -42.19
N LEU D 127 64.44 4.75 -43.48
CA LEU D 127 64.45 3.38 -43.98
C LEU D 127 65.87 2.93 -44.25
N GLY D 128 66.26 1.76 -43.69
CA GLY D 128 67.54 1.17 -43.97
C GLY D 128 68.11 0.49 -42.75
N TRP D 129 69.40 0.15 -42.83
CA TRP D 129 70.11 -0.59 -41.79
C TRP D 129 71.00 0.39 -41.03
N GLY D 130 70.71 0.57 -39.75
CA GLY D 130 71.46 1.51 -38.94
C GLY D 130 72.64 0.81 -38.28
N SER D 131 73.75 1.54 -38.17
CA SER D 131 74.91 1.03 -37.45
C SER D 131 75.70 2.20 -36.88
N LEU D 132 76.60 1.88 -35.96
CA LEU D 132 77.37 2.90 -35.26
C LEU D 132 78.66 3.13 -36.02
N GLU D 133 78.80 4.29 -36.65
CA GLU D 133 80.08 4.62 -37.24
C GLU D 133 81.04 5.16 -36.19
N SER D 134 80.55 5.97 -35.27
CA SER D 134 81.33 6.45 -34.12
C SER D 134 80.37 6.84 -33.01
N LYS D 135 80.93 7.34 -31.91
CA LYS D 135 80.17 7.54 -30.67
C LYS D 135 78.95 8.46 -30.86
N ASN D 136 78.99 9.36 -31.84
CA ASN D 136 77.90 10.30 -32.08
C ASN D 136 77.52 10.35 -33.55
N VAL D 137 77.71 9.24 -34.27
CA VAL D 137 77.40 9.17 -35.69
C VAL D 137 76.73 7.84 -35.99
N VAL D 138 75.51 7.89 -36.52
CA VAL D 138 74.78 6.71 -36.96
C VAL D 138 74.71 6.76 -38.48
N VAL D 139 75.12 5.68 -39.15
CA VAL D 139 74.97 5.58 -40.60
C VAL D 139 73.80 4.65 -40.91
N VAL D 140 73.06 5.00 -41.95
CA VAL D 140 71.97 4.18 -42.46
C VAL D 140 72.39 3.69 -43.85
N ARG D 141 72.48 2.38 -44.03
CA ARG D 141 72.95 1.79 -45.28
C ARG D 141 71.83 1.06 -46.00
N GLU D 142 72.11 0.74 -47.26
CA GLU D 142 71.14 0.08 -48.13
C GLU D 142 70.80 -1.32 -47.64
N THR D 143 71.81 -2.10 -47.24
CA THR D 143 71.58 -3.46 -46.75
C THR D 143 72.33 -3.68 -45.43
N ALA D 144 72.18 -4.88 -44.89
CA ALA D 144 72.90 -5.28 -43.68
C ALA D 144 74.40 -5.43 -43.91
N ASP D 145 74.83 -5.52 -45.15
CA ASP D 145 76.26 -5.59 -45.46
C ASP D 145 76.92 -4.25 -45.13
N PRO D 146 77.90 -4.21 -44.23
CA PRO D 146 78.53 -2.92 -43.88
C PRO D 146 79.31 -2.29 -45.03
N LYS D 147 79.38 -2.94 -46.18
CA LYS D 147 79.97 -2.37 -47.39
C LYS D 147 78.94 -1.82 -48.35
N SER D 148 77.65 -1.98 -48.06
CA SER D 148 76.61 -1.41 -48.91
C SER D 148 76.61 0.12 -48.79
N ALA D 149 75.93 0.76 -49.73
CA ALA D 149 75.95 2.21 -49.85
C ALA D 149 75.35 2.89 -48.61
N VAL D 150 76.02 3.95 -48.15
CA VAL D 150 75.47 4.79 -47.08
C VAL D 150 74.35 5.65 -47.65
N LYS D 151 73.12 5.45 -47.15
CA LYS D 151 72.02 6.31 -47.57
C LYS D 151 72.07 7.66 -46.86
N GLU D 152 72.27 7.62 -45.53
CA GLU D 152 72.24 8.81 -44.70
C GLU D 152 73.29 8.66 -43.61
N ARG D 153 73.97 9.76 -43.30
CA ARG D 153 74.87 9.82 -42.15
C ARG D 153 74.29 10.84 -41.18
N LEU D 154 73.91 10.40 -39.99
CA LEU D 154 73.17 11.23 -39.05
C LEU D 154 74.05 11.61 -37.85
N GLN D 155 73.96 12.86 -37.44
CA GLN D 155 74.61 13.33 -36.22
C GLN D 155 73.66 13.09 -35.04
N ALA D 156 74.16 12.45 -33.98
CA ALA D 156 73.34 12.03 -32.86
C ALA D 156 74.01 12.45 -31.56
N ASP D 157 73.30 13.25 -30.76
CA ASP D 157 73.78 13.52 -29.40
C ASP D 157 73.67 12.29 -28.52
N HIS D 158 72.58 11.54 -28.67
CA HIS D 158 72.27 10.35 -27.87
C HIS D 158 71.84 9.26 -28.85
N ILE D 159 72.26 8.02 -28.58
CA ILE D 159 71.90 6.89 -29.45
C ILE D 159 71.22 5.82 -28.60
N LEU D 160 70.07 5.32 -29.07
CA LEU D 160 69.34 4.26 -28.41
C LEU D 160 69.38 3.01 -29.27
N LEU D 161 69.95 1.93 -28.74
CA LEU D 161 69.97 0.63 -29.42
C LEU D 161 68.70 -0.13 -29.06
N ALA D 162 67.87 -0.44 -30.06
CA ALA D 162 66.60 -1.12 -29.78
C ALA D 162 66.23 -2.04 -30.92
N THR D 163 67.18 -2.89 -31.35
CA THR D 163 66.99 -3.71 -32.53
C THR D 163 66.35 -5.06 -32.25
N GLY D 164 66.01 -5.37 -31.00
CA GLY D 164 65.22 -6.55 -30.71
C GLY D 164 66.06 -7.82 -30.69
N SER D 165 65.41 -8.94 -31.02
CA SER D 165 66.04 -10.25 -31.03
C SER D 165 65.69 -10.95 -32.35
N TRP D 166 66.14 -12.19 -32.49
CA TRP D 166 66.02 -12.92 -33.76
C TRP D 166 65.97 -14.41 -33.43
N PRO D 167 65.27 -15.22 -34.23
CA PRO D 167 65.17 -16.66 -33.91
C PRO D 167 66.54 -17.34 -33.93
N GLN D 168 66.80 -18.13 -32.90
CA GLN D 168 68.02 -18.93 -32.82
C GLN D 168 67.86 -20.20 -33.65
N MET D 169 68.82 -20.48 -34.53
CA MET D 169 68.77 -21.66 -35.37
C MET D 169 69.97 -22.56 -35.05
N PRO D 170 69.75 -23.78 -34.56
CA PRO D 170 70.89 -24.63 -34.18
C PRO D 170 71.70 -25.05 -35.39
N ALA D 171 72.99 -25.23 -35.17
CA ALA D 171 73.91 -25.64 -36.25
C ALA D 171 73.87 -27.15 -36.39
N ILE D 172 72.90 -27.63 -37.15
CA ILE D 172 72.77 -29.06 -37.46
C ILE D 172 72.75 -29.20 -38.97
N PRO D 173 73.14 -30.35 -39.50
CA PRO D 173 72.96 -30.61 -40.94
C PRO D 173 71.49 -30.49 -41.33
N GLY D 174 71.23 -29.75 -42.39
CA GLY D 174 69.90 -29.56 -42.91
C GLY D 174 69.10 -28.44 -42.29
N ILE D 175 69.74 -27.55 -41.52
CA ILE D 175 69.02 -26.47 -40.86
C ILE D 175 68.37 -25.57 -41.90
N GLU D 176 68.94 -25.51 -43.10
CA GLU D 176 68.37 -24.72 -44.18
C GLU D 176 67.02 -25.26 -44.67
N HIS D 177 66.63 -26.45 -44.26
CA HIS D 177 65.33 -27.01 -44.62
C HIS D 177 64.24 -26.65 -43.61
N CYS D 178 64.61 -25.92 -42.56
CA CYS D 178 63.71 -25.55 -41.47
C CYS D 178 63.33 -24.08 -41.58
N ILE D 179 62.30 -23.70 -40.80
CA ILE D 179 61.83 -22.32 -40.75
C ILE D 179 61.81 -21.89 -39.28
N SER D 180 61.43 -20.63 -39.06
CA SER D 180 61.23 -20.05 -37.74
C SER D 180 59.81 -19.49 -37.68
N SER D 181 59.46 -18.85 -36.56
CA SER D 181 58.14 -18.24 -36.46
C SER D 181 57.94 -17.18 -37.54
N ASN D 182 59.01 -16.50 -37.97
CA ASN D 182 58.91 -15.48 -39.02
C ASN D 182 58.19 -16.03 -40.25
N GLU D 183 58.70 -17.14 -40.79
CA GLU D 183 58.11 -17.73 -42.00
C GLU D 183 56.74 -18.37 -41.74
N ALA D 184 56.48 -18.80 -40.51
CA ALA D 184 55.19 -19.43 -40.19
C ALA D 184 54.03 -18.46 -40.41
N PHE D 185 54.23 -17.17 -40.16
CA PHE D 185 53.16 -16.20 -40.38
C PHE D 185 52.78 -16.04 -41.84
N TYR D 186 53.55 -16.62 -42.78
CA TYR D 186 53.30 -16.37 -44.19
C TYR D 186 53.17 -17.64 -45.02
N LEU D 187 53.09 -18.82 -44.39
CA LEU D 187 52.92 -20.05 -45.14
C LEU D 187 51.74 -19.92 -46.11
N PRO D 188 51.90 -20.28 -47.38
CA PRO D 188 50.76 -20.20 -48.31
C PRO D 188 49.65 -21.19 -48.00
N GLU D 189 49.99 -22.38 -47.48
CA GLU D 189 49.06 -23.45 -47.12
C GLU D 189 49.36 -23.89 -45.70
N PRO D 190 48.36 -24.30 -44.93
CA PRO D 190 48.62 -24.85 -43.59
C PRO D 190 49.25 -26.23 -43.70
N PRO D 191 50.33 -26.49 -42.97
CA PRO D 191 51.00 -27.79 -43.10
C PRO D 191 50.12 -28.94 -42.63
N ARG D 192 50.18 -30.04 -43.37
CA ARG D 192 49.51 -31.26 -42.95
C ARG D 192 50.19 -31.86 -41.72
N ARG D 193 51.52 -32.00 -41.77
CA ARG D 193 52.32 -32.46 -40.65
C ARG D 193 53.35 -31.39 -40.32
N VAL D 194 53.47 -31.01 -39.05
CA VAL D 194 54.44 -30.01 -38.64
C VAL D 194 55.07 -30.44 -37.33
N LEU D 195 56.37 -30.19 -37.21
CA LEU D 195 57.08 -30.35 -35.95
C LEU D 195 57.49 -28.97 -35.47
N THR D 196 57.04 -28.58 -34.28
CA THR D 196 57.53 -27.34 -33.65
C THR D 196 58.57 -27.75 -32.62
N VAL D 197 59.78 -27.23 -32.79
CA VAL D 197 60.94 -27.61 -31.99
C VAL D 197 61.11 -26.57 -30.89
N GLY D 198 61.03 -27.00 -29.63
CA GLY D 198 61.20 -26.12 -28.50
C GLY D 198 60.07 -26.28 -27.50
N GLY D 199 60.37 -25.99 -26.23
CA GLY D 199 59.40 -26.07 -25.17
C GLY D 199 58.90 -24.74 -24.64
N GLY D 200 59.29 -23.62 -25.25
CA GLY D 200 58.87 -22.30 -24.82
C GLY D 200 57.51 -21.91 -25.37
N PHE D 201 57.12 -20.66 -25.07
CA PHE D 201 55.76 -20.23 -25.36
C PHE D 201 55.47 -20.15 -26.85
N ILE D 202 56.47 -19.78 -27.67
CA ILE D 202 56.24 -19.67 -29.11
C ILE D 202 55.92 -21.04 -29.73
N SER D 203 56.71 -22.07 -29.39
CA SER D 203 56.43 -23.41 -29.89
C SER D 203 55.02 -23.88 -29.47
N VAL D 204 54.70 -23.72 -28.18
CA VAL D 204 53.41 -24.15 -27.64
C VAL D 204 52.26 -23.42 -28.35
N GLU D 205 52.40 -22.10 -28.51
CA GLU D 205 51.30 -21.33 -29.09
C GLU D 205 51.07 -21.72 -30.54
N PHE D 206 52.15 -21.85 -31.30
CA PHE D 206 51.99 -22.23 -32.71
C PHE D 206 51.50 -23.67 -32.86
N ALA D 207 51.87 -24.57 -31.95
CA ALA D 207 51.34 -25.92 -32.06
C ALA D 207 49.81 -25.91 -32.00
N GLY D 208 49.22 -25.07 -31.14
CA GLY D 208 47.77 -24.95 -31.10
C GLY D 208 47.21 -24.30 -32.35
N ILE D 209 47.90 -23.28 -32.87
CA ILE D 209 47.47 -22.66 -34.13
C ILE D 209 47.44 -23.69 -35.25
N PHE D 210 48.58 -24.36 -35.49
CA PHE D 210 48.64 -25.36 -36.54
C PHE D 210 47.64 -26.49 -36.32
N ASN D 211 47.37 -26.84 -35.06
CA ASN D 211 46.45 -27.94 -34.77
C ASN D 211 45.04 -27.65 -35.27
N ALA D 212 44.61 -26.38 -35.17
CA ALA D 212 43.25 -26.02 -35.55
C ALA D 212 43.08 -25.90 -37.05
N TYR D 213 44.11 -25.48 -37.78
CA TYR D 213 43.98 -25.22 -39.21
C TYR D 213 44.54 -26.34 -40.10
N LYS D 214 45.06 -27.40 -39.51
CA LYS D 214 45.66 -28.46 -40.33
C LYS D 214 44.60 -29.11 -41.23
N PRO D 215 45.00 -29.55 -42.42
CA PRO D 215 44.06 -30.23 -43.32
C PRO D 215 43.76 -31.63 -42.84
N PRO D 216 42.84 -32.36 -43.49
CA PRO D 216 42.46 -33.71 -43.04
C PRO D 216 43.63 -34.67 -42.87
N GLY D 217 43.57 -35.46 -41.81
CA GLY D 217 44.61 -36.42 -41.51
C GLY D 217 45.92 -35.83 -41.04
N GLY D 218 45.96 -34.55 -40.71
CA GLY D 218 47.19 -33.94 -40.29
C GLY D 218 47.55 -34.26 -38.85
N LYS D 219 48.78 -33.90 -38.47
CA LYS D 219 49.28 -34.15 -37.12
C LYS D 219 50.30 -33.08 -36.74
N VAL D 220 50.16 -32.51 -35.55
CA VAL D 220 51.15 -31.58 -34.99
C VAL D 220 51.95 -32.30 -33.92
N THR D 221 53.28 -32.22 -34.02
CA THR D 221 54.19 -32.75 -33.02
C THR D 221 55.07 -31.64 -32.48
N LEU D 222 55.16 -31.54 -31.15
CA LEU D 222 56.07 -30.62 -30.47
C LEU D 222 57.15 -31.44 -29.80
N CYS D 223 58.41 -31.07 -29.98
CA CYS D 223 59.48 -31.76 -29.28
C CYS D 223 60.24 -30.77 -28.39
N TYR D 224 60.76 -31.28 -27.29
CA TYR D 224 61.52 -30.48 -26.34
C TYR D 224 62.66 -31.34 -25.81
N ARG D 225 63.84 -30.74 -25.69
CA ARG D 225 65.04 -31.51 -25.37
C ARG D 225 65.05 -32.01 -23.92
N ASN D 226 64.27 -31.42 -23.03
CA ASN D 226 64.25 -31.82 -21.64
C ASN D 226 62.95 -32.55 -21.27
N ASN D 227 62.72 -32.71 -19.97
N ASN D 227 62.73 -32.76 -19.97
N ASN D 227 62.72 -32.71 -19.97
N ASN D 227 62.73 -32.76 -19.97
CA ASN D 227 61.71 -33.61 -19.44
CA ASN D 227 61.65 -33.65 -19.56
CA ASN D 227 61.71 -33.61 -19.44
CA ASN D 227 61.65 -33.66 -19.56
C ASN D 227 60.31 -33.04 -19.44
C ASN D 227 60.27 -33.03 -19.63
C ASN D 227 60.31 -33.04 -19.44
C ASN D 227 60.27 -33.03 -19.63
N LEU D 228 60.17 -31.71 -19.45
CA LEU D 228 58.86 -31.07 -19.29
C LEU D 228 58.83 -29.69 -19.93
N ILE D 229 57.83 -29.43 -20.76
CA ILE D 229 57.78 -28.17 -21.50
C ILE D 229 57.61 -26.98 -20.56
N LEU D 230 57.88 -25.77 -21.06
CA LEU D 230 57.53 -24.51 -20.38
C LEU D 230 58.32 -24.30 -19.09
N ARG D 231 59.63 -24.55 -19.19
CA ARG D 231 60.57 -24.20 -18.13
C ARG D 231 60.35 -22.75 -17.68
N GLY D 232 60.40 -22.51 -16.37
CA GLY D 232 60.17 -21.20 -15.80
C GLY D 232 58.74 -20.95 -15.32
N PHE D 233 57.78 -21.73 -15.79
CA PHE D 233 56.42 -21.61 -15.30
C PHE D 233 56.17 -22.57 -14.15
N ASP D 234 55.03 -22.38 -13.49
CA ASP D 234 54.63 -23.24 -12.38
C ASP D 234 54.59 -24.70 -12.83
N GLU D 235 55.06 -25.59 -11.96
CA GLU D 235 55.23 -26.98 -12.37
C GLU D 235 53.90 -27.70 -12.52
N THR D 236 52.94 -27.45 -11.61
CA THR D 236 51.60 -28.00 -11.82
C THR D 236 51.05 -27.60 -13.17
N ILE D 237 51.23 -26.33 -13.53
CA ILE D 237 50.71 -25.84 -14.80
C ILE D 237 51.44 -26.46 -15.97
N ARG D 238 52.78 -26.62 -15.88
CA ARG D 238 53.52 -27.22 -16.99
C ARG D 238 52.99 -28.62 -17.28
N GLU D 239 52.69 -29.38 -16.24
CA GLU D 239 52.21 -30.74 -16.42
C GLU D 239 50.77 -30.73 -16.93
N GLU D 240 49.97 -29.78 -16.48
CA GLU D 240 48.57 -29.73 -16.88
C GLU D 240 48.44 -29.25 -18.33
N VAL D 241 49.23 -28.26 -18.75
CA VAL D 241 49.23 -27.85 -20.16
C VAL D 241 49.63 -29.00 -21.06
N THR D 242 50.63 -29.77 -20.63
CA THR D 242 51.05 -30.95 -21.41
C THR D 242 49.88 -31.87 -21.68
N LYS D 243 49.14 -32.21 -20.62
CA LYS D 243 47.99 -33.11 -20.75
C LYS D 243 46.90 -32.50 -21.62
N GLN D 244 46.66 -31.19 -21.48
CA GLN D 244 45.56 -30.60 -22.24
C GLN D 244 45.92 -30.42 -23.71
N LEU D 245 47.20 -30.21 -24.04
CA LEU D 245 47.60 -30.27 -25.44
C LEU D 245 47.42 -31.67 -26.01
N THR D 246 47.87 -32.68 -25.27
CA THR D 246 47.68 -34.06 -25.70
C THR D 246 46.21 -34.35 -25.96
N ALA D 247 45.34 -33.93 -25.03
CA ALA D 247 43.92 -34.20 -25.16
C ALA D 247 43.32 -33.57 -26.40
N ASN D 248 43.92 -32.49 -26.89
CA ASN D 248 43.44 -31.85 -28.10
C ASN D 248 44.17 -32.32 -29.35
N GLY D 249 44.97 -33.38 -29.23
CA GLY D 249 45.48 -34.09 -30.37
C GLY D 249 46.91 -33.78 -30.78
N ILE D 250 47.67 -33.06 -29.97
CA ILE D 250 49.06 -32.72 -30.27
C ILE D 250 49.97 -33.75 -29.60
N GLU D 251 50.96 -34.22 -30.33
N GLU D 251 50.96 -34.23 -30.33
N GLU D 251 50.96 -34.22 -30.33
N GLU D 251 50.96 -34.23 -30.33
CA GLU D 251 51.94 -35.18 -29.82
CA GLU D 251 51.92 -35.20 -29.80
CA GLU D 251 51.94 -35.18 -29.82
CA GLU D 251 51.91 -35.20 -29.80
C GLU D 251 53.10 -34.42 -29.19
C GLU D 251 53.12 -34.46 -29.20
C GLU D 251 53.10 -34.42 -29.19
C GLU D 251 53.12 -34.46 -29.20
N ILE D 252 53.33 -34.64 -27.90
CA ILE D 252 54.45 -34.03 -27.18
C ILE D 252 55.59 -35.04 -27.10
N MET D 253 56.74 -34.72 -27.69
CA MET D 253 57.95 -35.54 -27.64
C MET D 253 58.97 -34.89 -26.71
N THR D 254 58.96 -35.28 -25.45
CA THR D 254 59.94 -34.76 -24.51
C THR D 254 61.22 -35.61 -24.50
N ASN D 255 62.31 -35.02 -24.03
CA ASN D 255 63.64 -35.63 -24.03
C ASN D 255 64.06 -36.04 -25.44
N GLU D 256 63.79 -35.18 -26.42
CA GLU D 256 64.17 -35.42 -27.80
C GLU D 256 64.66 -34.12 -28.41
N ASN D 257 65.64 -34.22 -29.31
CA ASN D 257 66.21 -33.05 -29.94
C ASN D 257 66.66 -33.37 -31.36
N PRO D 258 66.27 -32.58 -32.35
CA PRO D 258 66.73 -32.83 -33.72
C PRO D 258 68.25 -32.82 -33.84
N ALA D 259 68.77 -33.80 -34.58
CA ALA D 259 70.19 -33.89 -34.89
C ALA D 259 70.50 -33.62 -36.35
N LYS D 260 69.55 -33.86 -37.26
CA LYS D 260 69.72 -33.43 -38.64
C LYS D 260 68.36 -33.50 -39.34
N VAL D 261 68.30 -32.85 -40.50
CA VAL D 261 67.11 -32.79 -41.33
C VAL D 261 67.55 -32.98 -42.77
N SER D 262 66.85 -33.84 -43.51
CA SER D 262 67.10 -34.01 -44.94
C SER D 262 65.79 -33.89 -45.70
N LEU D 263 65.91 -33.56 -46.99
CA LEU D 263 64.77 -33.41 -47.89
C LEU D 263 64.43 -34.75 -48.51
N ASN D 264 63.20 -35.20 -48.32
CA ASN D 264 62.70 -36.38 -49.01
C ASN D 264 62.44 -36.06 -50.47
N THR D 265 62.38 -37.11 -51.30
CA THR D 265 62.20 -36.87 -52.73
C THR D 265 60.88 -36.16 -53.04
N ASP D 266 59.90 -36.21 -52.14
CA ASP D 266 58.64 -35.52 -52.41
C ASP D 266 58.59 -34.12 -51.82
N GLY D 267 59.69 -33.65 -51.22
CA GLY D 267 59.77 -32.31 -50.67
C GLY D 267 59.48 -32.20 -49.19
N SER D 268 58.97 -33.24 -48.56
CA SER D 268 58.81 -33.23 -47.11
C SER D 268 60.18 -33.38 -46.45
N LYS D 269 60.17 -33.29 -45.12
CA LYS D 269 61.40 -33.23 -44.34
C LYS D 269 61.54 -34.49 -43.50
N HIS D 270 62.77 -35.02 -43.46
CA HIS D 270 63.09 -36.22 -42.69
C HIS D 270 63.96 -35.79 -41.51
N VAL D 271 63.40 -35.87 -40.31
CA VAL D 271 64.06 -35.44 -39.09
C VAL D 271 64.60 -36.66 -38.36
N THR D 272 65.90 -36.64 -38.06
CA THR D 272 66.53 -37.62 -37.19
C THR D 272 66.82 -36.95 -35.85
N PHE D 273 66.37 -37.55 -34.76
CA PHE D 273 66.65 -37.04 -33.43
C PHE D 273 67.97 -37.62 -32.90
N GLU D 274 68.52 -36.95 -31.88
CA GLU D 274 69.74 -37.44 -31.23
C GLU D 274 69.58 -38.88 -30.74
N SER D 275 68.37 -39.27 -30.34
CA SER D 275 68.11 -40.62 -29.87
C SER D 275 68.07 -41.65 -31.00
N GLY D 276 68.05 -41.22 -32.26
CA GLY D 276 67.92 -42.11 -33.39
C GLY D 276 66.51 -42.25 -33.91
N LYS D 277 65.51 -41.79 -33.16
CA LYS D 277 64.14 -41.71 -33.67
C LYS D 277 64.08 -40.82 -34.91
N THR D 278 63.03 -41.02 -35.70
CA THR D 278 62.87 -40.21 -36.91
C THR D 278 61.42 -39.77 -37.02
N LEU D 279 61.20 -38.75 -37.83
CA LEU D 279 59.87 -38.22 -38.05
C LEU D 279 59.87 -37.51 -39.39
N ASP D 280 58.82 -37.74 -40.18
CA ASP D 280 58.63 -37.04 -41.45
C ASP D 280 57.51 -36.03 -41.27
N VAL D 281 57.77 -34.79 -41.70
CA VAL D 281 56.81 -33.70 -41.59
C VAL D 281 56.96 -32.80 -42.79
N ASP D 282 55.93 -31.98 -43.02
CA ASP D 282 55.97 -31.01 -44.11
C ASP D 282 56.66 -29.72 -43.73
N VAL D 283 56.66 -29.37 -42.44
CA VAL D 283 57.29 -28.14 -41.96
C VAL D 283 57.98 -28.44 -40.63
N VAL D 284 59.24 -27.99 -40.51
CA VAL D 284 59.96 -28.01 -39.24
C VAL D 284 60.13 -26.56 -38.79
N MET D 285 59.44 -26.17 -37.71
CA MET D 285 59.56 -24.80 -37.18
C MET D 285 60.46 -24.80 -35.96
N MET D 286 61.64 -24.20 -36.08
CA MET D 286 62.57 -24.05 -34.96
C MET D 286 62.13 -22.92 -34.06
N ALA D 287 61.86 -23.21 -32.79
CA ALA D 287 61.48 -22.20 -31.80
C ALA D 287 62.21 -22.49 -30.50
N ILE D 288 63.54 -22.66 -30.61
CA ILE D 288 64.33 -23.03 -29.45
C ILE D 288 64.84 -21.85 -28.65
N GLY D 289 64.63 -20.62 -29.13
CA GLY D 289 65.07 -19.46 -28.39
C GLY D 289 65.17 -18.26 -29.31
N ARG D 290 65.47 -17.12 -28.70
CA ARG D 290 65.68 -15.89 -29.46
C ARG D 290 66.91 -15.19 -28.89
N ILE D 291 67.75 -14.67 -29.77
CA ILE D 291 69.03 -14.09 -29.36
C ILE D 291 69.07 -12.60 -29.69
N PRO D 292 69.75 -11.79 -28.86
CA PRO D 292 69.80 -10.36 -29.11
C PRO D 292 70.37 -10.06 -30.48
N ARG D 293 69.84 -9.01 -31.11
CA ARG D 293 70.14 -8.68 -32.51
C ARG D 293 71.22 -7.60 -32.56
N THR D 294 72.46 -8.07 -32.39
CA THR D 294 73.62 -7.20 -32.29
C THR D 294 74.61 -7.21 -33.47
N ASN D 295 74.65 -8.25 -34.33
CA ASN D 295 75.70 -8.37 -35.37
C ASN D 295 75.80 -7.13 -36.28
N ASP D 296 74.65 -6.60 -36.69
CA ASP D 296 74.67 -5.63 -37.77
C ASP D 296 74.97 -4.23 -37.26
N LEU D 297 75.00 -4.01 -35.95
CA LEU D 297 75.19 -2.67 -35.40
C LEU D 297 76.65 -2.20 -35.42
N GLN D 298 77.61 -3.06 -35.74
CA GLN D 298 79.04 -2.70 -35.76
C GLN D 298 79.46 -2.07 -34.43
N LEU D 299 79.08 -2.71 -33.34
CA LEU D 299 79.36 -2.16 -32.02
C LEU D 299 80.86 -2.05 -31.72
N GLY D 300 81.70 -2.83 -32.39
CA GLY D 300 83.14 -2.71 -32.19
C GLY D 300 83.69 -1.36 -32.60
N ASN D 301 82.97 -0.63 -33.46
CA ASN D 301 83.41 0.71 -33.86
C ASN D 301 83.49 1.66 -32.67
N VAL D 302 82.70 1.42 -31.62
CA VAL D 302 82.67 2.29 -30.46
C VAL D 302 82.91 1.55 -29.16
N GLY D 303 83.03 0.23 -29.20
CA GLY D 303 83.39 -0.50 -28.00
C GLY D 303 82.27 -0.72 -27.00
N VAL D 304 81.02 -0.84 -27.46
CA VAL D 304 79.92 -1.18 -26.56
C VAL D 304 80.07 -2.62 -26.12
N LYS D 305 80.03 -2.86 -24.79
CA LYS D 305 80.32 -4.17 -24.25
C LYS D 305 79.09 -5.07 -24.28
N LEU D 306 79.28 -6.30 -24.76
CA LEU D 306 78.26 -7.35 -24.68
C LEU D 306 78.45 -8.17 -23.41
N THR D 307 77.37 -8.80 -22.96
CA THR D 307 77.42 -9.77 -21.88
C THR D 307 77.96 -11.10 -22.42
N PRO D 308 78.30 -12.04 -21.53
CA PRO D 308 78.76 -13.36 -22.04
C PRO D 308 77.71 -14.05 -22.90
N LYS D 309 76.43 -13.79 -22.65
CA LYS D 309 75.34 -14.38 -23.41
C LYS D 309 75.05 -13.69 -24.73
N GLY D 310 75.65 -12.52 -25.00
CA GLY D 310 75.51 -11.84 -26.28
C GLY D 310 74.65 -10.59 -26.25
N GLY D 311 73.95 -10.28 -25.15
CA GLY D 311 73.17 -9.06 -25.09
C GLY D 311 74.03 -7.84 -24.84
N VAL D 312 73.47 -6.66 -25.13
CA VAL D 312 74.16 -5.43 -24.76
C VAL D 312 74.10 -5.26 -23.25
N GLN D 313 75.26 -5.10 -22.62
CA GLN D 313 75.32 -4.93 -21.18
C GLN D 313 74.84 -3.54 -20.78
N VAL D 314 73.95 -3.45 -19.79
CA VAL D 314 73.39 -2.17 -19.35
C VAL D 314 73.31 -2.14 -17.83
N ASP D 315 73.28 -0.93 -17.27
CA ASP D 315 72.98 -0.79 -15.85
C ASP D 315 71.46 -0.70 -15.69
N GLU D 316 71.00 -0.37 -14.48
CA GLU D 316 69.55 -0.34 -14.20
C GLU D 316 68.85 0.78 -14.96
N PHE D 317 69.60 1.79 -15.39
CA PHE D 317 69.04 2.91 -16.13
C PHE D 317 69.24 2.74 -17.63
N SER D 318 69.62 1.55 -18.09
CA SER D 318 69.75 1.18 -19.50
C SER D 318 70.96 1.81 -20.18
N ARG D 319 71.95 2.27 -19.40
CA ARG D 319 73.16 2.84 -19.97
C ARG D 319 74.17 1.75 -20.30
N THR D 320 74.78 1.85 -21.49
CA THR D 320 75.93 1.03 -21.82
C THR D 320 77.18 1.61 -21.17
N ASN D 321 78.32 1.00 -21.46
CA ASN D 321 79.57 1.55 -20.95
C ASN D 321 80.01 2.79 -21.70
N VAL D 322 79.37 3.12 -22.82
CA VAL D 322 79.77 4.24 -23.67
C VAL D 322 78.80 5.39 -23.42
N PRO D 323 79.28 6.55 -23.00
CA PRO D 323 78.37 7.66 -22.70
C PRO D 323 77.53 8.02 -23.91
N ASN D 324 76.27 8.39 -23.61
CA ASN D 324 75.22 8.75 -24.55
C ASN D 324 74.80 7.59 -25.46
N ILE D 325 75.15 6.35 -25.12
CA ILE D 325 74.64 5.18 -25.83
C ILE D 325 73.90 4.28 -24.83
N TYR D 326 72.64 3.96 -25.15
CA TYR D 326 71.75 3.23 -24.26
C TYR D 326 71.18 2.03 -25.01
N ALA D 327 70.54 1.11 -24.27
CA ALA D 327 69.96 -0.07 -24.89
C ALA D 327 68.77 -0.53 -24.06
N ILE D 328 67.67 -0.88 -24.75
CA ILE D 328 66.45 -1.33 -24.10
C ILE D 328 65.88 -2.49 -24.91
N GLY D 329 64.95 -3.23 -24.29
CA GLY D 329 64.22 -4.27 -25.01
C GLY D 329 65.00 -5.57 -25.13
N ASP D 330 64.60 -6.38 -26.12
CA ASP D 330 65.18 -7.73 -26.24
C ASP D 330 66.69 -7.73 -26.47
N ILE D 331 67.28 -6.64 -26.98
CA ILE D 331 68.72 -6.62 -27.21
C ILE D 331 69.48 -6.72 -25.89
N THR D 332 68.85 -6.41 -24.76
CA THR D 332 69.50 -6.55 -23.46
C THR D 332 69.35 -7.94 -22.84
N ASP D 333 68.56 -8.83 -23.44
CA ASP D 333 68.49 -10.25 -23.05
C ASP D 333 68.01 -10.44 -21.61
N ARG D 334 67.16 -9.53 -21.14
N ARG D 334 67.13 -9.57 -21.14
N ARG D 334 67.16 -9.53 -21.14
N ARG D 334 67.13 -9.57 -21.14
CA ARG D 334 66.50 -9.61 -19.85
CA ARG D 334 66.51 -9.79 -19.84
CA ARG D 334 66.50 -9.61 -19.85
CA ARG D 334 66.51 -9.79 -19.84
C ARG D 334 65.17 -10.35 -19.98
C ARG D 334 65.12 -10.40 -20.01
C ARG D 334 65.17 -10.35 -19.98
C ARG D 334 65.12 -10.40 -20.01
N LEU D 335 64.07 -9.63 -19.78
CA LEU D 335 62.71 -10.12 -19.99
C LEU D 335 62.27 -9.74 -21.39
N MET D 336 62.07 -10.73 -22.26
CA MET D 336 61.72 -10.46 -23.65
C MET D 336 60.20 -10.38 -23.78
N LEU D 337 59.64 -9.24 -23.36
CA LEU D 337 58.22 -8.97 -23.43
C LEU D 337 58.00 -7.55 -23.94
N THR D 338 56.93 -7.36 -24.70
CA THR D 338 56.67 -6.04 -25.28
C THR D 338 56.41 -4.97 -24.22
N PRO D 339 55.58 -5.17 -23.19
CA PRO D 339 55.37 -4.08 -22.22
C PRO D 339 56.61 -3.77 -21.41
N VAL D 340 57.55 -4.70 -21.28
CA VAL D 340 58.81 -4.38 -20.59
C VAL D 340 59.70 -3.49 -21.47
N ALA D 341 59.78 -3.77 -22.76
CA ALA D 341 60.57 -2.91 -23.65
C ALA D 341 59.98 -1.50 -23.67
N ILE D 342 58.65 -1.40 -23.68
CA ILE D 342 57.98 -0.11 -23.61
C ILE D 342 58.32 0.62 -22.32
N ASN D 343 58.21 -0.08 -21.17
CA ASN D 343 58.51 0.55 -19.88
C ASN D 343 59.96 1.01 -19.82
N GLU D 344 60.88 0.20 -20.35
CA GLU D 344 62.30 0.58 -20.37
C GLU D 344 62.51 1.82 -21.23
N GLY D 345 61.82 1.92 -22.37
CA GLY D 345 62.01 3.06 -23.25
C GLY D 345 61.49 4.36 -22.65
N ALA D 346 60.30 4.30 -22.03
CA ALA D 346 59.74 5.46 -21.34
C ALA D 346 60.62 5.89 -20.17
N ALA D 347 61.10 4.92 -19.38
CA ALA D 347 62.00 5.21 -18.26
C ALA D 347 63.30 5.85 -18.73
N LEU D 348 63.88 5.34 -19.82
CA LEU D 348 65.12 5.92 -20.32
C LEU D 348 64.90 7.37 -20.76
N VAL D 349 63.80 7.65 -21.46
CA VAL D 349 63.57 9.02 -21.94
C VAL D 349 63.29 9.96 -20.78
N ASP D 350 62.54 9.49 -19.78
CA ASP D 350 62.33 10.29 -18.57
C ASP D 350 63.66 10.62 -17.89
N THR D 351 64.60 9.67 -17.90
CA THR D 351 65.87 9.86 -17.20
C THR D 351 66.80 10.79 -17.98
N VAL D 352 66.89 10.62 -19.29
CA VAL D 352 67.84 11.37 -20.09
C VAL D 352 67.30 12.75 -20.47
N PHE D 353 66.04 12.83 -20.89
CA PHE D 353 65.47 14.07 -21.40
C PHE D 353 64.41 14.67 -20.50
N GLY D 354 63.88 13.89 -19.56
CA GLY D 354 63.00 14.41 -18.55
C GLY D 354 63.79 14.85 -17.33
N ASN D 355 63.07 15.20 -16.30
CA ASN D 355 63.69 15.60 -15.05
C ASN D 355 63.30 14.62 -13.96
N LYS D 356 63.12 13.36 -14.37
CA LYS D 356 62.52 12.32 -13.52
C LYS D 356 63.27 11.02 -13.73
N PRO D 357 64.45 10.87 -13.11
CA PRO D 357 65.19 9.60 -13.24
C PRO D 357 64.35 8.42 -12.76
N ARG D 358 64.41 7.32 -13.51
CA ARG D 358 63.52 6.20 -13.21
C ARG D 358 64.11 4.95 -13.84
N LYS D 359 63.95 3.82 -13.14
CA LYS D 359 64.40 2.53 -13.64
C LYS D 359 63.26 1.52 -13.63
N THR D 360 63.27 0.65 -14.63
CA THR D 360 62.26 -0.39 -14.77
C THR D 360 62.41 -1.45 -13.68
N ASP D 361 61.28 -1.85 -13.11
CA ASP D 361 61.25 -2.94 -12.14
C ASP D 361 60.96 -4.22 -12.91
N HIS D 362 61.93 -5.13 -12.93
CA HIS D 362 61.79 -6.37 -13.68
C HIS D 362 61.26 -7.53 -12.83
N THR D 363 60.88 -7.26 -11.58
CA THR D 363 60.23 -8.26 -10.76
C THR D 363 58.72 -8.08 -10.81
N ARG D 364 58.01 -9.18 -10.56
CA ARG D 364 56.57 -9.18 -10.40
C ARG D 364 55.87 -8.69 -11.67
N VAL D 365 56.45 -8.98 -12.82
CA VAL D 365 55.87 -8.62 -14.11
C VAL D 365 54.87 -9.70 -14.50
N ALA D 366 53.61 -9.30 -14.71
CA ALA D 366 52.60 -10.25 -15.18
C ALA D 366 52.81 -10.58 -16.66
N SER D 367 52.58 -11.84 -17.02
CA SER D 367 52.74 -12.29 -18.42
C SER D 367 51.79 -13.45 -18.71
N ALA D 368 51.71 -13.81 -20.00
CA ALA D 368 50.74 -14.81 -20.43
C ALA D 368 51.34 -15.74 -21.46
N VAL D 369 50.71 -16.92 -21.60
CA VAL D 369 50.98 -17.83 -22.72
C VAL D 369 49.64 -18.13 -23.37
N PHE D 370 49.53 -17.85 -24.66
CA PHE D 370 48.24 -18.09 -25.32
C PHE D 370 48.15 -19.48 -25.89
N SER D 371 48.43 -20.44 -25.00
CA SER D 371 48.03 -21.81 -25.22
C SER D 371 46.51 -21.91 -25.15
N ILE D 372 46.00 -23.09 -25.51
CA ILE D 372 44.56 -23.34 -25.46
C ILE D 372 44.35 -24.52 -24.50
N PRO D 373 43.85 -24.26 -23.27
CA PRO D 373 43.55 -22.94 -22.66
C PRO D 373 44.84 -22.20 -22.23
N PRO D 374 44.76 -20.92 -21.91
CA PRO D 374 45.97 -20.10 -21.72
C PRO D 374 46.45 -20.07 -20.27
N ILE D 375 47.65 -19.49 -20.10
CA ILE D 375 48.31 -19.29 -18.82
C ILE D 375 48.38 -17.80 -18.53
N GLY D 376 48.17 -17.42 -17.27
CA GLY D 376 48.53 -16.09 -16.81
C GLY D 376 49.29 -16.20 -15.52
N THR D 377 50.33 -15.37 -15.38
CA THR D 377 51.23 -15.56 -14.25
C THR D 377 51.89 -14.23 -13.85
N CYS D 378 52.19 -14.12 -12.56
CA CYS D 378 52.91 -12.96 -12.01
C CYS D 378 53.69 -13.39 -10.77
N GLY D 379 54.98 -13.09 -10.76
CA GLY D 379 55.78 -13.33 -9.56
C GLY D 379 56.45 -14.69 -9.57
N LEU D 380 56.89 -15.11 -8.38
CA LEU D 380 57.81 -16.23 -8.24
C LEU D 380 57.08 -17.57 -8.28
N ILE D 381 57.72 -18.56 -8.91
CA ILE D 381 57.26 -19.94 -8.74
C ILE D 381 57.79 -20.48 -7.41
N GLU D 382 57.11 -21.52 -6.91
CA GLU D 382 57.33 -21.93 -5.53
C GLU D 382 58.74 -22.46 -5.32
N GLU D 383 59.33 -23.14 -6.33
CA GLU D 383 60.67 -23.67 -6.12
C GLU D 383 61.71 -22.55 -6.01
N VAL D 384 61.48 -21.43 -6.67
CA VAL D 384 62.36 -20.27 -6.50
C VAL D 384 62.10 -19.60 -5.16
N ALA D 385 60.83 -19.42 -4.78
CA ALA D 385 60.50 -18.80 -3.50
C ALA D 385 61.11 -19.60 -2.34
N ALA D 386 61.09 -20.93 -2.43
CA ALA D 386 61.62 -21.75 -1.37
C ALA D 386 63.12 -21.53 -1.15
N LYS D 387 63.86 -21.15 -2.20
CA LYS D 387 65.29 -20.89 -2.03
C LYS D 387 65.56 -19.55 -1.36
N GLU D 388 64.59 -18.65 -1.31
CA GLU D 388 64.83 -17.30 -0.81
C GLU D 388 64.06 -16.97 0.46
N PHE D 389 63.22 -17.87 0.94
CA PHE D 389 62.44 -17.63 2.15
C PHE D 389 62.44 -18.88 3.01
N GLU D 390 62.54 -18.69 4.33
CA GLU D 390 62.56 -19.83 5.24
C GLU D 390 61.27 -20.64 5.14
N LYS D 391 60.12 -19.96 5.04
CA LYS D 391 58.81 -20.60 5.09
C LYS D 391 57.93 -20.05 3.99
N VAL D 392 57.50 -20.93 3.09
CA VAL D 392 56.67 -20.59 1.94
C VAL D 392 55.37 -21.40 2.01
N ALA D 393 54.24 -20.74 1.77
CA ALA D 393 52.97 -21.47 1.71
C ALA D 393 52.45 -21.48 0.27
N VAL D 394 51.78 -22.58 -0.09
CA VAL D 394 51.21 -22.74 -1.43
C VAL D 394 49.73 -23.04 -1.28
N TYR D 395 48.88 -22.19 -1.85
CA TYR D 395 47.44 -22.35 -1.85
C TYR D 395 47.05 -22.77 -3.27
N MET D 396 46.35 -23.89 -3.40
CA MET D 396 46.08 -24.46 -4.72
C MET D 396 44.62 -24.83 -4.86
N SER D 397 44.04 -24.54 -6.02
CA SER D 397 42.71 -24.99 -6.38
C SER D 397 42.75 -25.48 -7.81
N SER D 398 42.12 -26.61 -8.08
CA SER D 398 42.15 -27.17 -9.42
C SER D 398 40.93 -28.07 -9.61
N PHE D 399 40.23 -27.88 -10.72
CA PHE D 399 38.97 -28.57 -10.96
C PHE D 399 38.56 -28.28 -12.39
N THR D 400 37.79 -29.18 -12.97
CA THR D 400 37.14 -28.88 -14.24
C THR D 400 35.96 -27.96 -14.00
N PRO D 401 35.93 -26.75 -14.58
CA PRO D 401 34.76 -25.88 -14.42
C PRO D 401 33.48 -26.58 -14.88
N LEU D 402 32.35 -26.09 -14.37
CA LEU D 402 31.06 -26.70 -14.68
C LEU D 402 30.76 -26.61 -16.17
N MET D 403 30.95 -25.43 -16.77
CA MET D 403 30.63 -25.27 -18.19
C MET D 403 31.30 -26.34 -19.06
N HIS D 404 32.47 -26.83 -18.65
CA HIS D 404 33.18 -27.83 -19.45
C HIS D 404 32.80 -29.25 -19.11
N ASN D 405 32.06 -29.48 -18.04
CA ASN D 405 31.31 -30.73 -17.97
C ASN D 405 30.22 -30.75 -19.06
N ILE D 406 29.48 -29.65 -19.19
CA ILE D 406 28.43 -29.57 -20.21
C ILE D 406 29.01 -29.50 -21.63
N SER D 407 30.12 -28.78 -21.80
CA SER D 407 30.71 -28.62 -23.13
C SER D 407 31.32 -29.91 -23.66
N GLY D 408 31.69 -30.84 -22.79
CA GLY D 408 32.34 -32.07 -23.19
C GLY D 408 33.85 -32.04 -23.04
N SER D 409 34.44 -30.87 -22.85
CA SER D 409 35.89 -30.74 -22.75
C SER D 409 36.33 -30.93 -21.29
N LYS D 410 36.10 -32.13 -20.77
CA LYS D 410 36.28 -32.36 -19.34
C LYS D 410 37.75 -32.33 -18.93
N TYR D 411 38.66 -32.45 -19.89
CA TYR D 411 40.10 -32.38 -19.64
C TYR D 411 40.58 -30.97 -19.28
N LYS D 412 39.71 -29.96 -19.39
CA LYS D 412 40.11 -28.57 -19.22
C LYS D 412 40.06 -28.21 -17.74
N LYS D 413 41.09 -28.64 -17.02
CA LYS D 413 41.21 -28.31 -15.61
C LYS D 413 41.63 -26.86 -15.45
N PHE D 414 40.90 -26.11 -14.64
CA PHE D 414 41.36 -24.78 -14.22
C PHE D 414 42.27 -24.94 -13.01
N VAL D 415 43.39 -24.21 -13.02
CA VAL D 415 44.38 -24.27 -11.94
C VAL D 415 44.63 -22.86 -11.44
N ALA D 416 44.52 -22.67 -10.12
CA ALA D 416 44.85 -21.39 -9.49
C ALA D 416 45.78 -21.67 -8.31
N LYS D 417 46.96 -21.04 -8.31
CA LYS D 417 47.92 -21.21 -7.21
C LYS D 417 48.43 -19.86 -6.74
N ILE D 418 48.48 -19.69 -5.42
CA ILE D 418 49.07 -18.53 -4.76
C ILE D 418 50.25 -19.00 -3.92
N VAL D 419 51.41 -18.38 -4.12
CA VAL D 419 52.64 -18.68 -3.39
C VAL D 419 52.91 -17.53 -2.44
N THR D 420 53.04 -17.81 -1.13
CA THR D 420 53.27 -16.74 -0.16
C THR D 420 54.56 -16.94 0.62
N ASN D 421 55.07 -15.83 1.15
CA ASN D 421 56.00 -15.87 2.26
C ASN D 421 55.19 -16.08 3.53
N HIS D 422 55.26 -17.29 4.10
CA HIS D 422 54.34 -17.64 5.18
C HIS D 422 54.64 -16.89 6.47
N SER D 423 55.82 -16.29 6.59
CA SER D 423 56.14 -15.57 7.82
C SER D 423 55.30 -14.29 7.97
N ASP D 424 55.00 -13.59 6.88
CA ASP D 424 54.11 -12.43 6.98
C ASP D 424 52.88 -12.47 6.09
N GLY D 425 52.73 -13.50 5.24
CA GLY D 425 51.57 -13.60 4.35
C GLY D 425 51.73 -12.93 2.99
N THR D 426 52.85 -12.27 2.74
CA THR D 426 53.04 -11.57 1.48
C THR D 426 52.92 -12.53 0.30
N VAL D 427 52.10 -12.14 -0.69
CA VAL D 427 51.98 -12.95 -1.91
C VAL D 427 53.22 -12.74 -2.75
N LEU D 428 53.90 -13.82 -3.08
CA LEU D 428 55.12 -13.81 -3.89
C LEU D 428 54.86 -14.11 -5.35
N GLY D 429 53.82 -14.89 -5.64
CA GLY D 429 53.48 -15.24 -7.01
C GLY D 429 52.08 -15.80 -7.10
N VAL D 430 51.46 -15.60 -8.26
CA VAL D 430 50.14 -16.15 -8.60
C VAL D 430 50.24 -16.79 -9.97
N HIS D 431 49.66 -17.99 -10.12
CA HIS D 431 49.82 -18.76 -11.36
C HIS D 431 48.48 -19.37 -11.75
N LEU D 432 48.05 -19.15 -13.00
CA LEU D 432 46.71 -19.49 -13.48
C LEU D 432 46.76 -20.23 -14.80
N LEU D 433 45.92 -21.26 -14.93
CA LEU D 433 45.73 -21.97 -16.18
C LEU D 433 44.24 -22.14 -16.41
N GLY D 434 43.76 -21.71 -17.58
CA GLY D 434 42.35 -21.82 -17.91
C GLY D 434 41.82 -20.60 -18.64
N ASP D 435 40.61 -20.70 -19.19
CA ASP D 435 40.01 -19.60 -19.94
C ASP D 435 40.04 -18.32 -19.12
N GLY D 436 40.53 -17.25 -19.74
CA GLY D 436 40.57 -15.94 -19.11
C GLY D 436 41.75 -15.68 -18.20
N ALA D 437 42.64 -16.66 -17.98
CA ALA D 437 43.81 -16.44 -17.13
C ALA D 437 44.62 -15.20 -17.49
N PRO D 438 44.93 -14.91 -18.77
CA PRO D 438 45.65 -13.64 -19.07
C PRO D 438 44.90 -12.40 -18.65
N GLU D 439 43.57 -12.40 -18.76
CA GLU D 439 42.78 -11.24 -18.36
C GLU D 439 42.71 -11.13 -16.84
N ILE D 440 42.61 -12.27 -16.16
CA ILE D 440 42.52 -12.25 -14.70
C ILE D 440 43.80 -11.68 -14.09
N ILE D 441 44.95 -12.02 -14.68
CA ILE D 441 46.21 -11.77 -13.99
C ILE D 441 46.62 -10.30 -14.01
N GLN D 442 46.06 -9.47 -14.91
CA GLN D 442 46.55 -8.09 -15.01
C GLN D 442 46.41 -7.34 -13.69
N ALA D 443 45.22 -7.36 -13.09
CA ALA D 443 45.07 -6.64 -11.82
C ALA D 443 45.76 -7.35 -10.67
N VAL D 444 46.09 -8.61 -10.82
CA VAL D 444 46.95 -9.27 -9.83
C VAL D 444 48.32 -8.62 -9.84
N GLY D 445 48.80 -8.19 -11.02
CA GLY D 445 50.05 -7.44 -11.08
C GLY D 445 50.02 -6.18 -10.23
N VAL D 446 48.91 -5.46 -10.25
CA VAL D 446 48.77 -4.31 -9.38
C VAL D 446 48.81 -4.72 -7.90
N CYS D 447 48.13 -5.83 -7.56
CA CYS D 447 48.12 -6.32 -6.19
C CYS D 447 49.52 -6.54 -5.65
N LEU D 448 50.38 -7.20 -6.45
CA LEU D 448 51.70 -7.53 -5.94
C LEU D 448 52.58 -6.31 -5.84
N ARG D 449 52.37 -5.31 -6.69
CA ARG D 449 53.14 -4.09 -6.49
C ARG D 449 52.64 -3.32 -5.28
N LEU D 450 51.46 -3.66 -4.76
CA LEU D 450 50.97 -3.12 -3.51
C LEU D 450 51.28 -4.02 -2.32
N ASN D 451 52.09 -5.06 -2.51
CA ASN D 451 52.49 -5.97 -1.45
C ASN D 451 51.29 -6.61 -0.77
N ALA D 452 50.30 -7.00 -1.58
CA ALA D 452 49.15 -7.74 -1.06
C ALA D 452 49.59 -8.98 -0.28
N LYS D 453 48.85 -9.28 0.79
CA LYS D 453 48.96 -10.53 1.54
C LYS D 453 47.82 -11.48 1.16
N ILE D 454 47.99 -12.77 1.50
CA ILE D 454 46.92 -13.73 1.23
C ILE D 454 45.64 -13.29 1.92
N SER D 455 45.75 -12.63 3.07
CA SER D 455 44.55 -12.15 3.78
C SER D 455 43.82 -11.09 2.98
N ASP D 456 44.54 -10.27 2.21
CA ASP D 456 43.87 -9.30 1.36
C ASP D 456 43.08 -9.98 0.28
N PHE D 457 43.62 -11.06 -0.29
CA PHE D 457 42.86 -11.83 -1.27
C PHE D 457 41.63 -12.49 -0.64
N TYR D 458 41.79 -13.18 0.49
CA TYR D 458 40.67 -13.91 1.08
CA TYR D 458 40.63 -13.89 0.98
C TYR D 458 39.63 -12.98 1.69
N ASN D 459 40.05 -11.81 2.16
CA ASN D 459 39.08 -10.87 2.70
C ASN D 459 38.23 -10.24 1.61
N THR D 460 38.71 -10.21 0.37
CA THR D 460 37.95 -9.63 -0.73
C THR D 460 36.80 -10.56 -1.11
N ILE D 461 35.62 -9.99 -1.37
CA ILE D 461 34.44 -10.78 -1.70
C ILE D 461 34.48 -11.18 -3.17
N GLY D 462 34.19 -12.46 -3.44
CA GLY D 462 34.33 -12.96 -4.80
C GLY D 462 33.23 -12.48 -5.71
N VAL D 463 33.54 -12.46 -7.01
CA VAL D 463 32.57 -12.23 -8.08
C VAL D 463 32.11 -13.61 -8.53
N HIS D 464 30.79 -13.83 -8.51
CA HIS D 464 30.23 -15.16 -8.72
C HIS D 464 29.21 -15.14 -9.85
N PRO D 465 29.26 -16.09 -10.79
CA PRO D 465 30.25 -17.17 -10.93
C PRO D 465 31.39 -16.74 -11.83
N THR D 466 32.66 -16.81 -11.38
CA THR D 466 33.81 -16.60 -12.24
C THR D 466 34.84 -17.67 -11.91
N SER D 467 35.83 -17.82 -12.80
CA SER D 467 37.03 -18.55 -12.40
C SER D 467 37.88 -17.74 -11.42
N ALA D 468 37.89 -16.40 -11.57
CA ALA D 468 38.80 -15.57 -10.80
C ALA D 468 38.48 -15.60 -9.31
N GLU D 469 37.22 -15.84 -8.93
CA GLU D 469 36.88 -15.83 -7.52
C GLU D 469 37.60 -16.92 -6.73
N GLU D 470 38.16 -17.94 -7.41
CA GLU D 470 38.96 -18.92 -6.68
C GLU D 470 40.11 -18.26 -5.91
N LEU D 471 40.65 -17.16 -6.43
CA LEU D 471 41.79 -16.48 -5.79
C LEU D 471 41.41 -15.81 -4.48
N CYS D 472 40.11 -15.60 -4.25
CA CYS D 472 39.63 -14.94 -3.04
C CYS D 472 38.90 -15.91 -2.11
N SER D 473 39.06 -17.22 -2.35
CA SER D 473 38.40 -18.24 -1.54
C SER D 473 39.38 -19.21 -0.89
N MET D 474 40.67 -18.89 -0.89
CA MET D 474 41.68 -19.80 -0.38
C MET D 474 42.27 -19.26 0.91
N ARG D 475 42.05 -19.99 1.99
CA ARG D 475 42.47 -19.57 3.33
C ARG D 475 43.46 -20.53 3.99
N THR D 476 43.51 -21.80 3.57
CA THR D 476 44.40 -22.79 4.17
C THR D 476 45.40 -23.28 3.14
N PRO D 477 46.70 -23.29 3.45
CA PRO D 477 47.68 -23.80 2.49
C PRO D 477 47.44 -25.26 2.19
N SER D 478 47.70 -25.63 0.93
CA SER D 478 47.72 -27.04 0.54
C SER D 478 48.98 -27.72 1.05
N TYR D 479 50.11 -27.02 1.03
CA TYR D 479 51.38 -27.54 1.53
C TYR D 479 52.33 -26.36 1.73
N TYR D 480 53.53 -26.67 2.22
CA TYR D 480 54.54 -25.67 2.56
C TYR D 480 55.91 -26.09 2.04
N TYR D 481 56.82 -25.13 2.04
CA TYR D 481 58.25 -25.38 2.00
C TYR D 481 58.85 -24.78 3.26
N VAL D 482 59.63 -25.58 3.99
CA VAL D 482 60.32 -25.12 5.18
C VAL D 482 61.81 -25.39 4.97
N LYS D 483 62.61 -24.33 4.97
CA LYS D 483 64.03 -24.41 4.66
C LYS D 483 64.28 -25.32 3.46
N GLY D 484 63.43 -25.19 2.43
CA GLY D 484 63.62 -25.89 1.17
C GLY D 484 62.85 -27.18 1.02
N GLU D 485 62.23 -27.68 2.09
CA GLU D 485 61.65 -29.01 2.12
C GLU D 485 60.13 -28.93 2.02
N LYS D 486 59.57 -29.64 1.05
CA LYS D 486 58.14 -29.68 0.85
C LYS D 486 57.47 -30.58 1.90
N MET D 487 56.34 -30.13 2.44
CA MET D 487 55.60 -30.91 3.43
C MET D 487 54.17 -30.39 3.55
N GLU D 488 53.25 -31.28 3.88
CA GLU D 488 51.83 -30.91 3.88
C GLU D 488 51.47 -30.01 5.06
N LYS D 489 52.06 -30.27 6.23
CA LYS D 489 51.80 -29.48 7.42
C LYS D 489 53.12 -29.00 8.01
N LEU D 490 53.05 -27.90 8.77
CA LEU D 490 54.23 -27.35 9.41
C LEU D 490 54.66 -28.25 10.57
N PRO D 491 55.97 -28.34 10.84
CA PRO D 491 56.51 -29.24 11.88
C PRO D 491 56.28 -28.76 13.31
PA FAD E . -17.52 22.10 6.46
O1A FAD E . -16.98 20.88 5.80
O2A FAD E . -18.95 22.29 6.76
O5B FAD E . -16.95 23.40 5.66
C5B FAD E . -15.60 23.53 5.24
C4B FAD E . -15.58 24.33 3.93
O4B FAD E . -14.23 24.71 3.62
C3B FAD E . -16.14 23.62 2.68
O3B FAD E . -17.26 24.39 2.21
C2B FAD E . -14.93 23.61 1.72
O2B FAD E . -15.29 23.90 0.39
C1B FAD E . -14.06 24.76 2.23
N9A FAD E . -12.63 24.74 2.04
C8A FAD E . -11.77 23.69 2.25
N7A FAD E . -10.52 24.02 2.06
C5A FAD E . -10.55 25.34 1.70
C6A FAD E . -9.54 26.28 1.38
N6A FAD E . -8.23 25.96 1.35
N1A FAD E . -9.92 27.53 1.07
C2A FAD E . -11.22 27.84 1.10
N3A FAD E . -12.24 27.05 1.40
C4A FAD E . -11.86 25.82 1.68
N1 FAD E . -23.13 15.92 10.57
C2 FAD E . -24.21 16.00 11.36
O2 FAD E . -24.27 16.63 12.39
N3 FAD E . -25.37 15.31 10.97
C4 FAD E . -25.54 14.55 9.85
O4 FAD E . -26.61 14.00 9.63
C4X FAD E . -24.32 14.49 8.99
N5 FAD E . -24.34 13.80 7.89
C5X FAD E . -23.22 13.77 7.11
C6 FAD E . -23.23 13.02 5.91
C7 FAD E . -22.13 12.95 5.08
C7M FAD E . -22.15 12.18 3.78
C8 FAD E . -20.96 13.66 5.48
C8M FAD E . -19.74 13.62 4.63
C9 FAD E . -20.93 14.39 6.66
C9A FAD E . -22.05 14.48 7.49
N10 FAD E . -22.06 15.19 8.68
C10 FAD E . -23.17 15.23 9.46
C1' FAD E . -20.89 15.93 9.17
C2' FAD E . -20.89 17.42 8.87
O2' FAD E . -21.14 17.51 7.47
C3' FAD E . -19.56 18.03 9.33
O3' FAD E . -19.33 17.69 10.69
C4' FAD E . -19.58 19.56 9.27
O4' FAD E . -20.00 19.97 7.98
C5' FAD E . -18.18 20.10 9.56
O5' FAD E . -18.32 21.52 9.53
P FAD E . -16.99 22.43 9.40
O1P FAD E . -17.43 23.83 9.67
O2P FAD E . -15.89 21.73 10.10
O3P FAD E . -16.64 22.23 7.82
N1 IMD F . -51.22 -4.36 -2.68
C2 IMD F . -50.03 -3.94 -3.04
N3 IMD F . -49.69 -2.98 -2.20
C4 IMD F . -50.69 -2.79 -1.28
C5 IMD F . -51.66 -3.67 -1.59
C1 PEG G . -12.42 8.76 -6.76
O1 PEG G . -11.08 8.44 -6.40
C2 PEG G . -13.06 9.54 -5.65
O2 PEG G . -12.37 10.74 -5.46
C3 PEG G . -11.67 10.78 -4.23
C4 PEG G . -12.49 11.49 -3.20
O4 PEG G . -12.04 11.16 -1.91
C1 PEG H . 3.26 23.09 10.24
O1 PEG H . 4.39 23.26 11.06
C2 PEG H . 2.77 21.67 10.31
O2 PEG H . 3.04 20.96 9.12
C3 PEG H . 2.35 21.46 8.01
C4 PEG H . 1.63 20.34 7.29
O4 PEG H . 0.26 20.67 7.13
N1 RXS I . -25.98 32.21 9.36
C4 RXS I . -25.41 31.74 8.09
C5 RXS I . -24.55 32.75 7.38
C6 RXS I . -24.90 33.19 6.12
C7 RXS I . -24.05 33.98 5.36
C8 RXS I . -22.83 34.37 5.88
C10 RXS I . -21.13 34.22 7.64
N RXS I . -27.37 33.08 10.85
C RXS I . -27.93 33.50 8.45
C1 RXS I . -27.10 32.95 9.56
C11 RXS I . -23.32 33.15 7.90
C2 RXS I . -26.38 32.39 11.50
C3 RXS I . -25.51 31.84 10.60
C9 RXS I . -22.46 33.96 7.16
N2 RXS I . -20.07 34.45 8.00
N1 IMD J . -15.53 1.11 12.04
C2 IMD J . -15.54 2.43 11.90
N3 IMD J . -16.79 2.82 12.07
C4 IMD J . -17.61 1.74 12.31
C5 IMD J . -16.80 0.66 12.29
C1 PEG K . -16.05 8.64 5.09
O1 PEG K . -16.09 8.54 3.72
C2 PEG K . -16.96 7.70 5.80
O2 PEG K . -16.56 7.80 7.10
C3 PEG K . -16.98 9.01 7.69
C4 PEG K . -16.32 9.41 9.00
O4 PEG K . -16.95 10.55 9.53
BR BR L . -34.21 6.26 -12.19
PA FAD M . -60.90 3.24 32.16
O1A FAD M . -62.01 3.91 31.40
O2A FAD M . -59.57 2.91 31.53
O5B FAD M . -61.60 1.90 32.74
C5B FAD M . -62.90 1.94 33.29
C4B FAD M . -63.40 0.51 33.26
O4B FAD M . -64.45 0.35 34.23
C3B FAD M . -63.96 0.06 31.92
O3B FAD M . -63.24 -1.07 31.47
C2B FAD M . -65.43 -0.28 32.23
O2B FAD M . -65.84 -1.38 31.49
C1B FAD M . -65.38 -0.55 33.73
N9A FAD M . -66.60 -0.29 34.46
C8A FAD M . -67.39 0.83 34.37
N7A FAD M . -68.40 0.81 35.19
C5A FAD M . -68.28 -0.39 35.88
C6A FAD M . -69.03 -1.01 36.90
N6A FAD M . -70.13 -0.48 37.42
N1A FAD M . -68.61 -2.20 37.35
C2A FAD M . -67.52 -2.75 36.84
N3A FAD M . -66.73 -2.27 35.89
C4A FAD M . -67.15 -1.08 35.44
N1 FAD M . -55.70 9.00 26.90
C2 FAD M . -54.38 9.18 26.67
O2 FAD M . -53.58 9.36 27.57
N3 FAD M . -53.92 9.15 25.36
C4 FAD M . -54.68 8.96 24.24
O4 FAD M . -54.19 8.97 23.14
C4X FAD M . -56.13 8.78 24.52
N5 FAD M . -56.95 8.61 23.54
C5X FAD M . -58.27 8.43 23.85
C6 FAD M . -59.19 8.22 22.80
C7 FAD M . -60.54 8.03 23.01
C7M FAD M . -61.47 7.81 21.85
C8 FAD M . -61.02 8.05 24.34
C8M FAD M . -62.48 7.84 24.65
C9 FAD M . -60.13 8.26 25.38
C9A FAD M . -58.75 8.45 25.17
N10 FAD M . -57.85 8.64 26.20
C10 FAD M . -56.54 8.82 25.91
C1' FAD M . -58.28 8.70 27.61
C2' FAD M . -58.11 7.38 28.33
O2' FAD M . -58.74 6.42 27.53
C3' FAD M . -58.70 7.46 29.75
O3' FAD M . -58.18 8.60 30.39
C4' FAD M . -58.31 6.24 30.60
O4' FAD M . -58.69 5.05 29.91
C5' FAD M . -58.99 6.36 31.95
O5' FAD M . -58.51 5.33 32.80
P FAD M . -59.40 4.95 34.13
O1P FAD M . -58.58 4.00 34.93
O2P FAD M . -60.04 6.16 34.72
O3P FAD M . -60.66 4.14 33.49
N1 IMD N . -49.33 8.64 -8.01
C2 IMD N . -48.48 8.81 -9.00
N3 IMD N . -47.26 8.75 -8.51
C4 IMD N . -47.31 8.53 -7.16
C5 IMD N . -48.63 8.46 -6.84
N1 RXS O . -50.31 -4.83 34.37
C4 RXS O . -51.48 -5.35 33.65
C5 RXS O . -52.40 -6.21 34.48
C6 RXS O . -52.97 -7.34 33.92
C7 RXS O . -53.92 -8.06 34.61
C8 RXS O . -54.31 -7.68 35.87
C10 RXS O . -54.19 -6.10 37.74
N RXS O . -48.23 -4.60 35.11
C RXS O . -48.77 -6.79 34.08
C1 RXS O . -49.08 -5.41 34.53
C11 RXS O . -52.79 -5.82 35.75
C2 RXS O . -48.93 -3.44 35.34
C3 RXS O . -50.21 -3.56 34.91
C9 RXS O . -53.74 -6.55 36.45
N2 RXS O . -54.57 -5.75 38.76
C1 PEG P . -67.80 10.62 22.15
O1 PEG P . -67.42 10.50 20.81
C2 PEG P . -66.62 11.33 22.73
O2 PEG P . -66.86 12.36 23.63
C3 PEG P . -65.85 13.27 23.26
C4 PEG P . -65.12 13.79 24.42
O4 PEG P . -64.39 14.88 24.08
BR BR Q . -63.08 29.55 21.33
PA FAD R . 18.91 -18.17 -0.96
O1A FAD R . 17.76 -17.55 -1.72
O2A FAD R . 20.19 -18.61 -1.61
O5B FAD R . 18.32 -19.34 0.02
C5B FAD R . 17.03 -19.20 0.59
C4B FAD R . 16.47 -20.62 0.71
O4B FAD R . 15.47 -20.63 1.74
C3B FAD R . 15.82 -21.16 -0.57
O3B FAD R . 16.46 -22.38 -0.91
C2B FAD R . 14.35 -21.37 -0.18
O2B FAD R . 13.83 -22.51 -0.78
C1B FAD R . 14.44 -21.51 1.35
N9A FAD R . 13.28 -21.13 2.14
C8A FAD R . 12.51 -20.00 2.01
N7A FAD R . 11.56 -19.91 2.91
C5A FAD R . 11.72 -21.03 3.69
C6A FAD R . 11.03 -21.51 4.82
N6A FAD R . 9.99 -20.88 5.36
N1A FAD R . 11.44 -22.67 5.36
C2A FAD R . 12.49 -23.31 4.83
N3A FAD R . 13.21 -22.95 3.76
C4A FAD R . 12.79 -21.79 3.24
N1 FAD R . 24.09 -13.40 -7.22
C2 FAD R . 25.41 -13.30 -7.54
O2 FAD R . 26.28 -13.07 -6.71
N3 FAD R . 25.76 -13.47 -8.88
C4 FAD R . 24.90 -13.75 -9.91
O4 FAD R . 25.28 -13.89 -11.06
C4X FAD R . 23.47 -13.84 -9.52
N5 FAD R . 22.56 -14.12 -10.43
C5X FAD R . 21.26 -14.21 -10.03
C6 FAD R . 20.26 -14.49 -10.99
C7 FAD R . 18.92 -14.60 -10.68
C7M FAD R . 17.87 -14.90 -11.74
C8 FAD R . 18.55 -14.43 -9.32
C8M FAD R . 17.11 -14.53 -8.90
C9 FAD R . 19.51 -14.14 -8.37
C9A FAD R . 20.87 -14.03 -8.68
N10 FAD R . 21.86 -13.76 -7.75
C10 FAD R . 23.17 -13.65 -8.13
C1' FAD R . 21.53 -13.54 -6.34
C2' FAD R . 21.73 -14.74 -5.43
O2' FAD R . 20.94 -15.77 -5.96
C3' FAD R . 21.26 -14.36 -4.00
O3' FAD R . 21.90 -13.15 -3.61
C4' FAD R . 21.60 -15.48 -3.00
O4' FAD R . 21.10 -16.70 -3.53
C5' FAD R . 20.96 -15.23 -1.64
O5' FAD R . 21.48 -16.17 -0.71
P FAD R . 20.64 -16.34 0.68
O1P FAD R . 21.40 -17.31 1.50
O2P FAD R . 20.13 -15.01 1.11
O3P FAD R . 19.25 -17.07 0.17
N1 IMD S . 28.74 -19.48 -42.80
C2 IMD S . 29.77 -19.63 -43.64
N3 IMD S . 30.87 -19.55 -42.94
C4 IMD S . 30.56 -19.36 -41.61
C5 IMD S . 29.21 -19.32 -41.53
C1 PEG T . 2.29 -16.07 -11.10
O1 PEG T . 1.07 -16.79 -11.15
C2 PEG T . 3.44 -16.84 -10.50
O2 PEG T . 4.62 -16.07 -10.62
C3 PEG T . 4.69 -15.08 -9.62
C4 PEG T . 5.61 -15.52 -8.52
O4 PEG T . 6.95 -15.22 -8.87
C1 PEG U . 29.43 19.00 -3.79
O1 PEG U . 28.65 18.57 -4.88
C2 PEG U . 30.75 18.24 -3.78
O2 PEG U . 31.74 19.00 -3.14
C3 PEG U . 31.66 18.96 -1.74
C4 PEG U . 32.05 17.59 -1.25
O4 PEG U . 32.98 17.71 -0.21
N1 RXS V . 29.25 -25.78 1.99
C4 RXS V . 28.02 -26.31 1.35
C5 RXS V . 27.19 -27.19 2.25
C6 RXS V . 26.64 -28.36 1.74
C7 RXS V . 25.78 -29.14 2.49
C8 RXS V . 25.44 -28.76 3.78
C10 RXS V . 25.48 -27.06 5.56
N RXS V . 31.36 -25.59 2.63
C RXS V . 30.66 -27.86 1.88
C1 RXS V . 30.44 -26.42 2.16
C11 RXS V . 26.86 -26.82 3.55
C2 RXS V . 30.72 -24.37 2.76
C3 RXS V . 29.42 -24.48 2.39
C9 RXS V . 25.96 -27.57 4.30
N2 RXS V . 25.07 -26.67 6.54
N1 IMD W . 7.31 -13.00 -0.21
C2 IMD W . 7.00 -11.72 -0.30
N3 IMD W . 6.93 -11.24 0.94
C4 IMD W . 7.19 -12.24 1.84
C5 IMD W . 7.43 -13.36 1.11
PA FAD X . 61.36 -5.16 -31.61
O1A FAD X . 61.84 -6.51 -32.02
O2A FAD X . 59.94 -4.84 -31.28
O5B FAD X . 61.97 -4.07 -32.66
C5B FAD X . 63.24 -4.17 -33.27
C4B FAD X . 63.13 -3.53 -34.64
O4B FAD X . 64.44 -3.20 -35.08
C3B FAD X . 62.52 -4.43 -35.71
O3B FAD X . 61.42 -3.73 -36.26
C2B FAD X . 63.67 -4.65 -36.71
O2B FAD X . 63.22 -4.66 -38.04
C1B FAD X . 64.53 -3.42 -36.46
N9A FAD X . 65.93 -3.53 -36.71
C8A FAD X . 66.76 -4.57 -36.34
N7A FAD X . 68.01 -4.35 -36.66
C5A FAD X . 68.03 -3.09 -37.26
C6A FAD X . 69.04 -2.27 -37.77
N6A FAD X . 70.33 -2.64 -37.79
N1A FAD X . 68.71 -1.08 -38.29
C2A FAD X . 67.44 -0.71 -38.24
N3A FAD X . 66.39 -1.37 -37.76
C4A FAD X . 66.74 -2.56 -37.27
N1 FAD X . 55.74 -10.27 -26.11
C2 FAD X . 54.67 -10.04 -25.30
O2 FAD X . 54.69 -9.25 -24.37
N3 FAD X . 53.47 -10.74 -25.51
C4 FAD X . 53.24 -11.65 -26.50
O4 FAD X . 52.14 -12.19 -26.64
C4X FAD X . 54.42 -11.88 -27.38
N5 FAD X . 54.34 -12.73 -28.37
C5X FAD X . 55.41 -12.94 -29.18
C6 FAD X . 55.32 -13.87 -30.26
C7 FAD X . 56.37 -14.10 -31.12
C7M FAD X . 56.29 -15.10 -32.24
C8 FAD X . 57.61 -13.41 -30.90
C8M FAD X . 58.78 -13.64 -31.80
C9 FAD X . 57.71 -12.50 -29.85
C9A FAD X . 56.63 -12.24 -29.00
N10 FAD X . 56.71 -11.35 -27.93
C10 FAD X . 55.63 -11.14 -27.09
C1' FAD X . 57.97 -10.62 -27.67
C2' FAD X . 57.98 -9.18 -28.19
O2' FAD X . 57.71 -9.25 -29.56
C3' FAD X . 59.36 -8.53 -27.93
O3' FAD X . 59.68 -8.66 -26.55
C4' FAD X . 59.36 -7.04 -28.29
O4' FAD X . 58.91 -6.85 -29.63
C5' FAD X . 60.76 -6.50 -28.14
O5' FAD X . 60.68 -5.09 -28.31
P FAD X . 62.02 -4.31 -28.80
O1P FAD X . 61.66 -2.85 -28.80
O2P FAD X . 63.19 -4.91 -28.11
O3P FAD X . 62.29 -4.82 -30.32
N1 IMD Y . 39.42 -34.52 -29.04
C2 IMD Y . 39.44 -33.20 -28.88
N3 IMD Y . 38.72 -32.92 -27.82
C4 IMD Y . 38.22 -34.09 -27.28
C5 IMD Y . 38.67 -35.09 -28.06
C1 PEG Z . 66.39 -17.40 -39.95
O1 PEG Z . 65.25 -17.46 -39.12
C2 PEG Z . 66.56 -18.69 -40.70
O2 PEG Z . 65.35 -19.10 -41.31
C3 PEG Z . 65.39 -19.21 -42.71
C4 PEG Z . 66.49 -20.14 -43.18
O4 PEG Z . 66.53 -21.32 -42.40
N1 RXS AA . 53.68 5.08 -30.36
C4 RXS AA . 53.52 4.76 -31.78
C5 RXS AA . 54.47 5.47 -32.72
C6 RXS AA . 54.17 5.57 -34.07
C7 RXS AA . 54.99 6.28 -34.93
C8 RXS AA . 56.16 6.85 -34.47
C10 RXS AA . 57.83 7.08 -32.70
N RXS AA . 53.26 5.89 -28.33
C RXS AA . 51.99 6.95 -30.19
C1 RXS AA . 52.97 5.99 -29.61
C11 RXS AA . 55.66 6.03 -32.26
C2 RXS AA . 54.20 4.88 -28.24
C3 RXS AA . 54.47 4.38 -29.48
C9 RXS AA . 56.52 6.69 -33.13
N2 RXS AA . 58.89 7.40 -32.38
NA NA BA . 64.49 -27.92 -27.52
#